data_2F1L
# 
_entry.id   2F1L 
# 
_audit_conform.dict_name       mmcif_pdbx.dic 
_audit_conform.dict_version    5.399 
_audit_conform.dict_location   http://mmcif.pdb.org/dictionaries/ascii/mmcif_pdbx.dic 
# 
loop_
_database_2.database_id 
_database_2.database_code 
_database_2.pdbx_database_accession 
_database_2.pdbx_DOI 
PDB   2F1L         pdb_00002f1l 10.2210/pdb2f1l/pdb 
RCSB  RCSB035338   ?            ?                   
WWPDB D_1000035338 ?            ?                   
# 
loop_
_pdbx_audit_revision_history.ordinal 
_pdbx_audit_revision_history.data_content_type 
_pdbx_audit_revision_history.major_revision 
_pdbx_audit_revision_history.minor_revision 
_pdbx_audit_revision_history.revision_date 
1 'Structure model' 1 0 2006-02-28 
2 'Structure model' 1 1 2008-05-01 
3 'Structure model' 1 2 2011-07-13 
4 'Structure model' 1 3 2023-01-25 
5 'Structure model' 1 4 2024-11-20 
# 
_pdbx_audit_revision_details.ordinal             1 
_pdbx_audit_revision_details.revision_ordinal    1 
_pdbx_audit_revision_details.data_content_type   'Structure model' 
_pdbx_audit_revision_details.provider            repository 
_pdbx_audit_revision_details.type                'Initial release' 
_pdbx_audit_revision_details.description         ? 
_pdbx_audit_revision_details.details             ? 
# 
loop_
_pdbx_audit_revision_group.ordinal 
_pdbx_audit_revision_group.revision_ordinal 
_pdbx_audit_revision_group.data_content_type 
_pdbx_audit_revision_group.group 
1 2 'Structure model' 'Version format compliance' 
2 3 'Structure model' Advisory                    
3 3 'Structure model' 'Version format compliance' 
4 4 'Structure model' 'Database references'       
5 4 'Structure model' 'Derived calculations'      
6 5 'Structure model' 'Data collection'           
7 5 'Structure model' 'Structure summary'         
# 
loop_
_pdbx_audit_revision_category.ordinal 
_pdbx_audit_revision_category.revision_ordinal 
_pdbx_audit_revision_category.data_content_type 
_pdbx_audit_revision_category.category 
1 4 'Structure model' database_2                
2 4 'Structure model' struct_conn               
3 4 'Structure model' struct_ref_seq_dif        
4 4 'Structure model' struct_site               
5 5 'Structure model' chem_comp_atom            
6 5 'Structure model' chem_comp_bond            
7 5 'Structure model' pdbx_entry_details        
8 5 'Structure model' pdbx_modification_feature 
# 
loop_
_pdbx_audit_revision_item.ordinal 
_pdbx_audit_revision_item.revision_ordinal 
_pdbx_audit_revision_item.data_content_type 
_pdbx_audit_revision_item.item 
1 4 'Structure model' '_database_2.pdbx_DOI'                
2 4 'Structure model' '_database_2.pdbx_database_accession' 
3 4 'Structure model' '_struct_conn.pdbx_leaving_atom_flag' 
4 4 'Structure model' '_struct_ref_seq_dif.details'         
5 4 'Structure model' '_struct_site.pdbx_auth_asym_id'      
6 4 'Structure model' '_struct_site.pdbx_auth_comp_id'      
7 4 'Structure model' '_struct_site.pdbx_auth_seq_id'       
# 
_pdbx_database_status.SG_entry                        Y 
_pdbx_database_status.entry_id                        2F1L 
_pdbx_database_status.deposit_site                    RCSB 
_pdbx_database_status.process_site                    RCSB 
_pdbx_database_status.recvd_initial_deposition_date   2005-11-14 
_pdbx_database_status.status_code                     REL 
_pdbx_database_status.status_code_sf                  REL 
_pdbx_database_status.status_code_mr                  ? 
_pdbx_database_status.pdb_format_compatible           Y 
_pdbx_database_status.status_code_cs                  ? 
_pdbx_database_status.status_code_nmr_data            ? 
_pdbx_database_status.methods_development_category    ? 
# 
_pdbx_database_related.db_name        TargetDB 
_pdbx_database_related.db_id          357814 
_pdbx_database_related.details        . 
_pdbx_database_related.content_type   unspecified 
# 
_audit_author.name           'Joint Center for Structural Genomics (JCSG)' 
_audit_author.pdbx_ordinal   1 
# 
_citation.id                        primary 
_citation.title                     
'Crystal structure of 16S rRNA processing protein from Pseudomonas aeruginosa at 2.46 A resolution' 
_citation.journal_abbrev            'To be published' 
_citation.journal_volume            ? 
_citation.page_first                ? 
_citation.page_last                 ? 
_citation.year                      ? 
_citation.journal_id_ASTM           ? 
_citation.country                   ? 
_citation.journal_id_ISSN           ? 
_citation.journal_id_CSD            0353 
_citation.book_publisher            ? 
_citation.pdbx_database_id_PubMed   ? 
_citation.pdbx_database_id_DOI      ? 
# 
_citation_author.citation_id        primary 
_citation_author.name               'Joint Center for Structural Genomics (JCSG)' 
_citation_author.ordinal            1 
_citation_author.identifier_ORCID   ? 
# 
loop_
_entity.id 
_entity.type 
_entity.src_method 
_entity.pdbx_description 
_entity.formula_weight 
_entity.pdbx_number_of_molecules 
_entity.pdbx_ec 
_entity.pdbx_mutation 
_entity.pdbx_fragment 
_entity.details 
1 polymer     man '16S rRNA processing protein' 21463.789 1  ? ? ? ? 
2 non-polymer syn 'UNKNOWN LIGAND'              ?         2  ? ? ? ? 
3 non-polymer syn GLYCEROL                      92.094    3  ? ? ? ? 
4 water       nat water                         18.015    44 ? ? ? ? 
# 
_entity_poly.entity_id                      1 
_entity_poly.type                           'polypeptide(L)' 
_entity_poly.nstd_linkage                   no 
_entity_poly.nstd_monomer                   yes 
_entity_poly.pdbx_seq_one_letter_code       
;(MSE)GSDKIHHHHHH(MSE)PTPADDLVVIGKIVSVYGIRGEVKVYSFTDPLDNLLDYRRWTLRRDGEIRQAELVRGRL
HGKVLAAKLKGLDDREEARTFTGYEICIPRSELPSLEEGEYYWHQLEGLKVIDQGRQLLGVIDHLLETGANDV(MSE)VV
KPCAGSLDDRERLLPYTGQCVLSIDLAAGE(MSE)RVDWDADF
;
_entity_poly.pdbx_seq_one_letter_code_can   
;MGSDKIHHHHHHMPTPADDLVVIGKIVSVYGIRGEVKVYSFTDPLDNLLDYRRWTLRRDGEIRQAELVRGRLHGKVLAAK
LKGLDDREEARTFTGYEICIPRSELPSLEEGEYYWHQLEGLKVIDQGRQLLGVIDHLLETGANDVMVVKPCAGSLDDRER
LLPYTGQCVLSIDLAAGEMRVDWDADF
;
_entity_poly.pdbx_strand_id                 A 
_entity_poly.pdbx_target_identifier         357814 
# 
loop_
_pdbx_entity_nonpoly.entity_id 
_pdbx_entity_nonpoly.name 
_pdbx_entity_nonpoly.comp_id 
2 'UNKNOWN LIGAND' UNL 
3 GLYCEROL         GOL 
4 water            HOH 
# 
loop_
_entity_poly_seq.entity_id 
_entity_poly_seq.num 
_entity_poly_seq.mon_id 
_entity_poly_seq.hetero 
1 1   MSE n 
1 2   GLY n 
1 3   SER n 
1 4   ASP n 
1 5   LYS n 
1 6   ILE n 
1 7   HIS n 
1 8   HIS n 
1 9   HIS n 
1 10  HIS n 
1 11  HIS n 
1 12  HIS n 
1 13  MSE n 
1 14  PRO n 
1 15  THR n 
1 16  PRO n 
1 17  ALA n 
1 18  ASP n 
1 19  ASP n 
1 20  LEU n 
1 21  VAL n 
1 22  VAL n 
1 23  ILE n 
1 24  GLY n 
1 25  LYS n 
1 26  ILE n 
1 27  VAL n 
1 28  SER n 
1 29  VAL n 
1 30  TYR n 
1 31  GLY n 
1 32  ILE n 
1 33  ARG n 
1 34  GLY n 
1 35  GLU n 
1 36  VAL n 
1 37  LYS n 
1 38  VAL n 
1 39  TYR n 
1 40  SER n 
1 41  PHE n 
1 42  THR n 
1 43  ASP n 
1 44  PRO n 
1 45  LEU n 
1 46  ASP n 
1 47  ASN n 
1 48  LEU n 
1 49  LEU n 
1 50  ASP n 
1 51  TYR n 
1 52  ARG n 
1 53  ARG n 
1 54  TRP n 
1 55  THR n 
1 56  LEU n 
1 57  ARG n 
1 58  ARG n 
1 59  ASP n 
1 60  GLY n 
1 61  GLU n 
1 62  ILE n 
1 63  ARG n 
1 64  GLN n 
1 65  ALA n 
1 66  GLU n 
1 67  LEU n 
1 68  VAL n 
1 69  ARG n 
1 70  GLY n 
1 71  ARG n 
1 72  LEU n 
1 73  HIS n 
1 74  GLY n 
1 75  LYS n 
1 76  VAL n 
1 77  LEU n 
1 78  ALA n 
1 79  ALA n 
1 80  LYS n 
1 81  LEU n 
1 82  LYS n 
1 83  GLY n 
1 84  LEU n 
1 85  ASP n 
1 86  ASP n 
1 87  ARG n 
1 88  GLU n 
1 89  GLU n 
1 90  ALA n 
1 91  ARG n 
1 92  THR n 
1 93  PHE n 
1 94  THR n 
1 95  GLY n 
1 96  TYR n 
1 97  GLU n 
1 98  ILE n 
1 99  CYS n 
1 100 ILE n 
1 101 PRO n 
1 102 ARG n 
1 103 SER n 
1 104 GLU n 
1 105 LEU n 
1 106 PRO n 
1 107 SER n 
1 108 LEU n 
1 109 GLU n 
1 110 GLU n 
1 111 GLY n 
1 112 GLU n 
1 113 TYR n 
1 114 TYR n 
1 115 TRP n 
1 116 HIS n 
1 117 GLN n 
1 118 LEU n 
1 119 GLU n 
1 120 GLY n 
1 121 LEU n 
1 122 LYS n 
1 123 VAL n 
1 124 ILE n 
1 125 ASP n 
1 126 GLN n 
1 127 GLY n 
1 128 ARG n 
1 129 GLN n 
1 130 LEU n 
1 131 LEU n 
1 132 GLY n 
1 133 VAL n 
1 134 ILE n 
1 135 ASP n 
1 136 HIS n 
1 137 LEU n 
1 138 LEU n 
1 139 GLU n 
1 140 THR n 
1 141 GLY n 
1 142 ALA n 
1 143 ASN n 
1 144 ASP n 
1 145 VAL n 
1 146 MSE n 
1 147 VAL n 
1 148 VAL n 
1 149 LYS n 
1 150 PRO n 
1 151 CYS n 
1 152 ALA n 
1 153 GLY n 
1 154 SER n 
1 155 LEU n 
1 156 ASP n 
1 157 ASP n 
1 158 ARG n 
1 159 GLU n 
1 160 ARG n 
1 161 LEU n 
1 162 LEU n 
1 163 PRO n 
1 164 TYR n 
1 165 THR n 
1 166 GLY n 
1 167 GLN n 
1 168 CYS n 
1 169 VAL n 
1 170 LEU n 
1 171 SER n 
1 172 ILE n 
1 173 ASP n 
1 174 LEU n 
1 175 ALA n 
1 176 ALA n 
1 177 GLY n 
1 178 GLU n 
1 179 MSE n 
1 180 ARG n 
1 181 VAL n 
1 182 ASP n 
1 183 TRP n 
1 184 ASP n 
1 185 ALA n 
1 186 ASP n 
1 187 PHE n 
# 
_entity_src_gen.entity_id                          1 
_entity_src_gen.pdbx_src_id                        1 
_entity_src_gen.pdbx_alt_source_flag               sample 
_entity_src_gen.pdbx_seq_type                      ? 
_entity_src_gen.pdbx_beg_seq_num                   ? 
_entity_src_gen.pdbx_end_seq_num                   ? 
_entity_src_gen.gene_src_common_name               ? 
_entity_src_gen.gene_src_genus                     Pseudomonas 
_entity_src_gen.pdbx_gene_src_gene                 9949912 
_entity_src_gen.gene_src_species                   ? 
_entity_src_gen.gene_src_strain                    ? 
_entity_src_gen.gene_src_tissue                    ? 
_entity_src_gen.gene_src_tissue_fraction           ? 
_entity_src_gen.gene_src_details                   ? 
_entity_src_gen.pdbx_gene_src_fragment             ? 
_entity_src_gen.pdbx_gene_src_scientific_name      'Pseudomonas aeruginosa' 
_entity_src_gen.pdbx_gene_src_ncbi_taxonomy_id     287 
_entity_src_gen.pdbx_gene_src_variant              ? 
_entity_src_gen.pdbx_gene_src_cell_line            ? 
_entity_src_gen.pdbx_gene_src_atcc                 ? 
_entity_src_gen.pdbx_gene_src_organ                ? 
_entity_src_gen.pdbx_gene_src_organelle            ? 
_entity_src_gen.pdbx_gene_src_cell                 ? 
_entity_src_gen.pdbx_gene_src_cellular_location    ? 
_entity_src_gen.host_org_common_name               ? 
_entity_src_gen.pdbx_host_org_scientific_name      'Escherichia coli' 
_entity_src_gen.pdbx_host_org_ncbi_taxonomy_id     562 
_entity_src_gen.host_org_genus                     Escherichia 
_entity_src_gen.pdbx_host_org_gene                 ? 
_entity_src_gen.pdbx_host_org_organ                ? 
_entity_src_gen.host_org_species                   ? 
_entity_src_gen.pdbx_host_org_tissue               ? 
_entity_src_gen.pdbx_host_org_tissue_fraction      ? 
_entity_src_gen.pdbx_host_org_strain               ? 
_entity_src_gen.pdbx_host_org_variant              ? 
_entity_src_gen.pdbx_host_org_cell_line            ? 
_entity_src_gen.pdbx_host_org_atcc                 ? 
_entity_src_gen.pdbx_host_org_culture_collection   ? 
_entity_src_gen.pdbx_host_org_cell                 ? 
_entity_src_gen.pdbx_host_org_organelle            ? 
_entity_src_gen.pdbx_host_org_cellular_location    ? 
_entity_src_gen.pdbx_host_org_vector_type          Plasmid 
_entity_src_gen.pdbx_host_org_vector               ? 
_entity_src_gen.host_org_details                   ? 
_entity_src_gen.expression_system_id               ? 
_entity_src_gen.plasmid_name                       ? 
_entity_src_gen.plasmid_details                    ? 
_entity_src_gen.pdbx_description                   ? 
# 
loop_
_chem_comp.id 
_chem_comp.type 
_chem_comp.mon_nstd_flag 
_chem_comp.name 
_chem_comp.pdbx_synonyms 
_chem_comp.formula 
_chem_comp.formula_weight 
ALA 'L-peptide linking' y ALANINE          ?                               'C3 H7 N O2'     89.093  
ARG 'L-peptide linking' y ARGININE         ?                               'C6 H15 N4 O2 1' 175.209 
ASN 'L-peptide linking' y ASPARAGINE       ?                               'C4 H8 N2 O3'    132.118 
ASP 'L-peptide linking' y 'ASPARTIC ACID'  ?                               'C4 H7 N O4'     133.103 
CYS 'L-peptide linking' y CYSTEINE         ?                               'C3 H7 N O2 S'   121.158 
GLN 'L-peptide linking' y GLUTAMINE        ?                               'C5 H10 N2 O3'   146.144 
GLU 'L-peptide linking' y 'GLUTAMIC ACID'  ?                               'C5 H9 N O4'     147.129 
GLY 'peptide linking'   y GLYCINE          ?                               'C2 H5 N O2'     75.067  
GOL non-polymer         . GLYCEROL         'GLYCERIN; PROPANE-1,2,3-TRIOL' 'C3 H8 O3'       92.094  
HIS 'L-peptide linking' y HISTIDINE        ?                               'C6 H10 N3 O2 1' 156.162 
HOH non-polymer         . WATER            ?                               'H2 O'           18.015  
ILE 'L-peptide linking' y ISOLEUCINE       ?                               'C6 H13 N O2'    131.173 
LEU 'L-peptide linking' y LEUCINE          ?                               'C6 H13 N O2'    131.173 
LYS 'L-peptide linking' y LYSINE           ?                               'C6 H15 N2 O2 1' 147.195 
MET 'L-peptide linking' y METHIONINE       ?                               'C5 H11 N O2 S'  149.211 
MSE 'L-peptide linking' n SELENOMETHIONINE ?                               'C5 H11 N O2 Se' 196.106 
PHE 'L-peptide linking' y PHENYLALANINE    ?                               'C9 H11 N O2'    165.189 
PRO 'L-peptide linking' y PROLINE          ?                               'C5 H9 N O2'     115.130 
SER 'L-peptide linking' y SERINE           ?                               'C3 H7 N O3'     105.093 
THR 'L-peptide linking' y THREONINE        ?                               'C4 H9 N O3'     119.119 
TRP 'L-peptide linking' y TRYPTOPHAN       ?                               'C11 H12 N2 O2'  204.225 
TYR 'L-peptide linking' y TYROSINE         ?                               'C9 H11 N O3'    181.189 
UNL non-polymer         . 'UNKNOWN LIGAND' ?                               ?                ?       
VAL 'L-peptide linking' y VALINE           ?                               'C5 H11 N O2'    117.146 
# 
loop_
_pdbx_poly_seq_scheme.asym_id 
_pdbx_poly_seq_scheme.entity_id 
_pdbx_poly_seq_scheme.seq_id 
_pdbx_poly_seq_scheme.mon_id 
_pdbx_poly_seq_scheme.ndb_seq_num 
_pdbx_poly_seq_scheme.pdb_seq_num 
_pdbx_poly_seq_scheme.auth_seq_num 
_pdbx_poly_seq_scheme.pdb_mon_id 
_pdbx_poly_seq_scheme.auth_mon_id 
_pdbx_poly_seq_scheme.pdb_strand_id 
_pdbx_poly_seq_scheme.pdb_ins_code 
_pdbx_poly_seq_scheme.hetero 
A 1 1   MSE 1   -11 ?   ?   ?   A . n 
A 1 2   GLY 2   -10 ?   ?   ?   A . n 
A 1 3   SER 3   -9  ?   ?   ?   A . n 
A 1 4   ASP 4   -8  ?   ?   ?   A . n 
A 1 5   LYS 5   -7  ?   ?   ?   A . n 
A 1 6   ILE 6   -6  ?   ?   ?   A . n 
A 1 7   HIS 7   -5  ?   ?   ?   A . n 
A 1 8   HIS 8   -4  ?   ?   ?   A . n 
A 1 9   HIS 9   -3  ?   ?   ?   A . n 
A 1 10  HIS 10  -2  ?   ?   ?   A . n 
A 1 11  HIS 11  -1  ?   ?   ?   A . n 
A 1 12  HIS 12  0   ?   ?   ?   A . n 
A 1 13  MSE 13  1   ?   ?   ?   A . n 
A 1 14  PRO 14  2   ?   ?   ?   A . n 
A 1 15  THR 15  3   ?   ?   ?   A . n 
A 1 16  PRO 16  4   ?   ?   ?   A . n 
A 1 17  ALA 17  5   ?   ?   ?   A . n 
A 1 18  ASP 18  6   ?   ?   ?   A . n 
A 1 19  ASP 19  7   7   ASP ASP A . n 
A 1 20  LEU 20  8   8   LEU LEU A . n 
A 1 21  VAL 21  9   9   VAL VAL A . n 
A 1 22  VAL 22  10  10  VAL VAL A . n 
A 1 23  ILE 23  11  11  ILE ILE A . n 
A 1 24  GLY 24  12  12  GLY GLY A . n 
A 1 25  LYS 25  13  13  LYS LYS A . n 
A 1 26  ILE 26  14  14  ILE ILE A . n 
A 1 27  VAL 27  15  15  VAL VAL A . n 
A 1 28  SER 28  16  16  SER SER A . n 
A 1 29  VAL 29  17  17  VAL VAL A . n 
A 1 30  TYR 30  18  18  TYR TYR A . n 
A 1 31  GLY 31  19  19  GLY GLY A . n 
A 1 32  ILE 32  20  20  ILE ILE A . n 
A 1 33  ARG 33  21  21  ARG ARG A . n 
A 1 34  GLY 34  22  22  GLY GLY A . n 
A 1 35  GLU 35  23  23  GLU GLU A . n 
A 1 36  VAL 36  24  24  VAL VAL A . n 
A 1 37  LYS 37  25  25  LYS LYS A . n 
A 1 38  VAL 38  26  26  VAL VAL A . n 
A 1 39  TYR 39  27  27  TYR TYR A . n 
A 1 40  SER 40  28  28  SER SER A . n 
A 1 41  PHE 41  29  29  PHE PHE A . n 
A 1 42  THR 42  30  30  THR THR A . n 
A 1 43  ASP 43  31  31  ASP ASP A . n 
A 1 44  PRO 44  32  32  PRO PRO A . n 
A 1 45  LEU 45  33  33  LEU LEU A . n 
A 1 46  ASP 46  34  34  ASP ASP A . n 
A 1 47  ASN 47  35  35  ASN ASN A . n 
A 1 48  LEU 48  36  36  LEU LEU A . n 
A 1 49  LEU 49  37  37  LEU LEU A . n 
A 1 50  ASP 50  38  38  ASP ASP A . n 
A 1 51  TYR 51  39  39  TYR TYR A . n 
A 1 52  ARG 52  40  40  ARG ARG A . n 
A 1 53  ARG 53  41  41  ARG ARG A . n 
A 1 54  TRP 54  42  42  TRP TRP A . n 
A 1 55  THR 55  43  43  THR THR A . n 
A 1 56  LEU 56  44  44  LEU LEU A . n 
A 1 57  ARG 57  45  45  ARG ARG A . n 
A 1 58  ARG 58  46  46  ARG ARG A . n 
A 1 59  ASP 59  47  47  ASP ASP A . n 
A 1 60  GLY 60  48  48  GLY GLY A . n 
A 1 61  GLU 61  49  49  GLU GLU A . n 
A 1 62  ILE 62  50  50  ILE ILE A . n 
A 1 63  ARG 63  51  51  ARG ARG A . n 
A 1 64  GLN 64  52  52  GLN GLN A . n 
A 1 65  ALA 65  53  53  ALA ALA A . n 
A 1 66  GLU 66  54  54  GLU GLU A . n 
A 1 67  LEU 67  55  55  LEU LEU A . n 
A 1 68  VAL 68  56  56  VAL VAL A . n 
A 1 69  ARG 69  57  57  ARG ARG A . n 
A 1 70  GLY 70  58  58  GLY GLY A . n 
A 1 71  ARG 71  59  59  ARG ARG A . n 
A 1 72  LEU 72  60  60  LEU LEU A . n 
A 1 73  HIS 73  61  61  HIS HIS A . n 
A 1 74  GLY 74  62  62  GLY GLY A . n 
A 1 75  LYS 75  63  63  LYS LYS A . n 
A 1 76  VAL 76  64  64  VAL VAL A . n 
A 1 77  LEU 77  65  65  LEU LEU A . n 
A 1 78  ALA 78  66  66  ALA ALA A . n 
A 1 79  ALA 79  67  67  ALA ALA A . n 
A 1 80  LYS 80  68  68  LYS LYS A . n 
A 1 81  LEU 81  69  69  LEU LEU A . n 
A 1 82  LYS 82  70  70  LYS LYS A . n 
A 1 83  GLY 83  71  71  GLY GLY A . n 
A 1 84  LEU 84  72  72  LEU LEU A . n 
A 1 85  ASP 85  73  73  ASP ASP A . n 
A 1 86  ASP 86  74  74  ASP ASP A . n 
A 1 87  ARG 87  75  75  ARG ARG A . n 
A 1 88  GLU 88  76  76  GLU GLU A . n 
A 1 89  GLU 89  77  77  GLU GLU A . n 
A 1 90  ALA 90  78  78  ALA ALA A . n 
A 1 91  ARG 91  79  79  ARG ARG A . n 
A 1 92  THR 92  80  80  THR THR A . n 
A 1 93  PHE 93  81  81  PHE PHE A . n 
A 1 94  THR 94  82  82  THR THR A . n 
A 1 95  GLY 95  83  83  GLY GLY A . n 
A 1 96  TYR 96  84  84  TYR TYR A . n 
A 1 97  GLU 97  85  85  GLU GLU A . n 
A 1 98  ILE 98  86  86  ILE ILE A . n 
A 1 99  CYS 99  87  87  CYS CYS A . n 
A 1 100 ILE 100 88  88  ILE ILE A . n 
A 1 101 PRO 101 89  89  PRO PRO A . n 
A 1 102 ARG 102 90  90  ARG ARG A . n 
A 1 103 SER 103 91  91  SER SER A . n 
A 1 104 GLU 104 92  92  GLU GLU A . n 
A 1 105 LEU 105 93  93  LEU LEU A . n 
A 1 106 PRO 106 94  94  PRO PRO A . n 
A 1 107 SER 107 95  95  SER SER A . n 
A 1 108 LEU 108 96  ?   ?   ?   A . n 
A 1 109 GLU 109 97  ?   ?   ?   A . n 
A 1 110 GLU 110 98  ?   ?   ?   A . n 
A 1 111 GLY 111 99  ?   ?   ?   A . n 
A 1 112 GLU 112 100 ?   ?   ?   A . n 
A 1 113 TYR 113 101 101 TYR TYR A . n 
A 1 114 TYR 114 102 102 TYR TYR A . n 
A 1 115 TRP 115 103 103 TRP TRP A . n 
A 1 116 HIS 116 104 104 HIS HIS A . n 
A 1 117 GLN 117 105 105 GLN GLN A . n 
A 1 118 LEU 118 106 106 LEU LEU A . n 
A 1 119 GLU 119 107 107 GLU GLU A . n 
A 1 120 GLY 120 108 108 GLY GLY A . n 
A 1 121 LEU 121 109 109 LEU LEU A . n 
A 1 122 LYS 122 110 110 LYS LYS A . n 
A 1 123 VAL 123 111 111 VAL VAL A . n 
A 1 124 ILE 124 112 112 ILE ILE A . n 
A 1 125 ASP 125 113 113 ASP ASP A . n 
A 1 126 GLN 126 114 114 GLN GLN A . n 
A 1 127 GLY 127 115 115 GLY GLY A . n 
A 1 128 ARG 128 116 116 ARG ARG A . n 
A 1 129 GLN 129 117 117 GLN GLN A . n 
A 1 130 LEU 130 118 118 LEU LEU A . n 
A 1 131 LEU 131 119 119 LEU LEU A . n 
A 1 132 GLY 132 120 120 GLY GLY A . n 
A 1 133 VAL 133 121 121 VAL VAL A . n 
A 1 134 ILE 134 122 122 ILE ILE A . n 
A 1 135 ASP 135 123 123 ASP ASP A . n 
A 1 136 HIS 136 124 124 HIS HIS A . n 
A 1 137 LEU 137 125 125 LEU LEU A . n 
A 1 138 LEU 138 126 126 LEU LEU A . n 
A 1 139 GLU 139 127 127 GLU GLU A . n 
A 1 140 THR 140 128 128 THR THR A . n 
A 1 141 GLY 141 129 129 GLY GLY A . n 
A 1 142 ALA 142 130 130 ALA ALA A . n 
A 1 143 ASN 143 131 131 ASN ASN A . n 
A 1 144 ASP 144 132 132 ASP ASP A . n 
A 1 145 VAL 145 133 133 VAL VAL A . n 
A 1 146 MSE 146 134 134 MSE MSE A . n 
A 1 147 VAL 147 135 135 VAL VAL A . n 
A 1 148 VAL 148 136 136 VAL VAL A . n 
A 1 149 LYS 149 137 137 LYS LYS A . n 
A 1 150 PRO 150 138 138 PRO PRO A . n 
A 1 151 CYS 151 139 139 CYS CYS A . n 
A 1 152 ALA 152 140 140 ALA ALA A . n 
A 1 153 GLY 153 141 141 GLY GLY A . n 
A 1 154 SER 154 142 142 SER SER A . n 
A 1 155 LEU 155 143 143 LEU LEU A . n 
A 1 156 ASP 156 144 144 ASP ASP A . n 
A 1 157 ASP 157 145 145 ASP ASP A . n 
A 1 158 ARG 158 146 146 ARG ARG A . n 
A 1 159 GLU 159 147 147 GLU GLU A . n 
A 1 160 ARG 160 148 148 ARG ARG A . n 
A 1 161 LEU 161 149 149 LEU LEU A . n 
A 1 162 LEU 162 150 150 LEU LEU A . n 
A 1 163 PRO 163 151 151 PRO PRO A . n 
A 1 164 TYR 164 152 152 TYR TYR A . n 
A 1 165 THR 165 153 153 THR THR A . n 
A 1 166 GLY 166 154 154 GLY GLY A . n 
A 1 167 GLN 167 155 155 GLN GLN A . n 
A 1 168 CYS 168 156 156 CYS CYS A . n 
A 1 169 VAL 169 157 157 VAL VAL A . n 
A 1 170 LEU 170 158 158 LEU LEU A . n 
A 1 171 SER 171 159 159 SER SER A . n 
A 1 172 ILE 172 160 160 ILE ILE A . n 
A 1 173 ASP 173 161 161 ASP ASP A . n 
A 1 174 LEU 174 162 162 LEU LEU A . n 
A 1 175 ALA 175 163 163 ALA ALA A . n 
A 1 176 ALA 176 164 164 ALA ALA A . n 
A 1 177 GLY 177 165 165 GLY GLY A . n 
A 1 178 GLU 178 166 166 GLU GLU A . n 
A 1 179 MSE 179 167 167 MSE MSE A . n 
A 1 180 ARG 180 168 168 ARG ARG A . n 
A 1 181 VAL 181 169 169 VAL VAL A . n 
A 1 182 ASP 182 170 170 ASP ASP A . n 
A 1 183 TRP 183 171 171 TRP TRP A . n 
A 1 184 ASP 184 172 172 ASP ASP A . n 
A 1 185 ALA 185 173 173 ALA ALA A . n 
A 1 186 ASP 186 174 174 ASP ASP A . n 
A 1 187 PHE 187 175 175 PHE PHE A . n 
# 
loop_
_pdbx_nonpoly_scheme.asym_id 
_pdbx_nonpoly_scheme.entity_id 
_pdbx_nonpoly_scheme.mon_id 
_pdbx_nonpoly_scheme.ndb_seq_num 
_pdbx_nonpoly_scheme.pdb_seq_num 
_pdbx_nonpoly_scheme.auth_seq_num 
_pdbx_nonpoly_scheme.pdb_mon_id 
_pdbx_nonpoly_scheme.auth_mon_id 
_pdbx_nonpoly_scheme.pdb_strand_id 
_pdbx_nonpoly_scheme.pdb_ins_code 
B 2 UNL 1  176 1  UNL UNL A . 
C 2 UNL 1  177 2  UNL UNL A . 
D 3 GOL 1  178 3  GOL GOL A . 
E 3 GOL 1  179 4  GOL GOL A . 
F 3 GOL 1  180 5  GOL GOL A . 
G 4 HOH 1  181 6  HOH HOH A . 
G 4 HOH 2  182 7  HOH HOH A . 
G 4 HOH 3  183 8  HOH HOH A . 
G 4 HOH 4  184 9  HOH HOH A . 
G 4 HOH 5  185 10 HOH HOH A . 
G 4 HOH 6  186 11 HOH HOH A . 
G 4 HOH 7  187 12 HOH HOH A . 
G 4 HOH 8  188 13 HOH HOH A . 
G 4 HOH 9  189 14 HOH HOH A . 
G 4 HOH 10 190 15 HOH HOH A . 
G 4 HOH 11 191 16 HOH HOH A . 
G 4 HOH 12 192 17 HOH HOH A . 
G 4 HOH 13 193 18 HOH HOH A . 
G 4 HOH 14 194 19 HOH HOH A . 
G 4 HOH 15 195 20 HOH HOH A . 
G 4 HOH 16 196 21 HOH HOH A . 
G 4 HOH 17 197 22 HOH HOH A . 
G 4 HOH 18 198 23 HOH HOH A . 
G 4 HOH 19 199 24 HOH HOH A . 
G 4 HOH 20 200 25 HOH HOH A . 
G 4 HOH 21 201 26 HOH HOH A . 
G 4 HOH 22 202 27 HOH HOH A . 
G 4 HOH 23 203 28 HOH HOH A . 
G 4 HOH 24 204 29 HOH HOH A . 
G 4 HOH 25 205 30 HOH HOH A . 
G 4 HOH 26 206 31 HOH HOH A . 
G 4 HOH 27 207 32 HOH HOH A . 
G 4 HOH 28 208 33 HOH HOH A . 
G 4 HOH 29 209 34 HOH HOH A . 
G 4 HOH 30 210 35 HOH HOH A . 
G 4 HOH 31 211 36 HOH HOH A . 
G 4 HOH 32 212 37 HOH HOH A . 
G 4 HOH 33 213 38 HOH HOH A . 
G 4 HOH 34 214 39 HOH HOH A . 
G 4 HOH 35 215 40 HOH HOH A . 
G 4 HOH 36 216 41 HOH HOH A . 
G 4 HOH 37 217 42 HOH HOH A . 
G 4 HOH 38 218 43 HOH HOH A . 
G 4 HOH 39 219 44 HOH HOH A . 
G 4 HOH 40 220 45 HOH HOH A . 
G 4 HOH 41 221 46 HOH HOH A . 
G 4 HOH 42 222 47 HOH HOH A . 
G 4 HOH 43 223 48 HOH HOH A . 
G 4 HOH 44 224 49 HOH HOH A . 
# 
loop_
_pdbx_unobs_or_zero_occ_atoms.id 
_pdbx_unobs_or_zero_occ_atoms.PDB_model_num 
_pdbx_unobs_or_zero_occ_atoms.polymer_flag 
_pdbx_unobs_or_zero_occ_atoms.occupancy_flag 
_pdbx_unobs_or_zero_occ_atoms.auth_asym_id 
_pdbx_unobs_or_zero_occ_atoms.auth_comp_id 
_pdbx_unobs_or_zero_occ_atoms.auth_seq_id 
_pdbx_unobs_or_zero_occ_atoms.PDB_ins_code 
_pdbx_unobs_or_zero_occ_atoms.auth_atom_id 
_pdbx_unobs_or_zero_occ_atoms.label_alt_id 
_pdbx_unobs_or_zero_occ_atoms.label_asym_id 
_pdbx_unobs_or_zero_occ_atoms.label_comp_id 
_pdbx_unobs_or_zero_occ_atoms.label_seq_id 
_pdbx_unobs_or_zero_occ_atoms.label_atom_id 
1  1 Y 1 A ASP 7   ? CB  ? A ASP 19  CB  
2  1 Y 1 A ASP 7   ? CG  ? A ASP 19  CG  
3  1 Y 1 A ASP 7   ? OD1 ? A ASP 19  OD1 
4  1 Y 1 A ASP 7   ? OD2 ? A ASP 19  OD2 
5  1 Y 1 A LEU 8   ? CD1 ? A LEU 20  CD1 
6  1 Y 1 A LEU 8   ? CD2 ? A LEU 20  CD2 
7  1 Y 1 A ARG 40  ? CZ  ? A ARG 52  CZ  
8  1 Y 1 A ARG 40  ? NH1 ? A ARG 52  NH1 
9  1 Y 1 A ARG 40  ? NH2 ? A ARG 52  NH2 
10 1 Y 1 A ARG 41  ? CZ  ? A ARG 53  CZ  
11 1 Y 1 A ARG 41  ? NH1 ? A ARG 53  NH1 
12 1 Y 1 A ARG 41  ? NH2 ? A ARG 53  NH2 
13 1 Y 1 A ILE 50  ? CD1 ? A ILE 62  CD1 
14 1 Y 1 A ARG 90  ? CZ  ? A ARG 102 CZ  
15 1 Y 1 A ARG 90  ? NH1 ? A ARG 102 NH1 
16 1 Y 1 A ARG 90  ? NH2 ? A ARG 102 NH2 
17 1 Y 1 A SER 95  ? CB  ? A SER 107 CB  
18 1 Y 1 A SER 95  ? OG  ? A SER 107 OG  
19 1 Y 1 A ARG 116 ? CG  ? A ARG 128 CG  
20 1 Y 1 A ARG 116 ? CD  ? A ARG 128 CD  
21 1 Y 1 A ARG 116 ? NE  ? A ARG 128 NE  
22 1 Y 1 A ARG 116 ? CZ  ? A ARG 128 CZ  
23 1 Y 1 A ARG 116 ? NH1 ? A ARG 128 NH1 
24 1 Y 1 A ARG 116 ? NH2 ? A ARG 128 NH2 
25 1 Y 1 A LYS 137 ? CG  ? A LYS 149 CG  
26 1 Y 1 A LYS 137 ? CD  ? A LYS 149 CD  
27 1 Y 1 A LYS 137 ? CE  ? A LYS 149 CE  
28 1 Y 1 A LYS 137 ? NZ  ? A LYS 149 NZ  
# 
loop_
_software.name 
_software.version 
_software.date 
_software.type 
_software.contact_author 
_software.contact_author_email 
_software.classification 
_software.location 
_software.language 
_software.citation_id 
_software.pdbx_ordinal 
REFMAC      5.2.0005  ?               ?       'Murshudov, G.N.' ccp4@dl.ac.uk            refinement        
http://www.ccp4.ac.uk/main.html            Fortran ? 1 
SCALA       .         ?               ?       'Phil Evans'      pre@mrc-lmb.cam.ac.uk    'data scaling'    
http://www.ccp4.ac.uk/dist/html/INDEX.html Fortran ? 2 
PDB_EXTRACT 1.601     'Jan. 30, 2005' package PDB               sw-help@rcsb.rutgers.edu 'data extraction' 
http://pdb.rutgers.edu/software/           C++     ? 3 
MOSFLM      .         ?               ?       ?                 ?                        'data reduction'  ? ?       ? 4 
CCP4        '(SCALA)' ?               ?       ?                 ?                        'data scaling'    ? ?       ? 5 
SOLVE       .         ?               ?       ?                 ?                        phasing           ? ?       ? 6 
# 
_cell.length_a           80.228 
_cell.length_b           80.228 
_cell.length_c           71.855 
_cell.angle_alpha        90.000 
_cell.angle_beta         90.000 
_cell.angle_gamma        120.000 
_cell.entry_id           2F1L 
_cell.pdbx_unique_axis   ? 
_cell.Z_PDB              6 
_cell.length_a_esd       ? 
_cell.length_b_esd       ? 
_cell.length_c_esd       ? 
_cell.angle_alpha_esd    ? 
_cell.angle_beta_esd     ? 
_cell.angle_gamma_esd    ? 
# 
_symmetry.Int_Tables_number                152 
_symmetry.space_group_name_H-M             'P 31 2 1' 
_symmetry.entry_id                         2F1L 
_symmetry.pdbx_full_space_group_name_H-M   ? 
_symmetry.cell_setting                     ? 
_symmetry.space_group_name_Hall            ? 
# 
_exptl.crystals_number   1 
_exptl.method            'X-RAY DIFFRACTION' 
_exptl.entry_id          2F1L 
# 
_exptl_crystal.id                    1 
_exptl_crystal.density_percent_sol   63.68 
_exptl_crystal.density_Matthews      3.41 
_exptl_crystal.description           ? 
_exptl_crystal.density_meas          ? 
_exptl_crystal.F_000                 ? 
_exptl_crystal.preparation           ? 
# 
_exptl_crystal_grow.crystal_id      1 
_exptl_crystal_grow.method          ? 
_exptl_crystal_grow.pH              4.6 
_exptl_crystal_grow.temp            293 
_exptl_crystal_grow.pdbx_details    
'30.0% Glycerol, 5.6% PEG-4000, 0.1M Acetate, pH 4.6, VAPOR DIFFUSION, SITTING DROP, NANODROP, temperature 293K' 
_exptl_crystal_grow.temp_details    ? 
_exptl_crystal_grow.pdbx_pH_range   . 
# 
_diffrn.id                     1 
_diffrn.ambient_temp           100 
_diffrn.ambient_temp_details   ? 
_diffrn.crystal_id             1 
# 
_diffrn_detector.diffrn_id              1 
_diffrn_detector.detector               CCD 
_diffrn_detector.type                   'MARMOSAIC 325 mm CCD' 
_diffrn_detector.details                ? 
_diffrn_detector.pdbx_collection_date   2005-07-04 
# 
_diffrn_radiation.diffrn_id                        1 
_diffrn_radiation.wavelength_id                    1 
_diffrn_radiation.pdbx_diffrn_protocol             MAD 
_diffrn_radiation.monochromator                    'Double crystal monocromator' 
_diffrn_radiation.pdbx_monochromatic_or_laue_m_l   M 
_diffrn_radiation.pdbx_scattering_type             x-ray 
# 
loop_
_diffrn_radiation_wavelength.id 
_diffrn_radiation_wavelength.wavelength 
_diffrn_radiation_wavelength.wt 
1 0.97932 1.0 
2 0.91162 1.0 
3 0.97915 1.0 
# 
_diffrn_source.diffrn_id                   1 
_diffrn_source.source                      SYNCHROTRON 
_diffrn_source.pdbx_synchrotron_beamline   BL9-2 
_diffrn_source.type                        'SSRL BEAMLINE BL9-2' 
_diffrn_source.pdbx_wavelength             ? 
_diffrn_source.pdbx_wavelength_list        '0.97932, 0.91162, 0.97915' 
_diffrn_source.pdbx_synchrotron_site       SSRL 
# 
_reflns.entry_id                     2F1L 
_reflns.d_resolution_low             26.76 
_reflns.d_resolution_high            2.40 
_reflns.number_obs                   9930 
_reflns.percent_possible_obs         98.900 
_reflns.pdbx_Rmerge_I_obs            0.079 
_reflns.pdbx_chi_squared             ? 
_reflns.pdbx_redundancy              5.400 
_reflns.pdbx_scaling_rejects         ? 
_reflns.pdbx_netI_over_sigmaI        6.000 
_reflns.pdbx_Rsym_value              0.079 
_reflns.observed_criterion_sigma_F   ? 
_reflns.observed_criterion_sigma_I   ? 
_reflns.number_all                   ? 
_reflns.B_iso_Wilson_estimate        ? 
_reflns.R_free_details               ? 
_reflns.limit_h_max                  ? 
_reflns.limit_h_min                  ? 
_reflns.limit_k_max                  ? 
_reflns.limit_k_min                  ? 
_reflns.limit_l_max                  ? 
_reflns.limit_l_min                  ? 
_reflns.observed_criterion_F_max     ? 
_reflns.observed_criterion_F_min     ? 
_reflns.pdbx_ordinal                 1 
_reflns.pdbx_diffrn_id               1 
# 
loop_
_reflns_shell.d_res_low 
_reflns_shell.d_res_high 
_reflns_shell.number_measured_obs 
_reflns_shell.percent_possible_all 
_reflns_shell.Rmerge_I_obs 
_reflns_shell.pdbx_chi_squared 
_reflns_shell.pdbx_redundancy 
_reflns_shell.number_unique_obs 
_reflns_shell.meanI_over_sigI_obs 
_reflns_shell.pdbx_Rsym_value 
_reflns_shell.percent_possible_obs 
_reflns_shell.number_unique_all 
_reflns_shell.number_measured_all 
_reflns_shell.pdbx_ordinal 
_reflns_shell.pdbx_diffrn_id 
2.52  2.46  631 88.400  0.752 ? 4.600 ? 1.000  0.752 ? ? ? 1  1 
2.59  2.52  690 97.400  0.574 ? 5.200 ? 1.300  0.574 ? ? ? 2  1 
2.67  2.59  703 100.000 0.422 ? 5.600 ? 1.500  0.422 ? ? ? 3  1 
2.75  2.67  665 100.000 0.312 ? 5.600 ? 2.400  0.312 ? ? ? 4  1 
2.84  2.75  660 100.000 0.244 ? 5.500 ? 3.100  0.244 ? ? ? 5  1 
2.94  2.84  622 100.000 0.211 ? 5.500 ? 3.500  0.211 ? ? ? 6  1 
3.05  2.94  613 100.000 0.166 ? 5.600 ? 4.400  0.166 ? ? ? 7  1 
3.18  3.05  589 100.000 0.118 ? 5.600 ? 6.100  0.118 ? ? ? 8  1 
3.32  3.18  569 100.000 0.099 ? 5.500 ? 6.800  0.099 ? ? ? 9  1 
3.48  3.32  557 100.000 0.088 ? 5.500 ? 7.400  0.088 ? ? ? 10 1 
3.67  3.48  506 100.000 0.069 ? 5.500 ? 9.200  0.069 ? ? ? 11 1 
3.89  3.67  483 100.000 0.067 ? 5.500 ? 9.400  0.067 ? ? ? 12 1 
4.16  3.89  472 100.000 0.056 ? 5.500 ? 9.200  0.056 ? ? ? 13 1 
4.49  4.16  443 100.000 0.058 ? 5.400 ? 10.700 0.058 ? ? ? 14 1 
4.92  4.49  393 100.000 0.055 ? 5.400 ? 10.900 0.055 ? ? ? 15 1 
5.50  4.92  369 100.000 0.062 ? 5.300 ? 10.000 0.062 ? ? ? 16 1 
6.35  5.50  329 100.000 0.071 ? 5.100 ? 8.500  0.071 ? ? ? 17 1 
7.78  6.35  281 100.000 0.068 ? 5.000 ? 8.200  0.068 ? ? ? 18 1 
11.00 7.78  226 100.000 0.054 ? 4.600 ? 10.900 0.054 ? ? ? 19 1 
26.76 11.00 129 94.300  0.061 ? 4.100 ? 8.000  0.061 ? ? ? 20 1 
# 
_refine.ls_d_res_high                            2.460 
_refine.ls_d_res_low                             26.8 
_refine.ls_percent_reflns_obs                    98.710 
_refine.ls_number_reflns_obs                     9433 
_refine.pdbx_ls_cross_valid_method               THROUGHOUT 
_refine.pdbx_R_Free_selection_details            RANDOM 
_refine.ls_R_factor_all                          ? 
_refine.ls_R_factor_R_work                       0.175 
_refine.ls_R_factor_R_free                       0.237 
_refine.ls_percent_reflns_R_free                 4.800 
_refine.ls_number_reflns_R_free                  476 
_refine.B_iso_mean                               35.483 
_refine.aniso_B[1][1]                            3.060 
_refine.aniso_B[2][2]                            3.060 
_refine.aniso_B[3][3]                            -4.590 
_refine.aniso_B[1][2]                            1.530 
_refine.aniso_B[1][3]                            0.000 
_refine.aniso_B[2][3]                            0.000 
_refine.correlation_coeff_Fo_to_Fc               0.962 
_refine.correlation_coeff_Fo_to_Fc_free          0.915 
_refine.pdbx_overall_ESU_R                       0.264 
_refine.pdbx_overall_ESU_R_Free                  0.229 
_refine.overall_SU_ML                            0.160 
_refine.overall_SU_B                             13.807 
_refine.solvent_model_details                    MASK 
_refine.pdbx_solvent_vdw_probe_radii             1.200 
_refine.pdbx_solvent_ion_probe_radii             0.800 
_refine.pdbx_solvent_shrinkage_radii             0.800 
_refine.pdbx_stereochemistry_target_values       'MAXIMUM LIKELIHOOD WITH PHASES' 
_refine.pdbx_method_to_determine_struct          MAD 
_refine.entry_id                                 2F1L 
_refine.pdbx_ls_sigma_F                          ? 
_refine.pdbx_ls_sigma_I                          ? 
_refine.ls_number_reflns_all                     ? 
_refine.ls_R_factor_obs                          0.17732 
_refine.ls_redundancy_reflns_obs                 ? 
_refine.pdbx_data_cutoff_high_absF               ? 
_refine.pdbx_data_cutoff_low_absF                ? 
_refine.ls_number_parameters                     ? 
_refine.ls_number_restraints                     ? 
_refine.ls_R_factor_R_free_error                 ? 
_refine.ls_R_factor_R_free_error_details         ? 
_refine.pdbx_starting_model                      ? 
_refine.pdbx_stereochem_target_val_spec_case     ? 
_refine.solvent_model_param_bsol                 ? 
_refine.solvent_model_param_ksol                 ? 
_refine.occupancy_max                            ? 
_refine.occupancy_min                            ? 
_refine.pdbx_isotropic_thermal_model             ? 
_refine.details                                  
;1. HYDROGENS HAVE BEEN ADDED IN THE RIDING POSITIONS. 2. THE ELECTRON DENSITY BETWEEN RESIDUE 95 AND RESIDUE 101 IS DISORDERED AND NO MODEL WAS BUILT. 3. THE UNIDEFINED ELECTRON DENISTY NEAR THE DOMAIN AND DIMER INTERFACT WAS MODELED AS TWO UNL, UNKNOWN LIGAND.
;
_refine.B_iso_min                                ? 
_refine.B_iso_max                                ? 
_refine.overall_SU_R_Cruickshank_DPI             ? 
_refine.overall_SU_R_free                        ? 
_refine.pdbx_data_cutoff_high_rms_absF           ? 
_refine.ls_wR_factor_R_free                      ? 
_refine.ls_wR_factor_R_work                      ? 
_refine.overall_FOM_free_R_set                   ? 
_refine.overall_FOM_work_R_set                   ? 
_refine.pdbx_refine_id                           'X-RAY DIFFRACTION' 
_refine.pdbx_TLS_residual_ADP_flag               'LIKELY RESIDUAL' 
_refine.pdbx_diffrn_id                           1 
_refine.pdbx_overall_phase_error                 ? 
_refine.pdbx_overall_SU_R_free_Cruickshank_DPI   ? 
_refine.pdbx_overall_SU_R_Blow_DPI               ? 
_refine.pdbx_overall_SU_R_free_Blow_DPI          ? 
# 
_refine_hist.pdbx_refine_id                   'X-RAY DIFFRACTION' 
_refine_hist.cycle_id                         LAST 
_refine_hist.pdbx_number_atoms_protein        1283 
_refine_hist.pdbx_number_atoms_nucleic_acid   0 
_refine_hist.pdbx_number_atoms_ligand         37 
_refine_hist.number_atoms_solvent             44 
_refine_hist.number_atoms_total               1364 
_refine_hist.d_res_high                       2.460 
_refine_hist.d_res_low                        26.8 
# 
loop_
_refine_ls_restr.type 
_refine_ls_restr.number 
_refine_ls_restr.dev_ideal 
_refine_ls_restr.dev_ideal_target 
_refine_ls_restr.weight 
_refine_ls_restr.pdbx_refine_id 
_refine_ls_restr.pdbx_restraint_function 
r_bond_refined_d         1359 0.016  0.022  ? 'X-RAY DIFFRACTION' ? 
r_bond_other_d           1258 0.001  0.020  ? 'X-RAY DIFFRACTION' ? 
r_angle_refined_deg      1842 1.702  1.983  ? 'X-RAY DIFFRACTION' ? 
r_angle_other_deg        2910 0.816  3.000  ? 'X-RAY DIFFRACTION' ? 
r_dihedral_angle_1_deg   172  6.838  5.000  ? 'X-RAY DIFFRACTION' ? 
r_dihedral_angle_2_deg   64   39.487 23.906 ? 'X-RAY DIFFRACTION' ? 
r_dihedral_angle_3_deg   233  15.184 15.000 ? 'X-RAY DIFFRACTION' ? 
r_dihedral_angle_4_deg   11   21.484 15.000 ? 'X-RAY DIFFRACTION' ? 
r_chiral_restr           203  0.090  0.200  ? 'X-RAY DIFFRACTION' ? 
r_gen_planes_refined     1522 0.006  0.020  ? 'X-RAY DIFFRACTION' ? 
r_gen_planes_other       274  0.002  0.020  ? 'X-RAY DIFFRACTION' ? 
r_nbd_refined            210  0.207  0.200  ? 'X-RAY DIFFRACTION' ? 
r_nbd_other              1283 0.192  0.200  ? 'X-RAY DIFFRACTION' ? 
r_nbtor_refined          674  0.180  0.200  ? 'X-RAY DIFFRACTION' ? 
r_nbtor_other            910  0.086  0.200  ? 'X-RAY DIFFRACTION' ? 
r_xyhbond_nbd_refined    80   0.202  0.200  ? 'X-RAY DIFFRACTION' ? 
r_symmetry_vdw_refined   8    0.174  0.200  ? 'X-RAY DIFFRACTION' ? 
r_symmetry_vdw_other     39   0.210  0.200  ? 'X-RAY DIFFRACTION' ? 
r_symmetry_hbond_refined 10   0.121  0.200  ? 'X-RAY DIFFRACTION' ? 
r_mcbond_it              862  2.400  3.000  ? 'X-RAY DIFFRACTION' ? 
r_mcbond_other           347  0.501  3.000  ? 'X-RAY DIFFRACTION' ? 
r_mcangle_it             1331 2.964  5.000  ? 'X-RAY DIFFRACTION' ? 
r_scbond_it              579  6.200  8.000  ? 'X-RAY DIFFRACTION' ? 
r_scangle_it             508  7.835  11.000 ? 'X-RAY DIFFRACTION' ? 
# 
_refine_ls_shell.d_res_high                       2.460 
_refine_ls_shell.d_res_low                        2.524 
_refine_ls_shell.pdbx_total_number_of_bins_used   20 
_refine_ls_shell.percent_reflns_obs               86.720 
_refine_ls_shell.number_reflns_R_work             595 
_refine_ls_shell.R_factor_R_work                  0.334 
_refine_ls_shell.R_factor_R_free                  0.311 
_refine_ls_shell.percent_reflns_R_free            ? 
_refine_ls_shell.number_reflns_R_free             32 
_refine_ls_shell.R_factor_R_free_error            ? 
_refine_ls_shell.number_reflns_obs                ? 
_refine_ls_shell.redundancy_reflns_obs            ? 
_refine_ls_shell.number_reflns_all                ? 
_refine_ls_shell.R_factor_all                     ? 
_refine_ls_shell.pdbx_refine_id                   'X-RAY DIFFRACTION' 
# 
_struct.entry_id                  2F1L 
_struct.title                     
'CRYSTAL STRUCTURE OF A PUTATIVE 16S RIBOSOMAL RNA PROCESSING PROTEIN RIMM (PA3744) FROM PSEUDOMONAS AERUGINOSA AT 2.46 A RESOLUTION' 
_struct.pdbx_model_details        ? 
_struct.pdbx_CASP_flag            ? 
_struct.pdbx_model_type_details   ? 
# 
_struct_keywords.text            
;16S RRNA PROCESSING PROTEIN, STRUCTURAL GENOMICS, JOINT CENTER FOR STRUCTURAL GENOMICS, JCSG, PROTEIN STRUCTURE INITIATIVE, PSI-2, UNKNOWN FUNCTION
;
_struct_keywords.pdbx_keywords   'UNKNOWN FUNCTION' 
_struct_keywords.entry_id        2F1L 
# 
loop_
_struct_asym.id 
_struct_asym.pdbx_blank_PDB_chainid_flag 
_struct_asym.pdbx_modified 
_struct_asym.entity_id 
_struct_asym.details 
A N N 1 ? 
B N N 2 ? 
C N N 2 ? 
D N N 3 ? 
E N N 3 ? 
F N N 3 ? 
G N N 4 ? 
# 
_struct_ref.id                         1 
_struct_ref.db_name                    GB 
_struct_ref.db_code                    AAG07131 
_struct_ref.pdbx_db_accession          9949912 
_struct_ref.entity_id                  1 
_struct_ref.pdbx_seq_one_letter_code   
;MPTPADDLVVIGKIVSVYGIRGEVKVYSFTDPLDNLLDYRRWTLRRDGEIRQAELVRGRLHGKVLAAKLKGLDDREEART
FTGYEICIPRSELPSLEEGEYYWHQLEGLKVIDQGRQLLGVIDHLLETGANDVMVVKPCAGSLDDRERLLPYTGQCVLSI
DLAAGEMRVDWDADF
;
_struct_ref.pdbx_align_begin           1 
_struct_ref.pdbx_db_isoform            ? 
# 
_struct_ref_seq.align_id                      1 
_struct_ref_seq.ref_id                        1 
_struct_ref_seq.pdbx_PDB_id_code              2F1L 
_struct_ref_seq.pdbx_strand_id                A 
_struct_ref_seq.seq_align_beg                 13 
_struct_ref_seq.pdbx_seq_align_beg_ins_code   ? 
_struct_ref_seq.seq_align_end                 187 
_struct_ref_seq.pdbx_seq_align_end_ins_code   ? 
_struct_ref_seq.pdbx_db_accession             9949912 
_struct_ref_seq.db_align_beg                  1 
_struct_ref_seq.pdbx_db_align_beg_ins_code    ? 
_struct_ref_seq.db_align_end                  175 
_struct_ref_seq.pdbx_db_align_end_ins_code    ? 
_struct_ref_seq.pdbx_auth_seq_align_beg       1 
_struct_ref_seq.pdbx_auth_seq_align_end       175 
# 
loop_
_struct_ref_seq_dif.align_id 
_struct_ref_seq_dif.pdbx_pdb_id_code 
_struct_ref_seq_dif.mon_id 
_struct_ref_seq_dif.pdbx_pdb_strand_id 
_struct_ref_seq_dif.seq_num 
_struct_ref_seq_dif.pdbx_pdb_ins_code 
_struct_ref_seq_dif.pdbx_seq_db_name 
_struct_ref_seq_dif.pdbx_seq_db_accession_code 
_struct_ref_seq_dif.db_mon_id 
_struct_ref_seq_dif.pdbx_seq_db_seq_num 
_struct_ref_seq_dif.details 
_struct_ref_seq_dif.pdbx_auth_seq_num 
_struct_ref_seq_dif.pdbx_ordinal 
1 2F1L MSE A 1   ? GB 9949912 ?   ?   'expression tag'   -11 1  
1 2F1L GLY A 2   ? GB 9949912 ?   ?   'expression tag'   -10 2  
1 2F1L SER A 3   ? GB 9949912 ?   ?   'expression tag'   -9  3  
1 2F1L ASP A 4   ? GB 9949912 ?   ?   'expression tag'   -8  4  
1 2F1L LYS A 5   ? GB 9949912 ?   ?   'expression tag'   -7  5  
1 2F1L ILE A 6   ? GB 9949912 ?   ?   'expression tag'   -6  6  
1 2F1L HIS A 7   ? GB 9949912 ?   ?   'expression tag'   -5  7  
1 2F1L HIS A 8   ? GB 9949912 ?   ?   'expression tag'   -4  8  
1 2F1L HIS A 9   ? GB 9949912 ?   ?   'expression tag'   -3  9  
1 2F1L HIS A 10  ? GB 9949912 ?   ?   'expression tag'   -2  10 
1 2F1L HIS A 11  ? GB 9949912 ?   ?   'expression tag'   -1  11 
1 2F1L HIS A 12  ? GB 9949912 ?   ?   'expression tag'   0   12 
1 2F1L MSE A 13  ? GB 9949912 MET 1   'modified residue' 1   13 
1 2F1L MSE A 146 ? GB 9949912 MET 134 'modified residue' 134 14 
1 2F1L MSE A 179 ? GB 9949912 MET 167 'modified residue' 167 15 
# 
_pdbx_struct_assembly.id                   1 
_pdbx_struct_assembly.details              author_defined_assembly 
_pdbx_struct_assembly.method_details       ? 
_pdbx_struct_assembly.oligomeric_details   dimeric 
_pdbx_struct_assembly.oligomeric_count     2 
# 
_pdbx_struct_assembly_gen.assembly_id       1 
_pdbx_struct_assembly_gen.oper_expression   1,2 
_pdbx_struct_assembly_gen.asym_id_list      A,B,C,D,E,F,G 
# 
loop_
_pdbx_struct_oper_list.id 
_pdbx_struct_oper_list.type 
_pdbx_struct_oper_list.name 
_pdbx_struct_oper_list.symmetry_operation 
_pdbx_struct_oper_list.matrix[1][1] 
_pdbx_struct_oper_list.matrix[1][2] 
_pdbx_struct_oper_list.matrix[1][3] 
_pdbx_struct_oper_list.vector[1] 
_pdbx_struct_oper_list.matrix[2][1] 
_pdbx_struct_oper_list.matrix[2][2] 
_pdbx_struct_oper_list.matrix[2][3] 
_pdbx_struct_oper_list.vector[2] 
_pdbx_struct_oper_list.matrix[3][1] 
_pdbx_struct_oper_list.matrix[3][2] 
_pdbx_struct_oper_list.matrix[3][3] 
_pdbx_struct_oper_list.vector[3] 
1 'identity operation'         1_555 x,y,z  1.0000000000  0.0000000000 0.0000000000  0.0000000000   0.0000000000 1.0000000000 0.0000000000  0.0000000000 0.0000000000  0.0000000000  1.0000000000  0.0000000000  
2 'crystal symmetry operation' 4_555 y,x,-z -0.9764869896 0.1980680516 -0.0851011524 -22.8477084396 0.1980680516 0.6684785292 -0.7168720270 1.2661527138 -0.0851011524 -0.7168720270 -0.6919915396 -3.3658064288 
# 
_struct_biol.id   1 
# 
loop_
_struct_conf.conf_type_id 
_struct_conf.id 
_struct_conf.pdbx_PDB_helix_id 
_struct_conf.beg_label_comp_id 
_struct_conf.beg_label_asym_id 
_struct_conf.beg_label_seq_id 
_struct_conf.pdbx_beg_PDB_ins_code 
_struct_conf.end_label_comp_id 
_struct_conf.end_label_asym_id 
_struct_conf.end_label_seq_id 
_struct_conf.pdbx_end_PDB_ins_code 
_struct_conf.beg_auth_comp_id 
_struct_conf.beg_auth_asym_id 
_struct_conf.beg_auth_seq_id 
_struct_conf.end_auth_comp_id 
_struct_conf.end_auth_asym_id 
_struct_conf.end_auth_seq_id 
_struct_conf.pdbx_PDB_helix_class 
_struct_conf.details 
_struct_conf.pdbx_PDB_helix_length 
HELX_P HELX_P1 1 PRO A 44  ? TYR A 51  ? PRO A 32  TYR A 39  5 ? 8 
HELX_P HELX_P2 2 ASP A 86  ? THR A 92  ? ASP A 74  THR A 80  1 ? 7 
HELX_P HELX_P3 3 SER A 103 ? LEU A 105 ? SER A 91  LEU A 93  5 ? 3 
HELX_P HELX_P4 4 TYR A 114 ? GLU A 119 ? TYR A 102 GLU A 107 1 ? 6 
# 
_struct_conf_type.id          HELX_P 
_struct_conf_type.criteria    ? 
_struct_conf_type.reference   ? 
# 
loop_
_struct_conn.id 
_struct_conn.conn_type_id 
_struct_conn.pdbx_leaving_atom_flag 
_struct_conn.pdbx_PDB_id 
_struct_conn.ptnr1_label_asym_id 
_struct_conn.ptnr1_label_comp_id 
_struct_conn.ptnr1_label_seq_id 
_struct_conn.ptnr1_label_atom_id 
_struct_conn.pdbx_ptnr1_label_alt_id 
_struct_conn.pdbx_ptnr1_PDB_ins_code 
_struct_conn.pdbx_ptnr1_standard_comp_id 
_struct_conn.ptnr1_symmetry 
_struct_conn.ptnr2_label_asym_id 
_struct_conn.ptnr2_label_comp_id 
_struct_conn.ptnr2_label_seq_id 
_struct_conn.ptnr2_label_atom_id 
_struct_conn.pdbx_ptnr2_label_alt_id 
_struct_conn.pdbx_ptnr2_PDB_ins_code 
_struct_conn.ptnr1_auth_asym_id 
_struct_conn.ptnr1_auth_comp_id 
_struct_conn.ptnr1_auth_seq_id 
_struct_conn.ptnr2_auth_asym_id 
_struct_conn.ptnr2_auth_comp_id 
_struct_conn.ptnr2_auth_seq_id 
_struct_conn.ptnr2_symmetry 
_struct_conn.pdbx_ptnr3_label_atom_id 
_struct_conn.pdbx_ptnr3_label_seq_id 
_struct_conn.pdbx_ptnr3_label_comp_id 
_struct_conn.pdbx_ptnr3_label_asym_id 
_struct_conn.pdbx_ptnr3_label_alt_id 
_struct_conn.pdbx_ptnr3_PDB_ins_code 
_struct_conn.details 
_struct_conn.pdbx_dist_value 
_struct_conn.pdbx_value_order 
_struct_conn.pdbx_role 
covale1 covale both ? A VAL 145 C ? ? ? 1_555 A MSE 146 N ? ? A VAL 133 A MSE 134 1_555 ? ? ? ? ? ? ? 1.322 ? ? 
covale2 covale both ? A MSE 146 C ? ? ? 1_555 A VAL 147 N ? ? A MSE 134 A VAL 135 1_555 ? ? ? ? ? ? ? 1.325 ? ? 
covale3 covale both ? A GLU 178 C ? ? ? 1_555 A MSE 179 N ? ? A GLU 166 A MSE 167 1_555 ? ? ? ? ? ? ? 1.314 ? ? 
covale4 covale both ? A MSE 179 C ? ? ? 1_555 A ARG 180 N ? ? A MSE 167 A ARG 168 1_555 ? ? ? ? ? ? ? 1.333 ? ? 
# 
_struct_conn_type.id          covale 
_struct_conn_type.criteria    ? 
_struct_conn_type.reference   ? 
# 
loop_
_pdbx_modification_feature.ordinal 
_pdbx_modification_feature.label_comp_id 
_pdbx_modification_feature.label_asym_id 
_pdbx_modification_feature.label_seq_id 
_pdbx_modification_feature.label_alt_id 
_pdbx_modification_feature.modified_residue_label_comp_id 
_pdbx_modification_feature.modified_residue_label_asym_id 
_pdbx_modification_feature.modified_residue_label_seq_id 
_pdbx_modification_feature.modified_residue_label_alt_id 
_pdbx_modification_feature.auth_comp_id 
_pdbx_modification_feature.auth_asym_id 
_pdbx_modification_feature.auth_seq_id 
_pdbx_modification_feature.PDB_ins_code 
_pdbx_modification_feature.symmetry 
_pdbx_modification_feature.modified_residue_auth_comp_id 
_pdbx_modification_feature.modified_residue_auth_asym_id 
_pdbx_modification_feature.modified_residue_auth_seq_id 
_pdbx_modification_feature.modified_residue_PDB_ins_code 
_pdbx_modification_feature.modified_residue_symmetry 
_pdbx_modification_feature.comp_id_linking_atom 
_pdbx_modification_feature.modified_residue_id_linking_atom 
_pdbx_modification_feature.modified_residue_id 
_pdbx_modification_feature.ref_pcm_id 
_pdbx_modification_feature.ref_comp_id 
_pdbx_modification_feature.type 
_pdbx_modification_feature.category 
1 MSE A 146 ? . . . . MSE A 134 ? 1_555 . . . . . . . MET 1 MSE Selenomethionine 'Named protein modification' 
2 MSE A 179 ? . . . . MSE A 167 ? 1_555 . . . . . . . MET 1 MSE Selenomethionine 'Named protein modification' 
# 
loop_
_struct_mon_prot_cis.pdbx_id 
_struct_mon_prot_cis.label_comp_id 
_struct_mon_prot_cis.label_seq_id 
_struct_mon_prot_cis.label_asym_id 
_struct_mon_prot_cis.label_alt_id 
_struct_mon_prot_cis.pdbx_PDB_ins_code 
_struct_mon_prot_cis.auth_comp_id 
_struct_mon_prot_cis.auth_seq_id 
_struct_mon_prot_cis.auth_asym_id 
_struct_mon_prot_cis.pdbx_label_comp_id_2 
_struct_mon_prot_cis.pdbx_label_seq_id_2 
_struct_mon_prot_cis.pdbx_label_asym_id_2 
_struct_mon_prot_cis.pdbx_PDB_ins_code_2 
_struct_mon_prot_cis.pdbx_auth_comp_id_2 
_struct_mon_prot_cis.pdbx_auth_seq_id_2 
_struct_mon_prot_cis.pdbx_auth_asym_id_2 
_struct_mon_prot_cis.pdbx_PDB_model_num 
_struct_mon_prot_cis.pdbx_omega_angle 
1 ASP 43 A . ? ASP 31 A PRO 44 A ? PRO 32 A 1 -6.81 
2 ASP 43 A . ? ASP 31 A PRO 44 A ? PRO 32 A 1 -8.65 
# 
loop_
_struct_sheet.id 
_struct_sheet.type 
_struct_sheet.number_strands 
_struct_sheet.details 
A ? 7 ? 
B ? 6 ? 
# 
loop_
_struct_sheet_order.sheet_id 
_struct_sheet_order.range_id_1 
_struct_sheet_order.range_id_2 
_struct_sheet_order.offset 
_struct_sheet_order.sense 
A 1 2 ? anti-parallel 
A 2 3 ? anti-parallel 
A 3 4 ? anti-parallel 
A 4 5 ? anti-parallel 
A 5 6 ? anti-parallel 
A 6 7 ? anti-parallel 
B 1 2 ? anti-parallel 
B 2 3 ? anti-parallel 
B 3 4 ? anti-parallel 
B 4 5 ? parallel      
B 5 6 ? anti-parallel 
# 
loop_
_struct_sheet_range.sheet_id 
_struct_sheet_range.id 
_struct_sheet_range.beg_label_comp_id 
_struct_sheet_range.beg_label_asym_id 
_struct_sheet_range.beg_label_seq_id 
_struct_sheet_range.pdbx_beg_PDB_ins_code 
_struct_sheet_range.end_label_comp_id 
_struct_sheet_range.end_label_asym_id 
_struct_sheet_range.end_label_seq_id 
_struct_sheet_range.pdbx_end_PDB_ins_code 
_struct_sheet_range.beg_auth_comp_id 
_struct_sheet_range.beg_auth_asym_id 
_struct_sheet_range.beg_auth_seq_id 
_struct_sheet_range.end_auth_comp_id 
_struct_sheet_range.end_auth_asym_id 
_struct_sheet_range.end_auth_seq_id 
A 1 LEU A 20  ? TYR A 30  ? LEU A 8   TYR A 18  
A 2 GLU A 35  ? SER A 40  ? GLU A 23  SER A 28  
A 3 VAL A 76  ? LEU A 81  ? VAL A 64  LEU A 69  
A 4 GLU A 61  ? HIS A 73  ? GLU A 49  HIS A 61  
A 5 ARG A 53  ? ARG A 58  ? ARG A 41  ARG A 46  
A 6 GLU A 97  ? PRO A 101 ? GLU A 85  PRO A 89  
A 7 LEU A 20  ? TYR A 30  ? LEU A 8   TYR A 18  
B 1 ARG A 160 ? PRO A 163 ? ARG A 148 PRO A 151 
B 2 VAL A 145 ? LYS A 149 ? VAL A 133 LYS A 137 
B 3 LEU A 130 ? LEU A 138 ? LEU A 118 LEU A 126 
B 4 LYS A 122 ? ASP A 125 ? LYS A 110 ASP A 113 
B 5 GLU A 178 ? VAL A 181 ? GLU A 166 VAL A 169 
B 6 VAL A 169 ? ASP A 173 ? VAL A 157 ASP A 161 
# 
loop_
_pdbx_struct_sheet_hbond.sheet_id 
_pdbx_struct_sheet_hbond.range_id_1 
_pdbx_struct_sheet_hbond.range_id_2 
_pdbx_struct_sheet_hbond.range_1_label_atom_id 
_pdbx_struct_sheet_hbond.range_1_label_comp_id 
_pdbx_struct_sheet_hbond.range_1_label_asym_id 
_pdbx_struct_sheet_hbond.range_1_label_seq_id 
_pdbx_struct_sheet_hbond.range_1_PDB_ins_code 
_pdbx_struct_sheet_hbond.range_1_auth_atom_id 
_pdbx_struct_sheet_hbond.range_1_auth_comp_id 
_pdbx_struct_sheet_hbond.range_1_auth_asym_id 
_pdbx_struct_sheet_hbond.range_1_auth_seq_id 
_pdbx_struct_sheet_hbond.range_2_label_atom_id 
_pdbx_struct_sheet_hbond.range_2_label_comp_id 
_pdbx_struct_sheet_hbond.range_2_label_asym_id 
_pdbx_struct_sheet_hbond.range_2_label_seq_id 
_pdbx_struct_sheet_hbond.range_2_PDB_ins_code 
_pdbx_struct_sheet_hbond.range_2_auth_atom_id 
_pdbx_struct_sheet_hbond.range_2_auth_comp_id 
_pdbx_struct_sheet_hbond.range_2_auth_asym_id 
_pdbx_struct_sheet_hbond.range_2_auth_seq_id 
A 1 2 N LYS A 25  ? N LYS A 13  O TYR A 39  ? O TYR A 27  
A 2 3 N VAL A 38  ? N VAL A 26  O LEU A 77  ? O LEU A 65  
A 3 4 O VAL A 76  ? O VAL A 64  N HIS A 73  ? N HIS A 61  
A 4 5 O ARG A 63  ? O ARG A 51  N LEU A 56  ? N LEU A 44  
A 5 6 N ARG A 57  ? N ARG A 45  O GLU A 97  ? O GLU A 85  
A 6 7 O ILE A 100 ? O ILE A 88  N VAL A 21  ? N VAL A 9   
B 1 2 O LEU A 162 ? O LEU A 150 N MSE A 146 ? N MSE A 134 
B 2 3 O VAL A 147 ? O VAL A 135 N ASP A 135 ? N ASP A 123 
B 3 4 O GLY A 132 ? O GLY A 120 N VAL A 123 ? N VAL A 111 
B 4 5 N ILE A 124 ? N ILE A 112 O MSE A 179 ? O MSE A 167 
B 5 6 O GLU A 178 ? O GLU A 166 N ASP A 173 ? N ASP A 161 
# 
loop_
_struct_site.id 
_struct_site.pdbx_evidence_code 
_struct_site.pdbx_auth_asym_id 
_struct_site.pdbx_auth_comp_id 
_struct_site.pdbx_auth_seq_id 
_struct_site.pdbx_auth_ins_code 
_struct_site.pdbx_num_residues 
_struct_site.details 
AC1 Software A UNL 176 ? 4  'BINDING SITE FOR RESIDUE UNL A 176' 
AC2 Software A UNL 177 ? 14 'BINDING SITE FOR RESIDUE UNL A 177' 
AC3 Software A GOL 178 ? 3  'BINDING SITE FOR RESIDUE GOL A 178' 
AC4 Software A GOL 179 ? 6  'BINDING SITE FOR RESIDUE GOL A 179' 
AC5 Software A GOL 180 ? 8  'BINDING SITE FOR RESIDUE GOL A 180' 
# 
loop_
_struct_site_gen.id 
_struct_site_gen.site_id 
_struct_site_gen.pdbx_num_res 
_struct_site_gen.label_comp_id 
_struct_site_gen.label_asym_id 
_struct_site_gen.label_seq_id 
_struct_site_gen.pdbx_auth_ins_code 
_struct_site_gen.auth_comp_id 
_struct_site_gen.auth_asym_id 
_struct_site_gen.auth_seq_id 
_struct_site_gen.label_atom_id 
_struct_site_gen.label_alt_id 
_struct_site_gen.symmetry 
_struct_site_gen.details 
1  AC1 4  ASP A 43  ? ASP A 31  . ? 1_555 ? 
2  AC1 4  ALA A 142 ? ALA A 130 . ? 4_555 ? 
3  AC1 4  ASP A 144 ? ASP A 132 . ? 1_555 ? 
4  AC1 4  TYR A 164 ? TYR A 152 . ? 1_555 ? 
5  AC2 14 TYR A 39  ? TYR A 27  . ? 1_555 ? 
6  AC2 14 SER A 40  ? SER A 28  . ? 1_555 ? 
7  AC2 14 PHE A 41  ? PHE A 29  . ? 1_555 ? 
8  AC2 14 THR A 42  ? THR A 30  . ? 1_555 ? 
9  AC2 14 LEU A 45  ? LEU A 33  . ? 1_555 ? 
10 AC2 14 LYS A 75  ? LYS A 63  . ? 1_555 ? 
11 AC2 14 ASN A 143 ? ASN A 131 . ? 4_555 ? 
12 AC2 14 LEU A 161 ? LEU A 149 . ? 4_555 ? 
13 AC2 14 PRO A 163 ? PRO A 151 . ? 4_555 ? 
14 AC2 14 THR A 165 ? THR A 153 . ? 4_555 ? 
15 AC2 14 THR A 165 ? THR A 153 . ? 1_555 ? 
16 AC2 14 GLN A 167 ? GLN A 155 . ? 1_555 ? 
17 AC2 14 GOL E .   ? GOL A 179 . ? 4_555 ? 
18 AC2 14 HOH G .   ? HOH A 195 . ? 4_555 ? 
19 AC3 3  LYS A 82  ? LYS A 70  . ? 1_555 ? 
20 AC3 3  GLY A 83  ? GLY A 71  . ? 1_555 ? 
21 AC3 3  GLU A 89  ? GLU A 77  . ? 1_555 ? 
22 AC4 6  LYS A 75  ? LYS A 63  . ? 4_555 ? 
23 AC4 6  GLN A 167 ? GLN A 155 . ? 4_555 ? 
24 AC4 6  TRP A 183 ? TRP A 171 . ? 1_555 ? 
25 AC4 6  ASP A 184 ? ASP A 172 . ? 1_555 ? 
26 AC4 6  UNL C .   ? UNL A 177 . ? 4_555 ? 
27 AC4 6  HOH G .   ? HOH A 215 . ? 1_555 ? 
28 AC5 8  PRO A 44  ? PRO A 32  . ? 1_555 ? 
29 AC5 8  ASP A 46  ? ASP A 34  . ? 1_555 ? 
30 AC5 8  ASN A 47  ? ASN A 35  . ? 1_555 ? 
31 AC5 8  ASP A 50  ? ASP A 38  . ? 1_555 ? 
32 AC5 8  TYR A 113 ? TYR A 101 . ? 1_555 ? 
33 AC5 8  SER A 171 ? SER A 159 . ? 1_555 ? 
34 AC5 8  ILE A 172 ? ILE A 160 . ? 1_555 ? 
35 AC5 8  HOH G .   ? HOH A 202 . ? 3_564 ? 
# 
_pdbx_entry_details.entry_id                   2F1L 
_pdbx_entry_details.compound_details           ? 
_pdbx_entry_details.source_details             ? 
_pdbx_entry_details.nonpolymer_details         ? 
_pdbx_entry_details.sequence_details           ? 
_pdbx_entry_details.has_ligand_of_interest     ? 
_pdbx_entry_details.has_protein_modification   Y 
# 
loop_
_pdbx_validate_torsion.id 
_pdbx_validate_torsion.PDB_model_num 
_pdbx_validate_torsion.auth_comp_id 
_pdbx_validate_torsion.auth_asym_id 
_pdbx_validate_torsion.auth_seq_id 
_pdbx_validate_torsion.PDB_ins_code 
_pdbx_validate_torsion.label_alt_id 
_pdbx_validate_torsion.phi 
_pdbx_validate_torsion.psi 
1 1 SER A 16  ? ? -170.55 -166.95 
2 1 ARG A 51  ? ? -175.63 148.65  
3 1 ARG A 116 ? ? 83.28   -0.26   
4 1 ALA A 130 ? ? -136.84 -129.46 
5 1 ASP A 144 ? ? -148.97 -149.08 
# 
_pdbx_SG_project.project_name          'PSI, Protein Structure Initiative' 
_pdbx_SG_project.full_name_of_center   'Joint Center for Structural Genomics' 
_pdbx_SG_project.id                    1 
_pdbx_SG_project.initial_of_center     JCSG 
# 
loop_
_pdbx_struct_mod_residue.id 
_pdbx_struct_mod_residue.label_asym_id 
_pdbx_struct_mod_residue.label_comp_id 
_pdbx_struct_mod_residue.label_seq_id 
_pdbx_struct_mod_residue.auth_asym_id 
_pdbx_struct_mod_residue.auth_comp_id 
_pdbx_struct_mod_residue.auth_seq_id 
_pdbx_struct_mod_residue.PDB_ins_code 
_pdbx_struct_mod_residue.parent_comp_id 
_pdbx_struct_mod_residue.details 
1 A MSE 146 A MSE 134 ? MET SELENOMETHIONINE 
2 A MSE 179 A MSE 167 ? MET SELENOMETHIONINE 
# 
loop_
_pdbx_refine_tls.id 
_pdbx_refine_tls.details 
_pdbx_refine_tls.method 
_pdbx_refine_tls.origin_x 
_pdbx_refine_tls.origin_y 
_pdbx_refine_tls.origin_z 
_pdbx_refine_tls.T[1][1] 
_pdbx_refine_tls.T[2][2] 
_pdbx_refine_tls.T[3][3] 
_pdbx_refine_tls.T[1][2] 
_pdbx_refine_tls.T[1][3] 
_pdbx_refine_tls.T[2][3] 
_pdbx_refine_tls.L[1][1] 
_pdbx_refine_tls.L[2][2] 
_pdbx_refine_tls.L[3][3] 
_pdbx_refine_tls.L[1][2] 
_pdbx_refine_tls.L[1][3] 
_pdbx_refine_tls.L[2][3] 
_pdbx_refine_tls.S[1][1] 
_pdbx_refine_tls.S[2][2] 
_pdbx_refine_tls.S[3][3] 
_pdbx_refine_tls.S[1][2] 
_pdbx_refine_tls.S[1][3] 
_pdbx_refine_tls.S[2][3] 
_pdbx_refine_tls.S[2][1] 
_pdbx_refine_tls.S[3][1] 
_pdbx_refine_tls.S[3][2] 
_pdbx_refine_tls.pdbx_refine_id 
1 ? refined 7.0123  -5.4649 -8.9001 0.2342 0.1371 0.1548 0.0549  -0.0041 0.0002  5.0399 1.1248 5.8005 0.0532 -2.1859 0.1355 -0.1972 0.0234  0.1738  -0.1618 -0.6483 -0.0613 0.0680 0.5806  0.4141 'X-RAY DIFFRACTION' 
2 ? refined -8.0817 6.4946  9.7503  0.2021 0.1997 0.0570 -0.0117 0.0149  -0.0275 6.2552 3.0398 3.7094 1.6863 1.4252  0.9449 0.1633  -0.1156 -0.0478 -0.6499 0.1866  0.1527  0.2854 -0.0129 0.0613 'X-RAY DIFFRACTION' 
# 
loop_
_pdbx_refine_tls_group.id 
_pdbx_refine_tls_group.refine_tls_id 
_pdbx_refine_tls_group.beg_label_asym_id 
_pdbx_refine_tls_group.beg_label_seq_id 
_pdbx_refine_tls_group.end_label_asym_id 
_pdbx_refine_tls_group.end_label_seq_id 
_pdbx_refine_tls_group.selection 
_pdbx_refine_tls_group.beg_auth_asym_id 
_pdbx_refine_tls_group.beg_auth_seq_id 
_pdbx_refine_tls_group.end_auth_asym_id 
_pdbx_refine_tls_group.end_auth_seq_id 
_pdbx_refine_tls_group.pdbx_refine_id 
_pdbx_refine_tls_group.selection_details 
1 1 A 19  A 107 all A 7   A 95  'X-RAY DIFFRACTION' ? 
2 2 A 113 A 187 all A 101 A 175 'X-RAY DIFFRACTION' ? 
# 
_phasing.method   MAD 
# 
loop_
_pdbx_unobs_or_zero_occ_residues.id 
_pdbx_unobs_or_zero_occ_residues.PDB_model_num 
_pdbx_unobs_or_zero_occ_residues.polymer_flag 
_pdbx_unobs_or_zero_occ_residues.occupancy_flag 
_pdbx_unobs_or_zero_occ_residues.auth_asym_id 
_pdbx_unobs_or_zero_occ_residues.auth_comp_id 
_pdbx_unobs_or_zero_occ_residues.auth_seq_id 
_pdbx_unobs_or_zero_occ_residues.PDB_ins_code 
_pdbx_unobs_or_zero_occ_residues.label_asym_id 
_pdbx_unobs_or_zero_occ_residues.label_comp_id 
_pdbx_unobs_or_zero_occ_residues.label_seq_id 
1  1 Y 1 A MSE -11 ? A MSE 1   
2  1 Y 1 A GLY -10 ? A GLY 2   
3  1 Y 1 A SER -9  ? A SER 3   
4  1 Y 1 A ASP -8  ? A ASP 4   
5  1 Y 1 A LYS -7  ? A LYS 5   
6  1 Y 1 A ILE -6  ? A ILE 6   
7  1 Y 1 A HIS -5  ? A HIS 7   
8  1 Y 1 A HIS -4  ? A HIS 8   
9  1 Y 1 A HIS -3  ? A HIS 9   
10 1 Y 1 A HIS -2  ? A HIS 10  
11 1 Y 1 A HIS -1  ? A HIS 11  
12 1 Y 1 A HIS 0   ? A HIS 12  
13 1 Y 1 A MSE 1   ? A MSE 13  
14 1 Y 1 A PRO 2   ? A PRO 14  
15 1 Y 1 A THR 3   ? A THR 15  
16 1 Y 1 A PRO 4   ? A PRO 16  
17 1 Y 1 A ALA 5   ? A ALA 17  
18 1 Y 1 A ASP 6   ? A ASP 18  
19 1 Y 1 A LEU 96  ? A LEU 108 
20 1 Y 1 A GLU 97  ? A GLU 109 
21 1 Y 1 A GLU 98  ? A GLU 110 
22 1 Y 1 A GLY 99  ? A GLY 111 
23 1 Y 1 A GLU 100 ? A GLU 112 
# 
loop_
_chem_comp_atom.comp_id 
_chem_comp_atom.atom_id 
_chem_comp_atom.type_symbol 
_chem_comp_atom.pdbx_aromatic_flag 
_chem_comp_atom.pdbx_stereo_config 
_chem_comp_atom.pdbx_ordinal 
ALA N    N  N N 1   
ALA CA   C  N S 2   
ALA C    C  N N 3   
ALA O    O  N N 4   
ALA CB   C  N N 5   
ALA OXT  O  N N 6   
ALA H    H  N N 7   
ALA H2   H  N N 8   
ALA HA   H  N N 9   
ALA HB1  H  N N 10  
ALA HB2  H  N N 11  
ALA HB3  H  N N 12  
ALA HXT  H  N N 13  
ARG N    N  N N 14  
ARG CA   C  N S 15  
ARG C    C  N N 16  
ARG O    O  N N 17  
ARG CB   C  N N 18  
ARG CG   C  N N 19  
ARG CD   C  N N 20  
ARG NE   N  N N 21  
ARG CZ   C  N N 22  
ARG NH1  N  N N 23  
ARG NH2  N  N N 24  
ARG OXT  O  N N 25  
ARG H    H  N N 26  
ARG H2   H  N N 27  
ARG HA   H  N N 28  
ARG HB2  H  N N 29  
ARG HB3  H  N N 30  
ARG HG2  H  N N 31  
ARG HG3  H  N N 32  
ARG HD2  H  N N 33  
ARG HD3  H  N N 34  
ARG HE   H  N N 35  
ARG HH11 H  N N 36  
ARG HH12 H  N N 37  
ARG HH21 H  N N 38  
ARG HH22 H  N N 39  
ARG HXT  H  N N 40  
ASN N    N  N N 41  
ASN CA   C  N S 42  
ASN C    C  N N 43  
ASN O    O  N N 44  
ASN CB   C  N N 45  
ASN CG   C  N N 46  
ASN OD1  O  N N 47  
ASN ND2  N  N N 48  
ASN OXT  O  N N 49  
ASN H    H  N N 50  
ASN H2   H  N N 51  
ASN HA   H  N N 52  
ASN HB2  H  N N 53  
ASN HB3  H  N N 54  
ASN HD21 H  N N 55  
ASN HD22 H  N N 56  
ASN HXT  H  N N 57  
ASP N    N  N N 58  
ASP CA   C  N S 59  
ASP C    C  N N 60  
ASP O    O  N N 61  
ASP CB   C  N N 62  
ASP CG   C  N N 63  
ASP OD1  O  N N 64  
ASP OD2  O  N N 65  
ASP OXT  O  N N 66  
ASP H    H  N N 67  
ASP H2   H  N N 68  
ASP HA   H  N N 69  
ASP HB2  H  N N 70  
ASP HB3  H  N N 71  
ASP HD2  H  N N 72  
ASP HXT  H  N N 73  
CYS N    N  N N 74  
CYS CA   C  N R 75  
CYS C    C  N N 76  
CYS O    O  N N 77  
CYS CB   C  N N 78  
CYS SG   S  N N 79  
CYS OXT  O  N N 80  
CYS H    H  N N 81  
CYS H2   H  N N 82  
CYS HA   H  N N 83  
CYS HB2  H  N N 84  
CYS HB3  H  N N 85  
CYS HG   H  N N 86  
CYS HXT  H  N N 87  
GLN N    N  N N 88  
GLN CA   C  N S 89  
GLN C    C  N N 90  
GLN O    O  N N 91  
GLN CB   C  N N 92  
GLN CG   C  N N 93  
GLN CD   C  N N 94  
GLN OE1  O  N N 95  
GLN NE2  N  N N 96  
GLN OXT  O  N N 97  
GLN H    H  N N 98  
GLN H2   H  N N 99  
GLN HA   H  N N 100 
GLN HB2  H  N N 101 
GLN HB3  H  N N 102 
GLN HG2  H  N N 103 
GLN HG3  H  N N 104 
GLN HE21 H  N N 105 
GLN HE22 H  N N 106 
GLN HXT  H  N N 107 
GLU N    N  N N 108 
GLU CA   C  N S 109 
GLU C    C  N N 110 
GLU O    O  N N 111 
GLU CB   C  N N 112 
GLU CG   C  N N 113 
GLU CD   C  N N 114 
GLU OE1  O  N N 115 
GLU OE2  O  N N 116 
GLU OXT  O  N N 117 
GLU H    H  N N 118 
GLU H2   H  N N 119 
GLU HA   H  N N 120 
GLU HB2  H  N N 121 
GLU HB3  H  N N 122 
GLU HG2  H  N N 123 
GLU HG3  H  N N 124 
GLU HE2  H  N N 125 
GLU HXT  H  N N 126 
GLY N    N  N N 127 
GLY CA   C  N N 128 
GLY C    C  N N 129 
GLY O    O  N N 130 
GLY OXT  O  N N 131 
GLY H    H  N N 132 
GLY H2   H  N N 133 
GLY HA2  H  N N 134 
GLY HA3  H  N N 135 
GLY HXT  H  N N 136 
GOL C1   C  N N 137 
GOL O1   O  N N 138 
GOL C2   C  N N 139 
GOL O2   O  N N 140 
GOL C3   C  N N 141 
GOL O3   O  N N 142 
GOL H11  H  N N 143 
GOL H12  H  N N 144 
GOL HO1  H  N N 145 
GOL H2   H  N N 146 
GOL HO2  H  N N 147 
GOL H31  H  N N 148 
GOL H32  H  N N 149 
GOL HO3  H  N N 150 
HIS N    N  N N 151 
HIS CA   C  N S 152 
HIS C    C  N N 153 
HIS O    O  N N 154 
HIS CB   C  N N 155 
HIS CG   C  Y N 156 
HIS ND1  N  Y N 157 
HIS CD2  C  Y N 158 
HIS CE1  C  Y N 159 
HIS NE2  N  Y N 160 
HIS OXT  O  N N 161 
HIS H    H  N N 162 
HIS H2   H  N N 163 
HIS HA   H  N N 164 
HIS HB2  H  N N 165 
HIS HB3  H  N N 166 
HIS HD1  H  N N 167 
HIS HD2  H  N N 168 
HIS HE1  H  N N 169 
HIS HE2  H  N N 170 
HIS HXT  H  N N 171 
HOH O    O  N N 172 
HOH H1   H  N N 173 
HOH H2   H  N N 174 
ILE N    N  N N 175 
ILE CA   C  N S 176 
ILE C    C  N N 177 
ILE O    O  N N 178 
ILE CB   C  N S 179 
ILE CG1  C  N N 180 
ILE CG2  C  N N 181 
ILE CD1  C  N N 182 
ILE OXT  O  N N 183 
ILE H    H  N N 184 
ILE H2   H  N N 185 
ILE HA   H  N N 186 
ILE HB   H  N N 187 
ILE HG12 H  N N 188 
ILE HG13 H  N N 189 
ILE HG21 H  N N 190 
ILE HG22 H  N N 191 
ILE HG23 H  N N 192 
ILE HD11 H  N N 193 
ILE HD12 H  N N 194 
ILE HD13 H  N N 195 
ILE HXT  H  N N 196 
LEU N    N  N N 197 
LEU CA   C  N S 198 
LEU C    C  N N 199 
LEU O    O  N N 200 
LEU CB   C  N N 201 
LEU CG   C  N N 202 
LEU CD1  C  N N 203 
LEU CD2  C  N N 204 
LEU OXT  O  N N 205 
LEU H    H  N N 206 
LEU H2   H  N N 207 
LEU HA   H  N N 208 
LEU HB2  H  N N 209 
LEU HB3  H  N N 210 
LEU HG   H  N N 211 
LEU HD11 H  N N 212 
LEU HD12 H  N N 213 
LEU HD13 H  N N 214 
LEU HD21 H  N N 215 
LEU HD22 H  N N 216 
LEU HD23 H  N N 217 
LEU HXT  H  N N 218 
LYS N    N  N N 219 
LYS CA   C  N S 220 
LYS C    C  N N 221 
LYS O    O  N N 222 
LYS CB   C  N N 223 
LYS CG   C  N N 224 
LYS CD   C  N N 225 
LYS CE   C  N N 226 
LYS NZ   N  N N 227 
LYS OXT  O  N N 228 
LYS H    H  N N 229 
LYS H2   H  N N 230 
LYS HA   H  N N 231 
LYS HB2  H  N N 232 
LYS HB3  H  N N 233 
LYS HG2  H  N N 234 
LYS HG3  H  N N 235 
LYS HD2  H  N N 236 
LYS HD3  H  N N 237 
LYS HE2  H  N N 238 
LYS HE3  H  N N 239 
LYS HZ1  H  N N 240 
LYS HZ2  H  N N 241 
LYS HZ3  H  N N 242 
LYS HXT  H  N N 243 
MET N    N  N N 244 
MET CA   C  N S 245 
MET C    C  N N 246 
MET O    O  N N 247 
MET CB   C  N N 248 
MET CG   C  N N 249 
MET SD   S  N N 250 
MET CE   C  N N 251 
MET OXT  O  N N 252 
MET H    H  N N 253 
MET H2   H  N N 254 
MET HA   H  N N 255 
MET HB2  H  N N 256 
MET HB3  H  N N 257 
MET HG2  H  N N 258 
MET HG3  H  N N 259 
MET HE1  H  N N 260 
MET HE2  H  N N 261 
MET HE3  H  N N 262 
MET HXT  H  N N 263 
MSE N    N  N N 264 
MSE CA   C  N S 265 
MSE C    C  N N 266 
MSE O    O  N N 267 
MSE OXT  O  N N 268 
MSE CB   C  N N 269 
MSE CG   C  N N 270 
MSE SE   SE N N 271 
MSE CE   C  N N 272 
MSE H    H  N N 273 
MSE H2   H  N N 274 
MSE HA   H  N N 275 
MSE HXT  H  N N 276 
MSE HB2  H  N N 277 
MSE HB3  H  N N 278 
MSE HG2  H  N N 279 
MSE HG3  H  N N 280 
MSE HE1  H  N N 281 
MSE HE2  H  N N 282 
MSE HE3  H  N N 283 
PHE N    N  N N 284 
PHE CA   C  N S 285 
PHE C    C  N N 286 
PHE O    O  N N 287 
PHE CB   C  N N 288 
PHE CG   C  Y N 289 
PHE CD1  C  Y N 290 
PHE CD2  C  Y N 291 
PHE CE1  C  Y N 292 
PHE CE2  C  Y N 293 
PHE CZ   C  Y N 294 
PHE OXT  O  N N 295 
PHE H    H  N N 296 
PHE H2   H  N N 297 
PHE HA   H  N N 298 
PHE HB2  H  N N 299 
PHE HB3  H  N N 300 
PHE HD1  H  N N 301 
PHE HD2  H  N N 302 
PHE HE1  H  N N 303 
PHE HE2  H  N N 304 
PHE HZ   H  N N 305 
PHE HXT  H  N N 306 
PRO N    N  N N 307 
PRO CA   C  N S 308 
PRO C    C  N N 309 
PRO O    O  N N 310 
PRO CB   C  N N 311 
PRO CG   C  N N 312 
PRO CD   C  N N 313 
PRO OXT  O  N N 314 
PRO H    H  N N 315 
PRO HA   H  N N 316 
PRO HB2  H  N N 317 
PRO HB3  H  N N 318 
PRO HG2  H  N N 319 
PRO HG3  H  N N 320 
PRO HD2  H  N N 321 
PRO HD3  H  N N 322 
PRO HXT  H  N N 323 
SER N    N  N N 324 
SER CA   C  N S 325 
SER C    C  N N 326 
SER O    O  N N 327 
SER CB   C  N N 328 
SER OG   O  N N 329 
SER OXT  O  N N 330 
SER H    H  N N 331 
SER H2   H  N N 332 
SER HA   H  N N 333 
SER HB2  H  N N 334 
SER HB3  H  N N 335 
SER HG   H  N N 336 
SER HXT  H  N N 337 
THR N    N  N N 338 
THR CA   C  N S 339 
THR C    C  N N 340 
THR O    O  N N 341 
THR CB   C  N R 342 
THR OG1  O  N N 343 
THR CG2  C  N N 344 
THR OXT  O  N N 345 
THR H    H  N N 346 
THR H2   H  N N 347 
THR HA   H  N N 348 
THR HB   H  N N 349 
THR HG1  H  N N 350 
THR HG21 H  N N 351 
THR HG22 H  N N 352 
THR HG23 H  N N 353 
THR HXT  H  N N 354 
TRP N    N  N N 355 
TRP CA   C  N S 356 
TRP C    C  N N 357 
TRP O    O  N N 358 
TRP CB   C  N N 359 
TRP CG   C  Y N 360 
TRP CD1  C  Y N 361 
TRP CD2  C  Y N 362 
TRP NE1  N  Y N 363 
TRP CE2  C  Y N 364 
TRP CE3  C  Y N 365 
TRP CZ2  C  Y N 366 
TRP CZ3  C  Y N 367 
TRP CH2  C  Y N 368 
TRP OXT  O  N N 369 
TRP H    H  N N 370 
TRP H2   H  N N 371 
TRP HA   H  N N 372 
TRP HB2  H  N N 373 
TRP HB3  H  N N 374 
TRP HD1  H  N N 375 
TRP HE1  H  N N 376 
TRP HE3  H  N N 377 
TRP HZ2  H  N N 378 
TRP HZ3  H  N N 379 
TRP HH2  H  N N 380 
TRP HXT  H  N N 381 
TYR N    N  N N 382 
TYR CA   C  N S 383 
TYR C    C  N N 384 
TYR O    O  N N 385 
TYR CB   C  N N 386 
TYR CG   C  Y N 387 
TYR CD1  C  Y N 388 
TYR CD2  C  Y N 389 
TYR CE1  C  Y N 390 
TYR CE2  C  Y N 391 
TYR CZ   C  Y N 392 
TYR OH   O  N N 393 
TYR OXT  O  N N 394 
TYR H    H  N N 395 
TYR H2   H  N N 396 
TYR HA   H  N N 397 
TYR HB2  H  N N 398 
TYR HB3  H  N N 399 
TYR HD1  H  N N 400 
TYR HD2  H  N N 401 
TYR HE1  H  N N 402 
TYR HE2  H  N N 403 
TYR HH   H  N N 404 
TYR HXT  H  N N 405 
VAL N    N  N N 406 
VAL CA   C  N S 407 
VAL C    C  N N 408 
VAL O    O  N N 409 
VAL CB   C  N N 410 
VAL CG1  C  N N 411 
VAL CG2  C  N N 412 
VAL OXT  O  N N 413 
VAL H    H  N N 414 
VAL H2   H  N N 415 
VAL HA   H  N N 416 
VAL HB   H  N N 417 
VAL HG11 H  N N 418 
VAL HG12 H  N N 419 
VAL HG13 H  N N 420 
VAL HG21 H  N N 421 
VAL HG22 H  N N 422 
VAL HG23 H  N N 423 
VAL HXT  H  N N 424 
# 
loop_
_chem_comp_bond.comp_id 
_chem_comp_bond.atom_id_1 
_chem_comp_bond.atom_id_2 
_chem_comp_bond.value_order 
_chem_comp_bond.pdbx_aromatic_flag 
_chem_comp_bond.pdbx_stereo_config 
_chem_comp_bond.pdbx_ordinal 
ALA N   CA   sing N N 1   
ALA N   H    sing N N 2   
ALA N   H2   sing N N 3   
ALA CA  C    sing N N 4   
ALA CA  CB   sing N N 5   
ALA CA  HA   sing N N 6   
ALA C   O    doub N N 7   
ALA C   OXT  sing N N 8   
ALA CB  HB1  sing N N 9   
ALA CB  HB2  sing N N 10  
ALA CB  HB3  sing N N 11  
ALA OXT HXT  sing N N 12  
ARG N   CA   sing N N 13  
ARG N   H    sing N N 14  
ARG N   H2   sing N N 15  
ARG CA  C    sing N N 16  
ARG CA  CB   sing N N 17  
ARG CA  HA   sing N N 18  
ARG C   O    doub N N 19  
ARG C   OXT  sing N N 20  
ARG CB  CG   sing N N 21  
ARG CB  HB2  sing N N 22  
ARG CB  HB3  sing N N 23  
ARG CG  CD   sing N N 24  
ARG CG  HG2  sing N N 25  
ARG CG  HG3  sing N N 26  
ARG CD  NE   sing N N 27  
ARG CD  HD2  sing N N 28  
ARG CD  HD3  sing N N 29  
ARG NE  CZ   sing N N 30  
ARG NE  HE   sing N N 31  
ARG CZ  NH1  sing N N 32  
ARG CZ  NH2  doub N N 33  
ARG NH1 HH11 sing N N 34  
ARG NH1 HH12 sing N N 35  
ARG NH2 HH21 sing N N 36  
ARG NH2 HH22 sing N N 37  
ARG OXT HXT  sing N N 38  
ASN N   CA   sing N N 39  
ASN N   H    sing N N 40  
ASN N   H2   sing N N 41  
ASN CA  C    sing N N 42  
ASN CA  CB   sing N N 43  
ASN CA  HA   sing N N 44  
ASN C   O    doub N N 45  
ASN C   OXT  sing N N 46  
ASN CB  CG   sing N N 47  
ASN CB  HB2  sing N N 48  
ASN CB  HB3  sing N N 49  
ASN CG  OD1  doub N N 50  
ASN CG  ND2  sing N N 51  
ASN ND2 HD21 sing N N 52  
ASN ND2 HD22 sing N N 53  
ASN OXT HXT  sing N N 54  
ASP N   CA   sing N N 55  
ASP N   H    sing N N 56  
ASP N   H2   sing N N 57  
ASP CA  C    sing N N 58  
ASP CA  CB   sing N N 59  
ASP CA  HA   sing N N 60  
ASP C   O    doub N N 61  
ASP C   OXT  sing N N 62  
ASP CB  CG   sing N N 63  
ASP CB  HB2  sing N N 64  
ASP CB  HB3  sing N N 65  
ASP CG  OD1  doub N N 66  
ASP CG  OD2  sing N N 67  
ASP OD2 HD2  sing N N 68  
ASP OXT HXT  sing N N 69  
CYS N   CA   sing N N 70  
CYS N   H    sing N N 71  
CYS N   H2   sing N N 72  
CYS CA  C    sing N N 73  
CYS CA  CB   sing N N 74  
CYS CA  HA   sing N N 75  
CYS C   O    doub N N 76  
CYS C   OXT  sing N N 77  
CYS CB  SG   sing N N 78  
CYS CB  HB2  sing N N 79  
CYS CB  HB3  sing N N 80  
CYS SG  HG   sing N N 81  
CYS OXT HXT  sing N N 82  
GLN N   CA   sing N N 83  
GLN N   H    sing N N 84  
GLN N   H2   sing N N 85  
GLN CA  C    sing N N 86  
GLN CA  CB   sing N N 87  
GLN CA  HA   sing N N 88  
GLN C   O    doub N N 89  
GLN C   OXT  sing N N 90  
GLN CB  CG   sing N N 91  
GLN CB  HB2  sing N N 92  
GLN CB  HB3  sing N N 93  
GLN CG  CD   sing N N 94  
GLN CG  HG2  sing N N 95  
GLN CG  HG3  sing N N 96  
GLN CD  OE1  doub N N 97  
GLN CD  NE2  sing N N 98  
GLN NE2 HE21 sing N N 99  
GLN NE2 HE22 sing N N 100 
GLN OXT HXT  sing N N 101 
GLU N   CA   sing N N 102 
GLU N   H    sing N N 103 
GLU N   H2   sing N N 104 
GLU CA  C    sing N N 105 
GLU CA  CB   sing N N 106 
GLU CA  HA   sing N N 107 
GLU C   O    doub N N 108 
GLU C   OXT  sing N N 109 
GLU CB  CG   sing N N 110 
GLU CB  HB2  sing N N 111 
GLU CB  HB3  sing N N 112 
GLU CG  CD   sing N N 113 
GLU CG  HG2  sing N N 114 
GLU CG  HG3  sing N N 115 
GLU CD  OE1  doub N N 116 
GLU CD  OE2  sing N N 117 
GLU OE2 HE2  sing N N 118 
GLU OXT HXT  sing N N 119 
GLY N   CA   sing N N 120 
GLY N   H    sing N N 121 
GLY N   H2   sing N N 122 
GLY CA  C    sing N N 123 
GLY CA  HA2  sing N N 124 
GLY CA  HA3  sing N N 125 
GLY C   O    doub N N 126 
GLY C   OXT  sing N N 127 
GLY OXT HXT  sing N N 128 
GOL C1  O1   sing N N 129 
GOL C1  C2   sing N N 130 
GOL C1  H11  sing N N 131 
GOL C1  H12  sing N N 132 
GOL O1  HO1  sing N N 133 
GOL C2  O2   sing N N 134 
GOL C2  C3   sing N N 135 
GOL C2  H2   sing N N 136 
GOL O2  HO2  sing N N 137 
GOL C3  O3   sing N N 138 
GOL C3  H31  sing N N 139 
GOL C3  H32  sing N N 140 
GOL O3  HO3  sing N N 141 
HIS N   CA   sing N N 142 
HIS N   H    sing N N 143 
HIS N   H2   sing N N 144 
HIS CA  C    sing N N 145 
HIS CA  CB   sing N N 146 
HIS CA  HA   sing N N 147 
HIS C   O    doub N N 148 
HIS C   OXT  sing N N 149 
HIS CB  CG   sing N N 150 
HIS CB  HB2  sing N N 151 
HIS CB  HB3  sing N N 152 
HIS CG  ND1  sing Y N 153 
HIS CG  CD2  doub Y N 154 
HIS ND1 CE1  doub Y N 155 
HIS ND1 HD1  sing N N 156 
HIS CD2 NE2  sing Y N 157 
HIS CD2 HD2  sing N N 158 
HIS CE1 NE2  sing Y N 159 
HIS CE1 HE1  sing N N 160 
HIS NE2 HE2  sing N N 161 
HIS OXT HXT  sing N N 162 
HOH O   H1   sing N N 163 
HOH O   H2   sing N N 164 
ILE N   CA   sing N N 165 
ILE N   H    sing N N 166 
ILE N   H2   sing N N 167 
ILE CA  C    sing N N 168 
ILE CA  CB   sing N N 169 
ILE CA  HA   sing N N 170 
ILE C   O    doub N N 171 
ILE C   OXT  sing N N 172 
ILE CB  CG1  sing N N 173 
ILE CB  CG2  sing N N 174 
ILE CB  HB   sing N N 175 
ILE CG1 CD1  sing N N 176 
ILE CG1 HG12 sing N N 177 
ILE CG1 HG13 sing N N 178 
ILE CG2 HG21 sing N N 179 
ILE CG2 HG22 sing N N 180 
ILE CG2 HG23 sing N N 181 
ILE CD1 HD11 sing N N 182 
ILE CD1 HD12 sing N N 183 
ILE CD1 HD13 sing N N 184 
ILE OXT HXT  sing N N 185 
LEU N   CA   sing N N 186 
LEU N   H    sing N N 187 
LEU N   H2   sing N N 188 
LEU CA  C    sing N N 189 
LEU CA  CB   sing N N 190 
LEU CA  HA   sing N N 191 
LEU C   O    doub N N 192 
LEU C   OXT  sing N N 193 
LEU CB  CG   sing N N 194 
LEU CB  HB2  sing N N 195 
LEU CB  HB3  sing N N 196 
LEU CG  CD1  sing N N 197 
LEU CG  CD2  sing N N 198 
LEU CG  HG   sing N N 199 
LEU CD1 HD11 sing N N 200 
LEU CD1 HD12 sing N N 201 
LEU CD1 HD13 sing N N 202 
LEU CD2 HD21 sing N N 203 
LEU CD2 HD22 sing N N 204 
LEU CD2 HD23 sing N N 205 
LEU OXT HXT  sing N N 206 
LYS N   CA   sing N N 207 
LYS N   H    sing N N 208 
LYS N   H2   sing N N 209 
LYS CA  C    sing N N 210 
LYS CA  CB   sing N N 211 
LYS CA  HA   sing N N 212 
LYS C   O    doub N N 213 
LYS C   OXT  sing N N 214 
LYS CB  CG   sing N N 215 
LYS CB  HB2  sing N N 216 
LYS CB  HB3  sing N N 217 
LYS CG  CD   sing N N 218 
LYS CG  HG2  sing N N 219 
LYS CG  HG3  sing N N 220 
LYS CD  CE   sing N N 221 
LYS CD  HD2  sing N N 222 
LYS CD  HD3  sing N N 223 
LYS CE  NZ   sing N N 224 
LYS CE  HE2  sing N N 225 
LYS CE  HE3  sing N N 226 
LYS NZ  HZ1  sing N N 227 
LYS NZ  HZ2  sing N N 228 
LYS NZ  HZ3  sing N N 229 
LYS OXT HXT  sing N N 230 
MET N   CA   sing N N 231 
MET N   H    sing N N 232 
MET N   H2   sing N N 233 
MET CA  C    sing N N 234 
MET CA  CB   sing N N 235 
MET CA  HA   sing N N 236 
MET C   O    doub N N 237 
MET C   OXT  sing N N 238 
MET CB  CG   sing N N 239 
MET CB  HB2  sing N N 240 
MET CB  HB3  sing N N 241 
MET CG  SD   sing N N 242 
MET CG  HG2  sing N N 243 
MET CG  HG3  sing N N 244 
MET SD  CE   sing N N 245 
MET CE  HE1  sing N N 246 
MET CE  HE2  sing N N 247 
MET CE  HE3  sing N N 248 
MET OXT HXT  sing N N 249 
MSE N   CA   sing N N 250 
MSE N   H    sing N N 251 
MSE N   H2   sing N N 252 
MSE CA  C    sing N N 253 
MSE CA  CB   sing N N 254 
MSE CA  HA   sing N N 255 
MSE C   O    doub N N 256 
MSE C   OXT  sing N N 257 
MSE OXT HXT  sing N N 258 
MSE CB  CG   sing N N 259 
MSE CB  HB2  sing N N 260 
MSE CB  HB3  sing N N 261 
MSE CG  SE   sing N N 262 
MSE CG  HG2  sing N N 263 
MSE CG  HG3  sing N N 264 
MSE SE  CE   sing N N 265 
MSE CE  HE1  sing N N 266 
MSE CE  HE2  sing N N 267 
MSE CE  HE3  sing N N 268 
PHE N   CA   sing N N 269 
PHE N   H    sing N N 270 
PHE N   H2   sing N N 271 
PHE CA  C    sing N N 272 
PHE CA  CB   sing N N 273 
PHE CA  HA   sing N N 274 
PHE C   O    doub N N 275 
PHE C   OXT  sing N N 276 
PHE CB  CG   sing N N 277 
PHE CB  HB2  sing N N 278 
PHE CB  HB3  sing N N 279 
PHE CG  CD1  doub Y N 280 
PHE CG  CD2  sing Y N 281 
PHE CD1 CE1  sing Y N 282 
PHE CD1 HD1  sing N N 283 
PHE CD2 CE2  doub Y N 284 
PHE CD2 HD2  sing N N 285 
PHE CE1 CZ   doub Y N 286 
PHE CE1 HE1  sing N N 287 
PHE CE2 CZ   sing Y N 288 
PHE CE2 HE2  sing N N 289 
PHE CZ  HZ   sing N N 290 
PHE OXT HXT  sing N N 291 
PRO N   CA   sing N N 292 
PRO N   CD   sing N N 293 
PRO N   H    sing N N 294 
PRO CA  C    sing N N 295 
PRO CA  CB   sing N N 296 
PRO CA  HA   sing N N 297 
PRO C   O    doub N N 298 
PRO C   OXT  sing N N 299 
PRO CB  CG   sing N N 300 
PRO CB  HB2  sing N N 301 
PRO CB  HB3  sing N N 302 
PRO CG  CD   sing N N 303 
PRO CG  HG2  sing N N 304 
PRO CG  HG3  sing N N 305 
PRO CD  HD2  sing N N 306 
PRO CD  HD3  sing N N 307 
PRO OXT HXT  sing N N 308 
SER N   CA   sing N N 309 
SER N   H    sing N N 310 
SER N   H2   sing N N 311 
SER CA  C    sing N N 312 
SER CA  CB   sing N N 313 
SER CA  HA   sing N N 314 
SER C   O    doub N N 315 
SER C   OXT  sing N N 316 
SER CB  OG   sing N N 317 
SER CB  HB2  sing N N 318 
SER CB  HB3  sing N N 319 
SER OG  HG   sing N N 320 
SER OXT HXT  sing N N 321 
THR N   CA   sing N N 322 
THR N   H    sing N N 323 
THR N   H2   sing N N 324 
THR CA  C    sing N N 325 
THR CA  CB   sing N N 326 
THR CA  HA   sing N N 327 
THR C   O    doub N N 328 
THR C   OXT  sing N N 329 
THR CB  OG1  sing N N 330 
THR CB  CG2  sing N N 331 
THR CB  HB   sing N N 332 
THR OG1 HG1  sing N N 333 
THR CG2 HG21 sing N N 334 
THR CG2 HG22 sing N N 335 
THR CG2 HG23 sing N N 336 
THR OXT HXT  sing N N 337 
TRP N   CA   sing N N 338 
TRP N   H    sing N N 339 
TRP N   H2   sing N N 340 
TRP CA  C    sing N N 341 
TRP CA  CB   sing N N 342 
TRP CA  HA   sing N N 343 
TRP C   O    doub N N 344 
TRP C   OXT  sing N N 345 
TRP CB  CG   sing N N 346 
TRP CB  HB2  sing N N 347 
TRP CB  HB3  sing N N 348 
TRP CG  CD1  doub Y N 349 
TRP CG  CD2  sing Y N 350 
TRP CD1 NE1  sing Y N 351 
TRP CD1 HD1  sing N N 352 
TRP CD2 CE2  doub Y N 353 
TRP CD2 CE3  sing Y N 354 
TRP NE1 CE2  sing Y N 355 
TRP NE1 HE1  sing N N 356 
TRP CE2 CZ2  sing Y N 357 
TRP CE3 CZ3  doub Y N 358 
TRP CE3 HE3  sing N N 359 
TRP CZ2 CH2  doub Y N 360 
TRP CZ2 HZ2  sing N N 361 
TRP CZ3 CH2  sing Y N 362 
TRP CZ3 HZ3  sing N N 363 
TRP CH2 HH2  sing N N 364 
TRP OXT HXT  sing N N 365 
TYR N   CA   sing N N 366 
TYR N   H    sing N N 367 
TYR N   H2   sing N N 368 
TYR CA  C    sing N N 369 
TYR CA  CB   sing N N 370 
TYR CA  HA   sing N N 371 
TYR C   O    doub N N 372 
TYR C   OXT  sing N N 373 
TYR CB  CG   sing N N 374 
TYR CB  HB2  sing N N 375 
TYR CB  HB3  sing N N 376 
TYR CG  CD1  doub Y N 377 
TYR CG  CD2  sing Y N 378 
TYR CD1 CE1  sing Y N 379 
TYR CD1 HD1  sing N N 380 
TYR CD2 CE2  doub Y N 381 
TYR CD2 HD2  sing N N 382 
TYR CE1 CZ   doub Y N 383 
TYR CE1 HE1  sing N N 384 
TYR CE2 CZ   sing Y N 385 
TYR CE2 HE2  sing N N 386 
TYR CZ  OH   sing N N 387 
TYR OH  HH   sing N N 388 
TYR OXT HXT  sing N N 389 
VAL N   CA   sing N N 390 
VAL N   H    sing N N 391 
VAL N   H2   sing N N 392 
VAL CA  C    sing N N 393 
VAL CA  CB   sing N N 394 
VAL CA  HA   sing N N 395 
VAL C   O    doub N N 396 
VAL C   OXT  sing N N 397 
VAL CB  CG1  sing N N 398 
VAL CB  CG2  sing N N 399 
VAL CB  HB   sing N N 400 
VAL CG1 HG11 sing N N 401 
VAL CG1 HG12 sing N N 402 
VAL CG1 HG13 sing N N 403 
VAL CG2 HG21 sing N N 404 
VAL CG2 HG22 sing N N 405 
VAL CG2 HG23 sing N N 406 
VAL OXT HXT  sing N N 407 
# 
_atom_sites.entry_id                    2F1L 
_atom_sites.fract_transf_matrix[1][1]   -0.00580140 
_atom_sites.fract_transf_matrix[1][2]   0.01219393 
_atom_sites.fract_transf_matrix[1][3]   -0.00499927 
_atom_sites.fract_transf_matrix[2][1]   0.00850046 
_atom_sites.fract_transf_matrix[2][2]   0.01057907 
_atom_sites.fract_transf_matrix[2][3]   -0.00478515 
_atom_sites.fract_transf_matrix[3][1]   -0.00042372 
_atom_sites.fract_transf_matrix[3][2]   -0.00545004 
_atom_sites.fract_transf_matrix[3][3]   -0.01280172 
_atom_sites.fract_transf_vector[1]      0.336143 
_atom_sites.fract_transf_vector[2]      0.500630 
_atom_sites.fract_transf_vector[3]      -0.022934 
# 
loop_
_atom_type.symbol 
C  
N  
O  
S  
SE 
# 
loop_
_atom_site.group_PDB 
_atom_site.id 
_atom_site.type_symbol 
_atom_site.label_atom_id 
_atom_site.label_alt_id 
_atom_site.label_comp_id 
_atom_site.label_asym_id 
_atom_site.label_entity_id 
_atom_site.label_seq_id 
_atom_site.pdbx_PDB_ins_code 
_atom_site.Cartn_x 
_atom_site.Cartn_y 
_atom_site.Cartn_z 
_atom_site.occupancy 
_atom_site.B_iso_or_equiv 
_atom_site.pdbx_formal_charge 
_atom_site.auth_seq_id 
_atom_site.auth_comp_id 
_atom_site.auth_asym_id 
_atom_site.auth_atom_id 
_atom_site.pdbx_PDB_model_num 
ATOM   1    N  N   . ASP A 1 19  ? -1.647  -22.149 -5.616  1.00 35.18  ? 7   ASP A N   1 
ATOM   2    C  CA  . ASP A 1 19  ? -1.965  -21.315 -4.441  1.00 35.55  ? 7   ASP A CA  1 
ATOM   3    C  C   . ASP A 1 19  ? -1.099  -20.053 -4.539  1.00 39.52  ? 7   ASP A C   1 
ATOM   4    O  O   . ASP A 1 19  ? -0.571  -19.611 -3.524  1.00 43.87  ? 7   ASP A O   1 
ATOM   5    N  N   . LEU A 1 20  ? -0.928  -19.483 -5.747  1.00 36.82  ? 8   LEU A N   1 
ATOM   6    C  CA  . LEU A 1 20  ? -0.270  -18.176 -5.930  1.00 33.96  ? 8   LEU A CA  1 
ATOM   7    C  C   . LEU A 1 20  ? -1.368  -17.082 -5.926  1.00 33.96  ? 8   LEU A C   1 
ATOM   8    O  O   . LEU A 1 20  ? -2.305  -17.151 -6.695  1.00 35.77  ? 8   LEU A O   1 
ATOM   9    C  CB  . LEU A 1 20  ? 0.569   -18.121 -7.256  1.00 35.34  ? 8   LEU A CB  1 
ATOM   10   C  CG  . LEU A 1 20  ? 2.084   -18.462 -7.416  1.00 18.56  ? 8   LEU A CG  1 
ATOM   11   N  N   . VAL A 1 21  ? -1.287  -16.086 -5.051  1.00 32.76  ? 9   VAL A N   1 
ATOM   12   C  CA  . VAL A 1 21  ? -2.157  -14.906 -5.177  1.00 32.15  ? 9   VAL A CA  1 
ATOM   13   C  C   . VAL A 1 21  ? -1.372  -13.714 -5.720  1.00 31.73  ? 9   VAL A C   1 
ATOM   14   O  O   . VAL A 1 21  ? -0.152  -13.644 -5.555  1.00 33.25  ? 9   VAL A O   1 
ATOM   15   C  CB  . VAL A 1 21  ? -2.903  -14.509 -3.852  1.00 30.59  ? 9   VAL A CB  1 
ATOM   16   C  CG1 . VAL A 1 21  ? -3.622  -15.734 -3.261  1.00 44.08  ? 9   VAL A CG1 1 
ATOM   17   C  CG2 . VAL A 1 21  ? -1.991  -13.894 -2.850  1.00 29.02  ? 9   VAL A CG2 1 
ATOM   18   N  N   . VAL A 1 22  ? -2.082  -12.779 -6.349  1.00 29.09  ? 10  VAL A N   1 
ATOM   19   C  CA  . VAL A 1 22  ? -1.457  -11.677 -7.047  1.00 31.20  ? 10  VAL A CA  1 
ATOM   20   C  C   . VAL A 1 22  ? -1.526  -10.431 -6.175  1.00 34.27  ? 10  VAL A C   1 
ATOM   21   O  O   . VAL A 1 22  ? -2.624  -9.902  -5.878  1.00 37.21  ? 10  VAL A O   1 
ATOM   22   C  CB  . VAL A 1 22  ? -2.186  -11.350 -8.384  1.00 31.42  ? 10  VAL A CB  1 
ATOM   23   C  CG1 . VAL A 1 22  ? -1.439  -10.256 -9.148  1.00 29.50  ? 10  VAL A CG1 1 
ATOM   24   C  CG2 . VAL A 1 22  ? -2.338  -12.574 -9.240  1.00 28.56  ? 10  VAL A CG2 1 
ATOM   25   N  N   . ILE A 1 23  ? -0.370  -9.916  -5.790  1.00 33.87  ? 11  ILE A N   1 
ATOM   26   C  CA  . ILE A 1 23  ? -0.348  -8.743  -4.899  1.00 32.89  ? 11  ILE A CA  1 
ATOM   27   C  C   . ILE A 1 23  ? -0.114  -7.443  -5.597  1.00 28.48  ? 11  ILE A C   1 
ATOM   28   O  O   . ILE A 1 23  ? -0.139  -6.409  -4.963  1.00 27.30  ? 11  ILE A O   1 
ATOM   29   C  CB  . ILE A 1 23  ? 0.699   -8.898  -3.749  1.00 30.60  ? 11  ILE A CB  1 
ATOM   30   C  CG1 . ILE A 1 23  ? 2.109   -9.102  -4.326  1.00 33.04  ? 11  ILE A CG1 1 
ATOM   31   C  CG2 . ILE A 1 23  ? 0.261   -10.044 -2.824  1.00 28.19  ? 11  ILE A CG2 1 
ATOM   32   C  CD1 . ILE A 1 23  ? 3.206   -9.196  -3.270  1.00 35.22  ? 11  ILE A CD1 1 
ATOM   33   N  N   . GLY A 1 24  ? 0.194   -7.492  -6.882  1.00 30.45  ? 12  GLY A N   1 
ATOM   34   C  CA  . GLY A 1 24  ? 0.485   -6.253  -7.669  1.00 29.21  ? 12  GLY A CA  1 
ATOM   35   C  C   . GLY A 1 24  ? 0.760   -6.582  -9.126  1.00 29.10  ? 12  GLY A C   1 
ATOM   36   O  O   . GLY A 1 24  ? 0.693   -7.750  -9.537  1.00 27.41  ? 12  GLY A O   1 
ATOM   37   N  N   . LYS A 1 25  ? 1.077   -5.570  -9.931  1.00 32.42  ? 13  LYS A N   1 
ATOM   38   C  CA  . LYS A 1 25  ? 1.373   -5.818  -11.324 1.00 30.27  ? 13  LYS A CA  1 
ATOM   39   C  C   . LYS A 1 25  ? 2.327   -4.798  -11.866 1.00 33.17  ? 13  LYS A C   1 
ATOM   40   O  O   . LYS A 1 25  ? 2.152   -3.607  -11.614 1.00 34.48  ? 13  LYS A O   1 
ATOM   41   C  CB  . LYS A 1 25  ? 0.095   -5.777  -12.124 1.00 31.35  ? 13  LYS A CB  1 
ATOM   42   C  CG  . LYS A 1 25  ? 0.340   -6.060  -13.611 1.00 39.44  ? 13  LYS A CG  1 
ATOM   43   C  CD  . LYS A 1 25  ? -0.894  -6.592  -14.296 1.00 32.06  ? 13  LYS A CD  1 
ATOM   44   C  CE  . LYS A 1 25  ? -0.580  -7.142  -15.679 1.00 27.60  ? 13  LYS A CE  1 
ATOM   45   N  NZ  . LYS A 1 25  ? -1.814  -7.656  -16.321 1.00 23.58  ? 13  LYS A NZ  1 
ATOM   46   N  N   . ILE A 1 26  ? 3.309   -5.274  -12.644 1.00 32.43  ? 14  ILE A N   1 
ATOM   47   C  CA  . ILE A 1 26  ? 4.292   -4.419  -13.304 1.00 29.53  ? 14  ILE A CA  1 
ATOM   48   C  C   . ILE A 1 26  ? 3.729   -3.911  -14.607 1.00 30.79  ? 14  ILE A C   1 
ATOM   49   O  O   . ILE A 1 26  ? 3.386   -4.682  -15.495 1.00 30.58  ? 14  ILE A O   1 
ATOM   50   C  CB  . ILE A 1 26  ? 5.623   -5.176  -13.563 1.00 29.86  ? 14  ILE A CB  1 
ATOM   51   C  CG1 . ILE A 1 26  ? 6.202   -5.738  -12.266 1.00 29.55  ? 14  ILE A CG1 1 
ATOM   52   C  CG2 . ILE A 1 26  ? 6.668   -4.273  -14.171 1.00 34.22  ? 14  ILE A CG2 1 
ATOM   53   C  CD1 . ILE A 1 26  ? 7.596   -6.408  -12.442 1.00 29.61  ? 14  ILE A CD1 1 
ATOM   54   N  N   . VAL A 1 27  ? 3.623   -2.595  -14.742 1.00 35.12  ? 15  VAL A N   1 
ATOM   55   C  CA  . VAL A 1 27  ? 2.873   -2.019  -15.875 1.00 33.12  ? 15  VAL A CA  1 
ATOM   56   C  C   . VAL A 1 27  ? 3.642   -1.081  -16.764 1.00 32.43  ? 15  VAL A C   1 
ATOM   57   O  O   . VAL A 1 27  ? 3.185   -0.739  -17.844 1.00 34.83  ? 15  VAL A O   1 
ATOM   58   C  CB  . VAL A 1 27  ? 1.643   -1.263  -15.385 1.00 34.00  ? 15  VAL A CB  1 
ATOM   59   C  CG1 . VAL A 1 27  ? 0.663   -2.227  -14.775 1.00 37.78  ? 15  VAL A CG1 1 
ATOM   60   C  CG2 . VAL A 1 27  ? 2.041   -0.173  -14.367 1.00 40.58  ? 15  VAL A CG2 1 
ATOM   61   N  N   . SER A 1 28  ? 4.813   -0.661  -16.338 1.00 30.99  ? 16  SER A N   1 
ATOM   62   C  CA  . SER A 1 28  ? 5.603   0.201   -17.166 1.00 30.80  ? 16  SER A CA  1 
ATOM   63   C  C   . SER A 1 28  ? 6.978   0.334   -16.542 1.00 31.80  ? 16  SER A C   1 
ATOM   64   O  O   . SER A 1 28  ? 7.300   -0.378  -15.597 1.00 32.94  ? 16  SER A O   1 
ATOM   65   C  CB  . SER A 1 28  ? 4.934   1.587   -17.164 1.00 32.32  ? 16  SER A CB  1 
ATOM   66   O  OG  . SER A 1 28  ? 5.591   2.446   -18.072 1.00 32.74  ? 16  SER A OG  1 
ATOM   67   N  N   . VAL A 1 29  ? 7.755   1.298   -17.019 1.00 32.29  ? 17  VAL A N   1 
ATOM   68   C  CA  . VAL A 1 29  ? 9.052   1.562   -16.460 1.00 34.29  ? 17  VAL A CA  1 
ATOM   69   C  C   . VAL A 1 29  ? 8.958   2.846   -15.712 1.00 34.48  ? 17  VAL A C   1 
ATOM   70   O  O   . VAL A 1 29  ? 8.044   3.560   -15.920 1.00 35.49  ? 17  VAL A O   1 
ATOM   71   C  CB  . VAL A 1 29  ? 10.146  1.647   -17.522 1.00 35.27  ? 17  VAL A CB  1 
ATOM   72   C  CG1 . VAL A 1 29  ? 10.333  0.258   -18.184 1.00 34.32  ? 17  VAL A CG1 1 
ATOM   73   C  CG2 . VAL A 1 29  ? 9.829   2.731   -18.543 1.00 34.10  ? 17  VAL A CG2 1 
ATOM   74   N  N   . TYR A 1 30  ? 9.894   3.101   -14.798 1.00 37.02  ? 18  TYR A N   1 
ATOM   75   C  CA  . TYR A 1 30  ? 9.954   4.368   -14.097 1.00 35.88  ? 18  TYR A CA  1 
ATOM   76   C  C   . TYR A 1 30  ? 11.384  4.820   -14.150 1.00 33.02  ? 18  TYR A C   1 
ATOM   77   O  O   . TYR A 1 30  ? 12.276  4.153   -13.629 1.00 27.79  ? 18  TYR A O   1 
ATOM   78   C  CB  . TYR A 1 30  ? 9.523   4.184   -12.655 1.00 38.14  ? 18  TYR A CB  1 
ATOM   79   C  CG  . TYR A 1 30  ? 9.420   5.480   -11.930 1.00 37.97  ? 18  TYR A CG  1 
ATOM   80   C  CD1 . TYR A 1 30  ? 8.290   6.246   -12.041 1.00 38.85  ? 18  TYR A CD1 1 
ATOM   81   C  CD2 . TYR A 1 30  ? 10.465  5.949   -11.144 1.00 39.91  ? 18  TYR A CD2 1 
ATOM   82   C  CE1 . TYR A 1 30  ? 8.183   7.457   -11.400 1.00 41.46  ? 18  TYR A CE1 1 
ATOM   83   C  CE2 . TYR A 1 30  ? 10.377  7.179   -10.500 1.00 33.71  ? 18  TYR A CE2 1 
ATOM   84   C  CZ  . TYR A 1 30  ? 9.225   7.928   -10.641 1.00 38.47  ? 18  TYR A CZ  1 
ATOM   85   O  OH  . TYR A 1 30  ? 9.078   9.150   -10.005 1.00 44.88  ? 18  TYR A OH  1 
ATOM   86   N  N   . GLY A 1 31  ? 11.610  5.950   -14.800 1.00 32.36  ? 19  GLY A N   1 
ATOM   87   C  CA  . GLY A 1 31  ? 12.966  6.489   -14.891 1.00 32.80  ? 19  GLY A CA  1 
ATOM   88   C  C   . GLY A 1 31  ? 13.805  5.666   -15.844 1.00 33.80  ? 19  GLY A C   1 
ATOM   89   O  O   . GLY A 1 31  ? 13.306  4.816   -16.576 1.00 32.48  ? 19  GLY A O   1 
ATOM   90   N  N   . ILE A 1 32  ? 15.097  5.903   -15.830 1.00 35.04  ? 20  ILE A N   1 
ATOM   91   C  CA  . ILE A 1 32  ? 15.952  5.358   -16.856 1.00 35.13  ? 20  ILE A CA  1 
ATOM   92   C  C   . ILE A 1 32  ? 17.053  4.473   -16.286 1.00 35.06  ? 20  ILE A C   1 
ATOM   93   O  O   . ILE A 1 32  ? 17.964  4.089   -16.998 1.00 36.73  ? 20  ILE A O   1 
ATOM   94   C  CB  . ILE A 1 32  ? 16.600  6.513   -17.674 1.00 34.90  ? 20  ILE A CB  1 
ATOM   95   C  CG1 . ILE A 1 32  ? 17.572  7.287   -16.816 1.00 32.01  ? 20  ILE A CG1 1 
ATOM   96   C  CG2 . ILE A 1 32  ? 15.549  7.475   -18.252 1.00 31.66  ? 20  ILE A CG2 1 
ATOM   97   C  CD1 . ILE A 1 32  ? 18.507  8.056   -17.635 1.00 41.76  ? 20  ILE A CD1 1 
ATOM   98   N  N   . ARG A 1 33  ? 16.987  4.182   -15.001 1.00 33.85  ? 21  ARG A N   1 
ATOM   99   C  CA  . ARG A 1 33  ? 18.025  3.418   -14.336 1.00 35.84  ? 21  ARG A CA  1 
ATOM   100  C  C   . ARG A 1 33  ? 17.536  1.996   -14.012 1.00 35.96  ? 21  ARG A C   1 
ATOM   101  O  O   . ARG A 1 33  ? 18.186  1.248   -13.258 1.00 35.88  ? 21  ARG A O   1 
ATOM   102  C  CB  . ARG A 1 33  ? 18.467  4.180   -13.087 1.00 36.82  ? 21  ARG A CB  1 
ATOM   103  C  CG  . ARG A 1 33  ? 19.154  5.524   -13.442 1.00 37.15  ? 21  ARG A CG  1 
ATOM   104  C  CD  . ARG A 1 33  ? 19.588  6.300   -12.183 1.00 39.28  ? 21  ARG A CD  1 
ATOM   105  N  NE  . ARG A 1 33  ? 20.413  7.492   -12.443 1.00 46.81  ? 21  ARG A NE  1 
ATOM   106  C  CZ  . ARG A 1 33  ? 21.604  7.506   -13.077 1.00 47.08  ? 21  ARG A CZ  1 
ATOM   107  N  NH1 . ARG A 1 33  ? 22.154  6.400   -13.581 1.00 47.33  ? 21  ARG A NH1 1 
ATOM   108  N  NH2 . ARG A 1 33  ? 22.257  8.656   -13.249 1.00 41.91  ? 21  ARG A NH2 1 
ATOM   109  N  N   . GLY A 1 34  ? 16.376  1.649   -14.580 1.00 35.07  ? 22  GLY A N   1 
ATOM   110  C  CA  . GLY A 1 34  ? 15.861  0.297   -14.542 1.00 36.07  ? 22  GLY A CA  1 
ATOM   111  C  C   . GLY A 1 34  ? 14.756  -0.021  -13.560 1.00 34.65  ? 22  GLY A C   1 
ATOM   112  O  O   . GLY A 1 34  ? 14.343  -1.185  -13.458 1.00 31.42  ? 22  GLY A O   1 
ATOM   113  N  N   . GLU A 1 35  ? 14.271  0.983   -12.835 1.00 34.73  ? 23  GLU A N   1 
ATOM   114  C  CA  . GLU A 1 35  ? 13.107  0.754   -11.974 1.00 33.77  ? 23  GLU A CA  1 
ATOM   115  C  C   . GLU A 1 35  ? 11.881  0.527   -12.831 1.00 33.61  ? 23  GLU A C   1 
ATOM   116  O  O   . GLU A 1 35  ? 11.818  0.954   -14.009 1.00 30.63  ? 23  GLU A O   1 
ATOM   117  C  CB  . GLU A 1 35  ? 12.886  1.901   -10.989 1.00 32.11  ? 23  GLU A CB  1 
ATOM   118  C  CG  . GLU A 1 35  ? 14.040  1.978   -9.945  1.00 41.49  ? 23  GLU A CG  1 
ATOM   119  C  CD  . GLU A 1 35  ? 13.899  3.082   -8.892  1.00 36.59  ? 23  GLU A CD  1 
ATOM   120  O  OE1 . GLU A 1 35  ? 12.847  3.751   -8.808  1.00 45.57  ? 23  GLU A OE1 1 
ATOM   121  O  OE2 . GLU A 1 35  ? 14.847  3.263   -8.113  1.00 56.31  ? 23  GLU A OE2 1 
ATOM   122  N  N   . VAL A 1 36  ? 10.907  -0.160  -12.228 1.00 31.68  ? 24  VAL A N   1 
ATOM   123  C  CA  . VAL A 1 36  ? 9.640   -0.415  -12.878 1.00 30.77  ? 24  VAL A CA  1 
ATOM   124  C  C   . VAL A 1 36  ? 8.486   0.267   -12.109 1.00 33.05  ? 24  VAL A C   1 
ATOM   125  O  O   . VAL A 1 36  ? 8.577   0.562   -10.902 1.00 33.42  ? 24  VAL A O   1 
ATOM   126  C  CB  . VAL A 1 36  ? 9.370   -1.926  -13.002 1.00 30.16  ? 24  VAL A CB  1 
ATOM   127  C  CG1 . VAL A 1 36  ? 10.354  -2.587  -13.954 1.00 32.36  ? 24  VAL A CG1 1 
ATOM   128  C  CG2 . VAL A 1 36  ? 9.435   -2.629  -11.650 1.00 32.32  ? 24  VAL A CG2 1 
ATOM   129  N  N   . LYS A 1 37  ? 7.397   0.509   -12.827 1.00 33.70  ? 25  LYS A N   1 
ATOM   130  C  CA  . LYS A 1 37  ? 6.206   1.100   -12.271 1.00 33.87  ? 25  LYS A CA  1 
ATOM   131  C  C   . LYS A 1 37  ? 5.226   -0.051  -12.035 1.00 31.39  ? 25  LYS A C   1 
ATOM   132  O  O   . LYS A 1 37  ? 5.059   -0.933  -12.863 1.00 31.30  ? 25  LYS A O   1 
ATOM   133  C  CB  . LYS A 1 37  ? 5.647   2.116   -13.237 1.00 36.23  ? 25  LYS A CB  1 
ATOM   134  C  CG  . LYS A 1 37  ? 4.575   3.030   -12.675 1.00 36.18  ? 25  LYS A CG  1 
ATOM   135  C  CD  . LYS A 1 37  ? 3.633   3.466   -13.779 1.00 43.51  ? 25  LYS A CD  1 
ATOM   136  C  CE  . LYS A 1 37  ? 3.202   4.934   -13.718 1.00 51.08  ? 25  LYS A CE  1 
ATOM   137  N  NZ  . LYS A 1 37  ? 1.974   5.029   -14.562 1.00 52.60  ? 25  LYS A NZ  1 
ATOM   138  N  N   . VAL A 1 38  ? 4.620   -0.021  -10.866 1.00 31.66  ? 26  VAL A N   1 
ATOM   139  C  CA  . VAL A 1 38  ? 3.930   -1.152  -10.290 1.00 33.84  ? 26  VAL A CA  1 
ATOM   140  C  C   . VAL A 1 38  ? 2.638   -0.650  -9.668  1.00 33.71  ? 26  VAL A C   1 
ATOM   141  O  O   . VAL A 1 38  ? 2.639   0.339   -8.942  1.00 33.58  ? 26  VAL A O   1 
ATOM   142  C  CB  . VAL A 1 38  ? 4.831   -1.811  -9.214  1.00 35.17  ? 26  VAL A CB  1 
ATOM   143  C  CG1 . VAL A 1 38  ? 4.051   -2.701  -8.310  1.00 42.47  ? 26  VAL A CG1 1 
ATOM   144  C  CG2 . VAL A 1 38  ? 5.926   -2.631  -9.895  1.00 35.62  ? 26  VAL A CG2 1 
ATOM   145  N  N   . TYR A 1 39  ? 1.526   -1.299  -9.993  1.00 32.92  ? 27  TYR A N   1 
ATOM   146  C  CA  . TYR A 1 39  ? 0.324   -1.078  -9.240  1.00 33.53  ? 27  TYR A CA  1 
ATOM   147  C  C   . TYR A 1 39  ? 0.359   -2.070  -8.066  1.00 32.62  ? 27  TYR A C   1 
ATOM   148  O  O   . TYR A 1 39  ? 0.806   -3.221  -8.224  1.00 31.74  ? 27  TYR A O   1 
ATOM   149  C  CB  . TYR A 1 39  ? -0.927  -1.295  -10.099 1.00 36.60  ? 27  TYR A CB  1 
ATOM   150  C  CG  . TYR A 1 39  ? -1.220  -0.261  -11.178 1.00 36.38  ? 27  TYR A CG  1 
ATOM   151  C  CD1 . TYR A 1 39  ? -1.024  1.079   -10.968 1.00 42.91  ? 27  TYR A CD1 1 
ATOM   152  C  CD2 . TYR A 1 39  ? -1.795  -0.645  -12.385 1.00 44.75  ? 27  TYR A CD2 1 
ATOM   153  C  CE1 . TYR A 1 39  ? -1.355  2.021   -11.949 1.00 44.97  ? 27  TYR A CE1 1 
ATOM   154  C  CE2 . TYR A 1 39  ? -2.126  0.277   -13.362 1.00 47.63  ? 27  TYR A CE2 1 
ATOM   155  C  CZ  . TYR A 1 39  ? -1.894  1.613   -13.142 1.00 48.49  ? 27  TYR A CZ  1 
ATOM   156  O  OH  . TYR A 1 39  ? -2.195  2.551   -14.117 1.00 40.28  ? 27  TYR A OH  1 
ATOM   157  N  N   . SER A 1 40  ? -0.080  -1.634  -6.887  1.00 30.91  ? 28  SER A N   1 
ATOM   158  C  CA  . SER A 1 40  ? -0.120  -2.529  -5.724  1.00 30.21  ? 28  SER A CA  1 
ATOM   159  C  C   . SER A 1 40  ? -1.537  -2.911  -5.362  1.00 27.90  ? 28  SER A C   1 
ATOM   160  O  O   . SER A 1 40  ? -2.396  -2.067  -5.373  1.00 32.08  ? 28  SER A O   1 
ATOM   161  C  CB  . SER A 1 40  ? 0.502   -1.856  -4.520  1.00 28.66  ? 28  SER A CB  1 
ATOM   162  O  OG  . SER A 1 40  ? 0.186   -2.570  -3.351  1.00 22.15  ? 28  SER A OG  1 
ATOM   163  N  N   . PHE A 1 41  ? -1.760  -4.164  -4.997  1.00 27.32  ? 29  PHE A N   1 
ATOM   164  C  CA  . PHE A 1 41  ? -3.086  -4.654  -4.605  1.00 27.64  ? 29  PHE A CA  1 
ATOM   165  C  C   . PHE A 1 41  ? -3.197  -4.971  -3.104  1.00 27.11  ? 29  PHE A C   1 
ATOM   166  O  O   . PHE A 1 41  ? -4.194  -5.604  -2.619  1.00 29.33  ? 29  PHE A O   1 
ATOM   167  C  CB  . PHE A 1 41  ? -3.434  -5.907  -5.446  1.00 29.01  ? 29  PHE A CB  1 
ATOM   168  C  CG  . PHE A 1 41  ? -3.324  -5.695  -6.942  1.00 23.61  ? 29  PHE A CG  1 
ATOM   169  C  CD1 . PHE A 1 41  ? -3.697  -4.483  -7.519  1.00 32.00  ? 29  PHE A CD1 1 
ATOM   170  C  CD2 . PHE A 1 41  ? -2.900  -6.721  -7.774  1.00 34.10  ? 29  PHE A CD2 1 
ATOM   171  C  CE1 . PHE A 1 41  ? -3.575  -4.276  -8.889  1.00 29.70  ? 29  PHE A CE1 1 
ATOM   172  C  CE2 . PHE A 1 41  ? -2.769  -6.528  -9.157  1.00 25.25  ? 29  PHE A CE2 1 
ATOM   173  C  CZ  . PHE A 1 41  ? -3.120  -5.311  -9.710  1.00 32.19  ? 29  PHE A CZ  1 
ATOM   174  N  N   . THR A 1 42  ? -2.183  -4.549  -2.373  1.00 25.04  ? 30  THR A N   1 
ATOM   175  C  CA  . THR A 1 42  ? -2.072  -4.828  -0.951  1.00 25.72  ? 30  THR A CA  1 
ATOM   176  C  C   . THR A 1 42  ? -2.790  -3.749  -0.123  1.00 26.72  ? 30  THR A C   1 
ATOM   177  O  O   . THR A 1 42  ? -3.063  -2.662  -0.602  1.00 22.40  ? 30  THR A O   1 
ATOM   178  C  CB  . THR A 1 42  ? -0.594  -4.888  -0.506  1.00 25.66  ? 30  THR A CB  1 
ATOM   179  O  OG1 . THR A 1 42  ? 0.055   -3.606  -0.714  1.00 27.49  ? 30  THR A OG1 1 
ATOM   180  C  CG2 . THR A 1 42  ? 0.144   -5.939  -1.311  1.00 29.52  ? 30  THR A CG2 1 
ATOM   181  N  N   . ASP A 1 43  ? -3.119  -4.108  1.117   1.00 27.83  ? 31  ASP A N   1 
ATOM   182  C  CA  A ASP A 1 43  ? -3.673  -3.191  2.073   0.50 27.70  ? 31  ASP A CA  1 
ATOM   183  C  CA  B ASP A 1 43  ? -3.712  -3.193  2.095   0.50 28.14  ? 31  ASP A CA  1 
ATOM   184  C  C   . ASP A 1 43  ? -2.763  -3.269  3.277   1.00 28.43  ? 31  ASP A C   1 
ATOM   185  O  O   . ASP A 1 43  ? -2.580  -4.328  3.807   1.00 30.67  ? 31  ASP A O   1 
ATOM   186  C  CB  A ASP A 1 43  ? -5.063  -3.657  2.474   0.50 25.36  ? 31  ASP A CB  1 
ATOM   187  C  CB  B ASP A 1 43  ? -5.075  -3.690  2.630   0.50 26.27  ? 31  ASP A CB  1 
ATOM   188  C  CG  A ASP A 1 43  ? -5.738  -2.701  3.393   0.50 28.92  ? 31  ASP A CG  1 
ATOM   189  C  CG  B ASP A 1 43  ? -6.206  -3.714  1.586   0.50 31.53  ? 31  ASP A CG  1 
ATOM   190  O  OD1 A ASP A 1 43  ? -5.131  -1.636  3.698   0.50 17.64  ? 31  ASP A OD1 1 
ATOM   191  O  OD1 B ASP A 1 43  ? -6.113  -3.165  0.443   0.50 35.34  ? 31  ASP A OD1 1 
ATOM   192  O  OD2 A ASP A 1 43  ? -6.885  -3.022  3.795   0.50 28.97  ? 31  ASP A OD2 1 
ATOM   193  O  OD2 B ASP A 1 43  ? -7.245  -4.309  1.958   0.50 35.75  ? 31  ASP A OD2 1 
ATOM   194  N  N   . PRO A 1 44  ? -2.106  -2.158  3.662   1.00 29.22  ? 32  PRO A N   1 
ATOM   195  C  CA  . PRO A 1 44  ? -1.937  -0.827  3.125   1.00 29.51  ? 32  PRO A CA  1 
ATOM   196  C  C   . PRO A 1 44  ? -1.327  -0.881  1.746   1.00 30.32  ? 32  PRO A C   1 
ATOM   197  O  O   . PRO A 1 44  ? -0.664  -1.878  1.408   1.00 26.85  ? 32  PRO A O   1 
ATOM   198  C  CB  . PRO A 1 44  ? -0.879  -0.230  4.052   1.00 30.32  ? 32  PRO A CB  1 
ATOM   199  C  CG  . PRO A 1 44  ? -1.023  -0.945  5.312   1.00 30.71  ? 32  PRO A CG  1 
ATOM   200  C  CD  . PRO A 1 44  ? -1.349  -2.317  4.913   1.00 27.77  ? 32  PRO A CD  1 
ATOM   201  N  N   . LEU A 1 45  ? -1.460  0.203   0.979   1.00 29.22  ? 33  LEU A N   1 
ATOM   202  C  CA  . LEU A 1 45  ? -0.876  0.212   -0.353  1.00 30.76  ? 33  LEU A CA  1 
ATOM   203  C  C   . LEU A 1 45  ? 0.613   -0.169  -0.376  1.00 31.60  ? 33  LEU A C   1 
ATOM   204  O  O   . LEU A 1 45  ? 1.079   -0.808  -1.329  1.00 32.73  ? 33  LEU A O   1 
ATOM   205  C  CB  . LEU A 1 45  ? -1.046  1.572   -1.010  1.00 32.74  ? 33  LEU A CB  1 
ATOM   206  C  CG  . LEU A 1 45  ? -0.897  1.649   -2.538  1.00 33.55  ? 33  LEU A CG  1 
ATOM   207  C  CD1 . LEU A 1 45  ? -1.912  0.800   -3.218  1.00 37.26  ? 33  LEU A CD1 1 
ATOM   208  C  CD2 . LEU A 1 45  ? -1.069  3.092   -2.977  1.00 33.28  ? 33  LEU A CD2 1 
ATOM   209  N  N   . ASP A 1 46  ? 1.369   0.224   0.646   1.00 31.58  ? 34  ASP A N   1 
ATOM   210  C  CA  . ASP A 1 46  ? 2.831   0.117   0.544   1.00 32.37  ? 34  ASP A CA  1 
ATOM   211  C  C   . ASP A 1 46  ? 3.350   -1.218  1.016   1.00 29.91  ? 34  ASP A C   1 
ATOM   212  O  O   . ASP A 1 46  ? 4.525   -1.458  1.012   1.00 31.22  ? 34  ASP A O   1 
ATOM   213  C  CB  . ASP A 1 46  ? 3.539   1.262   1.285   1.00 33.38  ? 34  ASP A CB  1 
ATOM   214  C  CG  . ASP A 1 46  ? 3.400   1.172   2.767   1.00 31.69  ? 34  ASP A CG  1 
ATOM   215  O  OD1 . ASP A 1 46  ? 2.759   0.212   3.235   1.00 34.72  ? 34  ASP A OD1 1 
ATOM   216  O  OD2 . ASP A 1 46  ? 3.902   2.089   3.460   1.00 34.28  ? 34  ASP A OD2 1 
ATOM   217  N  N   . ASN A 1 47  ? 2.440   -2.085  1.394   1.00 30.30  ? 35  ASN A N   1 
ATOM   218  C  CA  . ASN A 1 47  ? 2.752   -3.347  1.955   1.00 30.35  ? 35  ASN A CA  1 
ATOM   219  C  C   . ASN A 1 47  ? 3.407   -4.274  0.961   1.00 30.49  ? 35  ASN A C   1 
ATOM   220  O  O   . ASN A 1 47  ? 4.186   -5.124  1.321   1.00 29.28  ? 35  ASN A O   1 
ATOM   221  C  CB  . ASN A 1 47  ? 1.462   -3.957  2.474   1.00 33.07  ? 35  ASN A CB  1 
ATOM   222  C  CG  . ASN A 1 47  ? 1.699   -5.222  3.226   1.00 37.80  ? 35  ASN A CG  1 
ATOM   223  O  OD1 . ASN A 1 47  ? 2.481   -5.227  4.154   1.00 39.61  ? 35  ASN A OD1 1 
ATOM   224  N  ND2 . ASN A 1 47  ? 1.055   -6.319  2.812   1.00 35.18  ? 35  ASN A ND2 1 
ATOM   225  N  N   . LEU A 1 48  ? 3.093   -4.089  -0.310  1.00 32.94  ? 36  LEU A N   1 
ATOM   226  C  CA  . LEU A 1 48  ? 3.818   -4.756  -1.373  1.00 32.53  ? 36  LEU A CA  1 
ATOM   227  C  C   . LEU A 1 48  ? 5.342   -4.699  -1.192  1.00 30.68  ? 36  LEU A C   1 
ATOM   228  O  O   . LEU A 1 48  ? 6.032   -5.648  -1.509  1.00 31.78  ? 36  LEU A O   1 
ATOM   229  C  CB  . LEU A 1 48  ? 3.422   -4.136  -2.711  1.00 33.86  ? 36  LEU A CB  1 
ATOM   230  C  CG  . LEU A 1 48  ? 4.119   -4.674  -3.964  1.00 40.16  ? 36  LEU A CG  1 
ATOM   231  C  CD1 . LEU A 1 48  ? 3.866   -6.129  -4.069  1.00 49.13  ? 36  LEU A CD1 1 
ATOM   232  C  CD2 . LEU A 1 48  ? 3.607   -4.035  -5.172  1.00 38.19  ? 36  LEU A CD2 1 
ATOM   233  N  N   . LEU A 1 49  ? 5.868   -3.593  -0.689  1.00 32.23  ? 37  LEU A N   1 
ATOM   234  C  CA  . LEU A 1 49  ? 7.344   -3.388  -0.557  1.00 31.26  ? 37  LEU A CA  1 
ATOM   235  C  C   . LEU A 1 49  ? 7.951   -4.265  0.536   1.00 30.29  ? 37  LEU A C   1 
ATOM   236  O  O   . LEU A 1 49  ? 9.170   -4.406  0.632   1.00 28.45  ? 37  LEU A O   1 
ATOM   237  C  CB  . LEU A 1 49  ? 7.681   -1.914  -0.285  1.00 28.95  ? 37  LEU A CB  1 
ATOM   238  C  CG  . LEU A 1 49  ? 7.203   -0.905  -1.367  1.00 36.26  ? 37  LEU A CG  1 
ATOM   239  C  CD1 . LEU A 1 49  ? 7.512   0.549   -1.001  1.00 36.90  ? 37  LEU A CD1 1 
ATOM   240  C  CD2 . LEU A 1 49  ? 7.802   -1.243  -2.738  1.00 25.27  ? 37  LEU A CD2 1 
ATOM   241  N  N   . ASP A 1 50  ? 7.090   -4.875  1.333   1.00 29.61  ? 38  ASP A N   1 
ATOM   242  C  CA  . ASP A 1 50  ? 7.512   -5.834  2.344   1.00 32.37  ? 38  ASP A CA  1 
ATOM   243  C  C   . ASP A 1 50  ? 7.768   -7.256  1.832   1.00 32.30  ? 38  ASP A C   1 
ATOM   244  O  O   . ASP A 1 50  ? 8.162   -8.122  2.600   1.00 33.40  ? 38  ASP A O   1 
ATOM   245  C  CB  . ASP A 1 50  ? 6.442   -5.911  3.463   1.00 36.06  ? 38  ASP A CB  1 
ATOM   246  C  CG  . ASP A 1 50  ? 6.336   -4.617  4.266   1.00 37.23  ? 38  ASP A CG  1 
ATOM   247  O  OD1 . ASP A 1 50  ? 7.293   -3.818  4.245   1.00 46.05  ? 38  ASP A OD1 1 
ATOM   248  O  OD2 . ASP A 1 50  ? 5.293   -4.396  4.896   1.00 41.72  ? 38  ASP A OD2 1 
ATOM   249  N  N   . TYR A 1 51  ? 7.534   -7.521  0.558   1.00 34.55  ? 39  TYR A N   1 
ATOM   250  C  CA  . TYR A 1 51  ? 7.760   -8.854  0.016   1.00 34.86  ? 39  TYR A CA  1 
ATOM   251  C  C   . TYR A 1 51  ? 8.997   -8.800  -0.860  1.00 35.07  ? 39  TYR A C   1 
ATOM   252  O  O   . TYR A 1 51  ? 8.944   -8.202  -1.926  1.00 36.19  ? 39  TYR A O   1 
ATOM   253  C  CB  . TYR A 1 51  ? 6.543   -9.288  -0.800  1.00 37.93  ? 39  TYR A CB  1 
ATOM   254  C  CG  . TYR A 1 51  ? 5.309   -9.475  0.036   1.00 40.19  ? 39  TYR A CG  1 
ATOM   255  C  CD1 . TYR A 1 51  ? 5.132   -10.628 0.759   1.00 33.49  ? 39  TYR A CD1 1 
ATOM   256  C  CD2 . TYR A 1 51  ? 4.347   -8.479  0.136   1.00 36.39  ? 39  TYR A CD2 1 
ATOM   257  C  CE1 . TYR A 1 51  ? 4.031   -10.820 1.541   1.00 41.28  ? 39  TYR A CE1 1 
ATOM   258  C  CE2 . TYR A 1 51  ? 3.212   -8.664  0.924   1.00 33.08  ? 39  TYR A CE2 1 
ATOM   259  C  CZ  . TYR A 1 51  ? 3.069   -9.845  1.638   1.00 42.10  ? 39  TYR A CZ  1 
ATOM   260  O  OH  . TYR A 1 51  ? 1.963   -10.097 2.447   1.00 42.97  ? 39  TYR A OH  1 
ATOM   261  N  N   . ARG A 1 52  ? 10.111  -9.376  -0.395  1.00 35.13  ? 40  ARG A N   1 
ATOM   262  C  CA  . ARG A 1 52  ? 11.384  -9.322  -1.123  1.00 37.53  ? 40  ARG A CA  1 
ATOM   263  C  C   . ARG A 1 52  ? 11.410  -10.222 -2.380  1.00 34.80  ? 40  ARG A C   1 
ATOM   264  O  O   . ARG A 1 52  ? 12.131  -9.949  -3.333  1.00 35.07  ? 40  ARG A O   1 
ATOM   265  C  CB  . ARG A 1 52  ? 12.560  -9.657  -0.186  1.00 34.74  ? 40  ARG A CB  1 
ATOM   266  C  CG  . ARG A 1 52  ? 13.942  -9.617  -0.891  1.00 47.77  ? 40  ARG A CG  1 
ATOM   267  C  CD  . ARG A 1 52  ? 15.091  -10.002 0.017   1.00 43.45  ? 40  ARG A CD  1 
ATOM   268  N  NE  . ARG A 1 52  ? 14.993  -9.261  1.269   1.00 49.25  ? 40  ARG A NE  1 
ATOM   269  N  N   . ARG A 1 53  ? 10.622  -11.289 -2.370  1.00 34.56  ? 41  ARG A N   1 
ATOM   270  C  CA  . ARG A 1 53  ? 10.725  -12.336 -3.367  1.00 33.64  ? 41  ARG A CA  1 
ATOM   271  C  C   . ARG A 1 53  ? 9.444   -12.374 -4.180  1.00 34.14  ? 41  ARG A C   1 
ATOM   272  O  O   . ARG A 1 53  ? 8.393   -12.851 -3.725  1.00 35.42  ? 41  ARG A O   1 
ATOM   273  C  CB  . ARG A 1 53  ? 11.053  -13.695 -2.738  1.00 30.03  ? 41  ARG A CB  1 
ATOM   274  C  CG  . ARG A 1 53  ? 12.543  -13.873 -2.441  1.00 32.14  ? 41  ARG A CG  1 
ATOM   275  C  CD  . ARG A 1 53  ? 12.894  -15.261 -1.868  1.00 34.96  ? 41  ARG A CD  1 
ATOM   276  N  NE  . ARG A 1 53  ? 11.863  -15.769 -0.965  1.00 40.59  ? 41  ARG A NE  1 
ATOM   277  N  N   . TRP A 1 54  ? 9.577   -11.879 -5.404  1.00 31.38  ? 42  TRP A N   1 
ATOM   278  C  CA  . TRP A 1 54  ? 8.481   -11.724 -6.320  1.00 33.15  ? 42  TRP A CA  1 
ATOM   279  C  C   . TRP A 1 54  ? 8.417   -12.876 -7.328  1.00 34.79  ? 42  TRP A C   1 
ATOM   280  O  O   . TRP A 1 54  ? 9.384   -13.149 -8.043  1.00 35.47  ? 42  TRP A O   1 
ATOM   281  C  CB  . TRP A 1 54  ? 8.695   -10.394 -7.048  1.00 36.34  ? 42  TRP A CB  1 
ATOM   282  C  CG  . TRP A 1 54  ? 8.389   -9.196  -6.205  1.00 33.18  ? 42  TRP A CG  1 
ATOM   283  C  CD1 . TRP A 1 54  ? 8.183   -9.163  -4.862  1.00 33.23  ? 42  TRP A CD1 1 
ATOM   284  C  CD2 . TRP A 1 54  ? 8.228   -7.877  -6.666  1.00 30.95  ? 42  TRP A CD2 1 
ATOM   285  N  NE1 . TRP A 1 54  ? 7.884   -7.910  -4.465  1.00 30.49  ? 42  TRP A NE1 1 
ATOM   286  C  CE2 . TRP A 1 54  ? 7.928   -7.086  -5.557  1.00 34.44  ? 42  TRP A CE2 1 
ATOM   287  C  CE3 . TRP A 1 54  ? 8.308   -7.283  -7.916  1.00 33.80  ? 42  TRP A CE3 1 
ATOM   288  C  CZ2 . TRP A 1 54  ? 7.686   -5.715  -5.658  1.00 35.07  ? 42  TRP A CZ2 1 
ATOM   289  C  CZ3 . TRP A 1 54  ? 8.098   -5.924  -8.008  1.00 38.71  ? 42  TRP A CZ3 1 
ATOM   290  C  CH2 . TRP A 1 54  ? 7.789   -5.156  -6.891  1.00 35.01  ? 42  TRP A CH2 1 
ATOM   291  N  N   . THR A 1 55  ? 7.280   -13.551 -7.386  1.00 34.01  ? 43  THR A N   1 
ATOM   292  C  CA  . THR A 1 55  ? 7.057   -14.555 -8.391  1.00 34.21  ? 43  THR A CA  1 
ATOM   293  C  C   . THR A 1 55  ? 6.315   -13.891 -9.535  1.00 35.58  ? 43  THR A C   1 
ATOM   294  O  O   . THR A 1 55  ? 5.126   -13.606 -9.427  1.00 37.83  ? 43  THR A O   1 
ATOM   295  C  CB  . THR A 1 55  ? 6.205   -15.679 -7.845  1.00 34.71  ? 43  THR A CB  1 
ATOM   296  O  OG1 . THR A 1 55  ? 6.815   -16.182 -6.656  1.00 40.76  ? 43  THR A OG1 1 
ATOM   297  C  CG2 . THR A 1 55  ? 6.063   -16.797 -8.859  1.00 31.56  ? 43  THR A CG2 1 
ATOM   298  N  N   . LEU A 1 56  ? 7.002   -13.627 -10.635 1.00 34.78  ? 44  LEU A N   1 
ATOM   299  C  CA  . LEU A 1 56  ? 6.375   -12.907 -11.715 1.00 34.79  ? 44  LEU A CA  1 
ATOM   300  C  C   . LEU A 1 56  ? 5.722   -13.886 -12.654 1.00 34.95  ? 44  LEU A C   1 
ATOM   301  O  O   . LEU A 1 56  ? 6.307   -14.919 -12.976 1.00 37.41  ? 44  LEU A O   1 
ATOM   302  C  CB  . LEU A 1 56  ? 7.402   -12.078 -12.447 1.00 35.26  ? 44  LEU A CB  1 
ATOM   303  C  CG  . LEU A 1 56  ? 8.168   -11.099 -11.558 1.00 38.66  ? 44  LEU A CG  1 
ATOM   304  C  CD1 . LEU A 1 56  ? 9.200   -10.391 -12.423 1.00 35.98  ? 44  LEU A CD1 1 
ATOM   305  C  CD2 . LEU A 1 56  ? 7.212   -10.101 -10.856 1.00 35.18  ? 44  LEU A CD2 1 
ATOM   306  N  N   . ARG A 1 57  ? 4.516   -13.564 -13.094 1.00 33.01  ? 45  ARG A N   1 
ATOM   307  C  CA  . ARG A 1 57  ? 3.806   -14.424 -13.998 1.00 34.21  ? 45  ARG A CA  1 
ATOM   308  C  C   . ARG A 1 57  ? 3.141   -13.638 -15.094 1.00 35.76  ? 45  ARG A C   1 
ATOM   309  O  O   . ARG A 1 57  ? 2.399   -12.714 -14.798 1.00 35.90  ? 45  ARG A O   1 
ATOM   310  C  CB  . ARG A 1 57  ? 2.727   -15.165 -13.245 1.00 35.90  ? 45  ARG A CB  1 
ATOM   311  C  CG  . ARG A 1 57  ? 2.021   -16.205 -14.100 1.00 42.55  ? 45  ARG A CG  1 
ATOM   312  C  CD  . ARG A 1 57  ? 1.005   -16.901 -13.285 1.00 39.11  ? 45  ARG A CD  1 
ATOM   313  N  NE  . ARG A 1 57  ? -0.091  -16.006 -12.959 1.00 39.00  ? 45  ARG A NE  1 
ATOM   314  C  CZ  . ARG A 1 57  ? -0.838  -16.090 -11.860 1.00 43.99  ? 45  ARG A CZ  1 
ATOM   315  N  NH1 . ARG A 1 57  ? -0.615  -17.019 -10.934 1.00 47.41  ? 45  ARG A NH1 1 
ATOM   316  N  NH2 . ARG A 1 57  ? -1.812  -15.220 -11.673 1.00 43.15  ? 45  ARG A NH2 1 
ATOM   317  N  N   . ARG A 1 58  ? 3.407   -14.015 -16.348 1.00 38.27  ? 46  ARG A N   1 
ATOM   318  C  CA  . ARG A 1 58  ? 2.776   -13.406 -17.513 1.00 39.54  ? 46  ARG A CA  1 
ATOM   319  C  C   . ARG A 1 58  ? 2.420   -14.484 -18.535 1.00 41.72  ? 46  ARG A C   1 
ATOM   320  O  O   . ARG A 1 58  ? 3.283   -15.245 -18.926 1.00 41.32  ? 46  ARG A O   1 
ATOM   321  C  CB  . ARG A 1 58  ? 3.731   -12.415 -18.167 1.00 39.40  ? 46  ARG A CB  1 
ATOM   322  C  CG  . ARG A 1 58  ? 3.091   -11.646 -19.308 1.00 43.66  ? 46  ARG A CG  1 
ATOM   323  C  CD  . ARG A 1 58  ? 4.025   -11.421 -20.478 1.00 50.15  ? 46  ARG A CD  1 
ATOM   324  N  NE  . ARG A 1 58  ? 4.885   -10.319 -20.137 1.00 43.11  ? 46  ARG A NE  1 
ATOM   325  C  CZ  . ARG A 1 58  ? 6.205   -10.356 -20.070 1.00 52.35  ? 46  ARG A CZ  1 
ATOM   326  N  NH1 . ARG A 1 58  ? 6.889   -11.450 -20.376 1.00 43.78  ? 46  ARG A NH1 1 
ATOM   327  N  NH2 . ARG A 1 58  ? 6.855   -9.257  -19.688 1.00 56.66  ? 46  ARG A NH2 1 
ATOM   328  N  N   . ASP A 1 59  ? 1.165   -14.532 -18.986 1.00 44.59  ? 47  ASP A N   1 
ATOM   329  C  CA  . ASP A 1 59  ? 0.699   -15.575 -19.929 1.00 46.45  ? 47  ASP A CA  1 
ATOM   330  C  C   . ASP A 1 59  ? 1.182   -16.967 -19.529 1.00 46.14  ? 47  ASP A C   1 
ATOM   331  O  O   . ASP A 1 59  ? 1.744   -17.687 -20.349 1.00 45.90  ? 47  ASP A O   1 
ATOM   332  C  CB  . ASP A 1 59  ? 1.166   -15.285 -21.368 1.00 47.25  ? 47  ASP A CB  1 
ATOM   333  C  CG  . ASP A 1 59  ? 0.700   -13.934 -21.873 1.00 55.32  ? 47  ASP A CG  1 
ATOM   334  O  OD1 . ASP A 1 59  ? -0.518  -13.668 -21.793 1.00 66.19  ? 47  ASP A OD1 1 
ATOM   335  O  OD2 . ASP A 1 59  ? 1.552   -13.137 -22.343 1.00 65.28  ? 47  ASP A OD2 1 
ATOM   336  N  N   . GLY A 1 60  ? 0.993   -17.338 -18.267 1.00 46.05  ? 48  GLY A N   1 
ATOM   337  C  CA  . GLY A 1 60  ? 1.498   -18.620 -17.784 1.00 46.01  ? 48  GLY A CA  1 
ATOM   338  C  C   . GLY A 1 60  ? 2.994   -18.873 -17.967 1.00 44.04  ? 48  GLY A C   1 
ATOM   339  O  O   . GLY A 1 60  ? 3.444   -19.987 -17.884 1.00 44.30  ? 48  GLY A O   1 
ATOM   340  N  N   . GLU A 1 61  ? 3.762   -17.840 -18.244 1.00 44.25  ? 49  GLU A N   1 
ATOM   341  C  CA  . GLU A 1 61  ? 5.211   -17.895 -18.150 1.00 42.93  ? 49  GLU A CA  1 
ATOM   342  C  C   . GLU A 1 61  ? 5.548   -17.381 -16.736 1.00 41.12  ? 49  GLU A C   1 
ATOM   343  O  O   . GLU A 1 61  ? 5.204   -16.241 -16.393 1.00 37.70  ? 49  GLU A O   1 
ATOM   344  C  CB  . GLU A 1 61  ? 5.795   -17.015 -19.251 1.00 42.79  ? 49  GLU A CB  1 
ATOM   345  C  CG  . GLU A 1 61  ? 7.260   -16.699 -19.156 1.00 49.77  ? 49  GLU A CG  1 
ATOM   346  C  CD  . GLU A 1 61  ? 7.612   -15.315 -19.731 1.00 60.13  ? 49  GLU A CD  1 
ATOM   347  O  OE1 . GLU A 1 61  ? 6.928   -14.813 -20.692 1.00 48.95  ? 49  GLU A OE1 1 
ATOM   348  O  OE2 . GLU A 1 61  ? 8.595   -14.749 -19.188 1.00 58.82  ? 49  GLU A OE2 1 
ATOM   349  N  N   . ILE A 1 62  ? 6.143   -18.249 -15.909 1.00 39.78  ? 50  ILE A N   1 
ATOM   350  C  CA  . ILE A 1 62  ? 6.539   -17.918 -14.524 1.00 39.20  ? 50  ILE A CA  1 
ATOM   351  C  C   . ILE A 1 62  ? 7.996   -17.507 -14.468 1.00 40.18  ? 50  ILE A C   1 
ATOM   352  O  O   . ILE A 1 62  ? 8.736   -17.806 -15.365 1.00 41.76  ? 50  ILE A O   1 
ATOM   353  C  CB  . ILE A 1 62  ? 6.290   -19.095 -13.591 1.00 38.08  ? 50  ILE A CB  1 
ATOM   354  C  CG1 . ILE A 1 62  ? 4.781   -19.274 -13.437 1.00 40.99  ? 50  ILE A CG1 1 
ATOM   355  C  CG2 . ILE A 1 62  ? 6.947   -18.895 -12.210 1.00 33.33  ? 50  ILE A CG2 1 
ATOM   356  N  N   . ARG A 1 63  ? 8.391   -16.773 -13.432 1.00 42.47  ? 51  ARG A N   1 
ATOM   357  C  CA  . ARG A 1 63  ? 9.735   -16.169 -13.352 1.00 40.62  ? 51  ARG A CA  1 
ATOM   358  C  C   . ARG A 1 63  ? 9.919   -15.478 -11.991 1.00 38.78  ? 51  ARG A C   1 
ATOM   359  O  O   . ARG A 1 63  ? 8.953   -14.979 -11.417 1.00 41.81  ? 51  ARG A O   1 
ATOM   360  C  CB  . ARG A 1 63  ? 9.921   -15.188 -14.514 1.00 38.36  ? 51  ARG A CB  1 
ATOM   361  C  CG  . ARG A 1 63  ? 11.001  -14.164 -14.307 1.00 40.84  ? 51  ARG A CG  1 
ATOM   362  C  CD  . ARG A 1 63  ? 11.110  -13.192 -15.484 1.00 43.97  ? 51  ARG A CD  1 
ATOM   363  N  NE  . ARG A 1 63  ? 12.486  -12.707 -15.574 1.00 55.07  ? 51  ARG A NE  1 
ATOM   364  C  CZ  . ARG A 1 63  ? 13.016  -12.060 -16.609 1.00 54.52  ? 51  ARG A CZ  1 
ATOM   365  N  NH1 . ARG A 1 63  ? 12.305  -11.755 -17.697 1.00 59.01  ? 51  ARG A NH1 1 
ATOM   366  N  NH2 . ARG A 1 63  ? 14.283  -11.699 -16.541 1.00 52.08  ? 51  ARG A NH2 1 
ATOM   367  N  N   . GLN A 1 64  ? 11.148  -15.456 -11.488 1.00 36.76  ? 52  GLN A N   1 
ATOM   368  C  CA  . GLN A 1 64  ? 11.457  -15.029 -10.119 1.00 35.65  ? 52  GLN A CA  1 
ATOM   369  C  C   . GLN A 1 64  ? 12.198  -13.730 -10.120 1.00 35.04  ? 52  GLN A C   1 
ATOM   370  O  O   . GLN A 1 64  ? 13.053  -13.537 -10.953 1.00 36.88  ? 52  GLN A O   1 
ATOM   371  C  CB  . GLN A 1 64  ? 12.354  -16.058 -9.432  1.00 34.80  ? 52  GLN A CB  1 
ATOM   372  C  CG  . GLN A 1 64  ? 11.708  -17.416 -9.240  1.00 39.69  ? 52  GLN A CG  1 
ATOM   373  C  CD  . GLN A 1 64  ? 10.398  -17.325 -8.462  1.00 50.24  ? 52  GLN A CD  1 
ATOM   374  O  OE1 . GLN A 1 64  ? 10.273  -16.524 -7.518  1.00 55.03  ? 52  GLN A OE1 1 
ATOM   375  N  NE2 . GLN A 1 64  ? 9.406   -18.126 -8.864  1.00 49.19  ? 52  GLN A NE2 1 
ATOM   376  N  N   . ALA A 1 65  ? 11.883  -12.844 -9.180  1.00 34.27  ? 53  ALA A N   1 
ATOM   377  C  CA  . ALA A 1 65  ? 12.587  -11.574 -9.057  1.00 32.67  ? 53  ALA A CA  1 
ATOM   378  C  C   . ALA A 1 65  ? 12.739  -11.171 -7.597  1.00 33.33  ? 53  ALA A C   1 
ATOM   379  O  O   . ALA A 1 65  ? 11.932  -11.568 -6.757  1.00 32.98  ? 53  ALA A O   1 
ATOM   380  C  CB  . ALA A 1 65  ? 11.862  -10.523 -9.809  1.00 32.24  ? 53  ALA A CB  1 
ATOM   381  N  N   . GLU A 1 66  ? 13.797  -10.406 -7.307  1.00 34.96  ? 54  GLU A N   1 
ATOM   382  C  CA  . GLU A 1 66  ? 14.083  -9.892  -5.957  1.00 36.47  ? 54  GLU A CA  1 
ATOM   383  C  C   . GLU A 1 66  ? 13.965  -8.385  -5.900  1.00 34.96  ? 54  GLU A C   1 
ATOM   384  O  O   . GLU A 1 66  ? 14.630  -7.677  -6.651  1.00 37.51  ? 54  GLU A O   1 
ATOM   385  C  CB  . GLU A 1 66  ? 15.496  -10.258 -5.506  1.00 34.84  ? 54  GLU A CB  1 
ATOM   386  C  CG  . GLU A 1 66  ? 15.676  -11.752 -5.376  1.00 47.80  ? 54  GLU A CG  1 
ATOM   387  C  CD  . GLU A 1 66  ? 16.598  -12.160 -4.236  1.00 54.23  ? 54  GLU A CD  1 
ATOM   388  O  OE1 . GLU A 1 66  ? 16.187  -12.116 -3.033  1.00 58.51  ? 54  GLU A OE1 1 
ATOM   389  O  OE2 . GLU A 1 66  ? 17.726  -12.544 -4.580  1.00 51.58  ? 54  GLU A OE2 1 
ATOM   390  N  N   . LEU A 1 67  ? 13.147  -7.915  -4.976  1.00 32.76  ? 55  LEU A N   1 
ATOM   391  C  CA  . LEU A 1 67  ? 12.927  -6.497  -4.725  1.00 31.55  ? 55  LEU A CA  1 
ATOM   392  C  C   . LEU A 1 67  ? 14.059  -5.981  -3.870  1.00 30.44  ? 55  LEU A C   1 
ATOM   393  O  O   . LEU A 1 67  ? 14.229  -6.411  -2.732  1.00 30.86  ? 55  LEU A O   1 
ATOM   394  C  CB  . LEU A 1 67  ? 11.613  -6.318  -3.951  1.00 30.58  ? 55  LEU A CB  1 
ATOM   395  C  CG  . LEU A 1 67  ? 11.276  -4.878  -3.558  1.00 35.17  ? 55  LEU A CG  1 
ATOM   396  C  CD1 . LEU A 1 67  ? 10.986  -4.096  -4.783  1.00 31.36  ? 55  LEU A CD1 1 
ATOM   397  C  CD2 . LEU A 1 67  ? 10.079  -4.811  -2.620  1.00 35.24  ? 55  LEU A CD2 1 
ATOM   398  N  N   . VAL A 1 68  ? 14.827  -5.047  -4.407  1.00 30.81  ? 56  VAL A N   1 
ATOM   399  C  CA  . VAL A 1 68  ? 15.891  -4.400  -3.653  1.00 28.91  ? 56  VAL A CA  1 
ATOM   400  C  C   . VAL A 1 68  ? 15.294  -3.315  -2.797  1.00 31.11  ? 56  VAL A C   1 
ATOM   401  O  O   . VAL A 1 68  ? 15.502  -3.297  -1.633  1.00 33.25  ? 56  VAL A O   1 
ATOM   402  C  CB  . VAL A 1 68  ? 16.926  -3.761  -4.572  1.00 29.13  ? 56  VAL A CB  1 
ATOM   403  C  CG1 . VAL A 1 68  ? 17.959  -2.970  -3.743  1.00 26.92  ? 56  VAL A CG1 1 
ATOM   404  C  CG2 . VAL A 1 68  ? 17.596  -4.854  -5.409  1.00 26.52  ? 56  VAL A CG2 1 
ATOM   405  N  N   . ARG A 1 69  ? 14.524  -2.414  -3.394  1.00 34.17  ? 57  ARG A N   1 
ATOM   406  C  CA  . ARG A 1 69  ? 13.885  -1.321  -2.674  1.00 31.16  ? 57  ARG A CA  1 
ATOM   407  C  C   . ARG A 1 69  ? 12.827  -0.721  -3.561  1.00 31.27  ? 57  ARG A C   1 
ATOM   408  O  O   . ARG A 1 69  ? 12.795  -0.957  -4.779  1.00 30.51  ? 57  ARG A O   1 
ATOM   409  C  CB  . ARG A 1 69  ? 14.905  -0.234  -2.338  1.00 29.95  ? 57  ARG A CB  1 
ATOM   410  C  CG  . ARG A 1 69  ? 15.556  0.421   -3.553  1.00 34.68  ? 57  ARG A CG  1 
ATOM   411  C  CD  . ARG A 1 69  ? 16.239  1.738   -3.236  1.00 35.78  ? 57  ARG A CD  1 
ATOM   412  N  NE  . ARG A 1 69  ? 17.622  1.538   -2.848  1.00 42.80  ? 57  ARG A NE  1 
ATOM   413  C  CZ  . ARG A 1 69  ? 18.622  1.269   -3.692  1.00 56.34  ? 57  ARG A CZ  1 
ATOM   414  N  NH1 . ARG A 1 69  ? 18.410  1.168   -5.025  1.00 55.94  ? 57  ARG A NH1 1 
ATOM   415  N  NH2 . ARG A 1 69  ? 19.852  1.106   -3.188  1.00 57.99  ? 57  ARG A NH2 1 
ATOM   416  N  N   . GLY A 1 70  ? 11.993  0.104   -2.948  1.00 32.07  ? 58  GLY A N   1 
ATOM   417  C  CA  . GLY A 1 70  ? 10.958  0.836   -3.662  1.00 28.84  ? 58  GLY A CA  1 
ATOM   418  C  C   . GLY A 1 70  ? 10.319  1.957   -2.852  1.00 26.57  ? 58  GLY A C   1 
ATOM   419  O  O   . GLY A 1 70  ? 10.696  2.233   -1.719  1.00 23.94  ? 58  GLY A O   1 
ATOM   420  N  N   . ARG A 1 71  ? 9.356   2.622   -3.481  1.00 29.70  ? 59  ARG A N   1 
ATOM   421  C  CA  . ARG A 1 71  ? 8.595   3.683   -2.849  1.00 28.51  ? 59  ARG A CA  1 
ATOM   422  C  C   . ARG A 1 71  ? 7.363   3.995   -3.667  1.00 29.56  ? 59  ARG A C   1 
ATOM   423  O  O   . ARG A 1 71  ? 7.285   3.636   -4.857  1.00 28.24  ? 59  ARG A O   1 
ATOM   424  C  CB  . ARG A 1 71  ? 9.434   4.934   -2.707  1.00 29.54  ? 59  ARG A CB  1 
ATOM   425  C  CG  . ARG A 1 71  ? 10.056  5.418   -4.009  1.00 32.56  ? 59  ARG A CG  1 
ATOM   426  C  CD  . ARG A 1 71  ? 10.470  6.891   -3.939  1.00 28.90  ? 59  ARG A CD  1 
ATOM   427  N  NE  . ARG A 1 71  ? 9.269   7.702   -3.846  1.00 28.13  ? 59  ARG A NE  1 
ATOM   428  C  CZ  . ARG A 1 71  ? 9.227   9.002   -3.579  1.00 27.90  ? 59  ARG A CZ  1 
ATOM   429  N  NH1 . ARG A 1 71  ? 10.336  9.736   -3.420  1.00 32.36  ? 59  ARG A NH1 1 
ATOM   430  N  NH2 . ARG A 1 71  ? 8.033   9.577   -3.482  1.00 37.46  ? 59  ARG A NH2 1 
ATOM   431  N  N   . LEU A 1 72  ? 6.403   4.645   -3.003  1.00 29.96  ? 60  LEU A N   1 
ATOM   432  C  CA  . LEU A 1 72  ? 5.225   5.172   -3.651  1.00 29.44  ? 60  LEU A CA  1 
ATOM   433  C  C   . LEU A 1 72  ? 5.534   6.528   -4.320  1.00 29.21  ? 60  LEU A C   1 
ATOM   434  O  O   . LEU A 1 72  ? 6.285   7.345   -3.801  1.00 26.44  ? 60  LEU A O   1 
ATOM   435  C  CB  . LEU A 1 72  ? 4.120   5.423   -2.634  1.00 31.77  ? 60  LEU A CB  1 
ATOM   436  C  CG  . LEU A 1 72  ? 3.559   4.354   -1.708  1.00 38.40  ? 60  LEU A CG  1 
ATOM   437  C  CD1 . LEU A 1 72  ? 2.352   4.930   -0.974  1.00 39.03  ? 60  LEU A CD1 1 
ATOM   438  C  CD2 . LEU A 1 72  ? 3.151   3.147   -2.462  1.00 51.48  ? 60  LEU A CD2 1 
ATOM   439  N  N   . HIS A 1 73  ? 4.924   6.729   -5.471  1.00 27.78  ? 61  HIS A N   1 
ATOM   440  C  CA  . HIS A 1 73  ? 4.813   8.017   -6.114  1.00 28.94  ? 61  HIS A CA  1 
ATOM   441  C  C   . HIS A 1 73  ? 3.309   8.260   -6.335  1.00 30.03  ? 61  HIS A C   1 
ATOM   442  O  O   . HIS A 1 73  ? 2.726   7.777   -7.278  1.00 35.26  ? 61  HIS A O   1 
ATOM   443  C  CB  . HIS A 1 73  ? 5.558   8.010   -7.444  1.00 26.20  ? 61  HIS A CB  1 
ATOM   444  C  CG  . HIS A 1 73  ? 7.048   7.930   -7.311  1.00 29.38  ? 61  HIS A CG  1 
ATOM   445  N  ND1 . HIS A 1 73  ? 7.828   9.021   -6.961  1.00 29.60  ? 61  HIS A ND1 1 
ATOM   446  C  CD2 . HIS A 1 73  ? 7.912   6.909   -7.542  1.00 31.24  ? 61  HIS A CD2 1 
ATOM   447  C  CE1 . HIS A 1 73  ? 9.107   8.667   -6.959  1.00 26.72  ? 61  HIS A CE1 1 
ATOM   448  N  NE2 . HIS A 1 73  ? 9.189   7.392   -7.305  1.00 30.92  ? 61  HIS A NE2 1 
ATOM   449  N  N   . GLY A 1 74  ? 2.663   8.964   -5.427  1.00 31.05  ? 62  GLY A N   1 
ATOM   450  C  CA  . GLY A 1 74  ? 1.224   9.106   -5.477  1.00 29.95  ? 62  GLY A CA  1 
ATOM   451  C  C   . GLY A 1 74  ? 0.617   7.799   -5.051  1.00 31.34  ? 62  GLY A C   1 
ATOM   452  O  O   . GLY A 1 74  ? 0.862   7.331   -3.924  1.00 31.34  ? 62  GLY A O   1 
ATOM   453  N  N   . LYS A 1 75  ? -0.109  7.175   -5.969  1.00 30.80  ? 63  LYS A N   1 
ATOM   454  C  CA  . LYS A 1 75  ? -0.732  5.896   -5.669  1.00 31.31  ? 63  LYS A CA  1 
ATOM   455  C  C   . LYS A 1 75  ? -0.142  4.762   -6.503  1.00 32.36  ? 63  LYS A C   1 
ATOM   456  O  O   . LYS A 1 75  ? -0.613  3.668   -6.435  1.00 33.85  ? 63  LYS A O   1 
ATOM   457  C  CB  . LYS A 1 75  ? -2.233  5.997   -5.858  1.00 31.56  ? 63  LYS A CB  1 
ATOM   458  C  CG  . LYS A 1 75  ? -2.920  6.979   -4.888  1.00 27.88  ? 63  LYS A CG  1 
ATOM   459  C  CD  . LYS A 1 75  ? -3.072  6.391   -3.512  1.00 37.12  ? 63  LYS A CD  1 
ATOM   460  C  CE  . LYS A 1 75  ? -4.284  5.474   -3.402  1.00 36.18  ? 63  LYS A CE  1 
ATOM   461  N  NZ  . LYS A 1 75  ? -5.553  6.252   -3.667  1.00 28.35  ? 63  LYS A NZ  1 
ATOM   462  N  N   . VAL A 1 76  ? 0.904   5.005   -7.275  1.00 34.10  ? 64  VAL A N   1 
ATOM   463  C  CA  . VAL A 1 76  ? 1.650   3.892   -7.870  1.00 35.58  ? 64  VAL A CA  1 
ATOM   464  C  C   . VAL A 1 76  ? 2.972   3.740   -7.181  1.00 36.57  ? 64  VAL A C   1 
ATOM   465  O  O   . VAL A 1 76  ? 3.404   4.651   -6.467  1.00 38.40  ? 64  VAL A O   1 
ATOM   466  C  CB  . VAL A 1 76  ? 1.976   4.115   -9.338  1.00 38.74  ? 64  VAL A CB  1 
ATOM   467  C  CG1 . VAL A 1 76  ? 0.676   4.187   -10.175 1.00 39.32  ? 64  VAL A CG1 1 
ATOM   468  C  CG2 . VAL A 1 76  ? 2.847   5.386   -9.528  1.00 32.40  ? 64  VAL A CG2 1 
ATOM   469  N  N   . LEU A 1 77  ? 3.646   2.621   -7.434  1.00 32.63  ? 65  LEU A N   1 
ATOM   470  C  CA  . LEU A 1 77  ? 4.927   2.386   -6.840  1.00 34.12  ? 65  LEU A CA  1 
ATOM   471  C  C   . LEU A 1 77  ? 6.018   2.347   -7.893  1.00 33.63  ? 65  LEU A C   1 
ATOM   472  O  O   . LEU A 1 77  ? 5.755   1.969   -9.030  1.00 35.72  ? 65  LEU A O   1 
ATOM   473  C  CB  . LEU A 1 77  ? 4.936   1.054   -6.139  1.00 34.68  ? 65  LEU A CB  1 
ATOM   474  C  CG  . LEU A 1 77  ? 4.329   1.008   -4.747  1.00 39.54  ? 65  LEU A CG  1 
ATOM   475  C  CD1 . LEU A 1 77  ? 2.830   1.059   -4.863  1.00 47.48  ? 65  LEU A CD1 1 
ATOM   476  C  CD2 . LEU A 1 77  ? 4.728   -0.306  -4.042  1.00 41.26  ? 65  LEU A CD2 1 
ATOM   477  N  N   . ALA A 1 78  ? 7.242   2.688   -7.485  1.00 31.40  ? 66  ALA A N   1 
ATOM   478  C  CA  . ALA A 1 78  ? 8.462   2.384   -8.256  1.00 30.81  ? 66  ALA A CA  1 
ATOM   479  C  C   . ALA A 1 78  ? 9.299   1.374   -7.480  1.00 31.43  ? 66  ALA A C   1 
ATOM   480  O  O   . ALA A 1 78  ? 9.515   1.503   -6.270  1.00 33.61  ? 66  ALA A O   1 
ATOM   481  C  CB  . ALA A 1 78  ? 9.279   3.647   -8.538  1.00 28.75  ? 66  ALA A CB  1 
ATOM   482  N  N   . ALA A 1 79  ? 9.774   0.376   -8.194  1.00 30.45  ? 67  ALA A N   1 
ATOM   483  C  CA  . ALA A 1 79  ? 10.445  -0.748  -7.592  1.00 30.95  ? 67  ALA A CA  1 
ATOM   484  C  C   . ALA A 1 79  ? 11.753  -0.998  -8.321  1.00 30.23  ? 67  ALA A C   1 
ATOM   485  O  O   . ALA A 1 79  ? 11.783  -0.934  -9.543  1.00 28.16  ? 67  ALA A O   1 
ATOM   486  C  CB  . ALA A 1 79  ? 9.575   -1.948  -7.705  1.00 34.19  ? 67  ALA A CB  1 
ATOM   487  N  N   . LYS A 1 80  ? 12.812  -1.250  -7.550  1.00 31.62  ? 68  LYS A N   1 
ATOM   488  C  CA  . LYS A 1 80  ? 14.116  -1.605  -8.069  1.00 33.10  ? 68  LYS A CA  1 
ATOM   489  C  C   . LYS A 1 80  ? 14.299  -3.091  -7.838  1.00 31.98  ? 68  LYS A C   1 
ATOM   490  O  O   . LYS A 1 80  ? 14.285  -3.545  -6.699  1.00 31.78  ? 68  LYS A O   1 
ATOM   491  C  CB  . LYS A 1 80  ? 15.223  -0.802  -7.364  1.00 34.27  ? 68  LYS A CB  1 
ATOM   492  C  CG  . LYS A 1 80  ? 16.677  -1.050  -7.871  1.00 35.30  ? 68  LYS A CG  1 
ATOM   493  C  CD  . LYS A 1 80  ? 16.940  -0.420  -9.255  1.00 46.28  ? 68  LYS A CD  1 
ATOM   494  C  CE  . LYS A 1 80  ? 18.347  -0.738  -9.836  1.00 42.78  ? 68  LYS A CE  1 
ATOM   495  N  NZ  . LYS A 1 80  ? 18.634  -2.182  -9.730  1.00 40.62  ? 68  LYS A NZ  1 
ATOM   496  N  N   . LEU A 1 81  ? 14.458  -3.843  -8.927  1.00 32.71  ? 69  LEU A N   1 
ATOM   497  C  CA  . LEU A 1 81  ? 14.690  -5.290  -8.861  1.00 31.31  ? 69  LEU A CA  1 
ATOM   498  C  C   . LEU A 1 81  ? 16.170  -5.613  -9.064  1.00 34.01  ? 69  LEU A C   1 
ATOM   499  O  O   . LEU A 1 81  ? 16.879  -4.938  -9.823  1.00 33.37  ? 69  LEU A O   1 
ATOM   500  C  CB  . LEU A 1 81  ? 13.848  -6.023  -9.896  1.00 30.42  ? 69  LEU A CB  1 
ATOM   501  C  CG  . LEU A 1 81  ? 12.364  -5.641  -9.934  1.00 34.32  ? 69  LEU A CG  1 
ATOM   502  C  CD1 . LEU A 1 81  ? 11.687  -6.468  -10.982 1.00 31.04  ? 69  LEU A CD1 1 
ATOM   503  C  CD2 . LEU A 1 81  ? 11.704  -5.836  -8.593  1.00 34.01  ? 69  LEU A CD2 1 
ATOM   504  N  N   . LYS A 1 82  ? 16.630  -6.666  -8.388  1.00 36.54  ? 70  LYS A N   1 
ATOM   505  C  CA  . LYS A 1 82  ? 18.050  -6.969  -8.356  1.00 37.68  ? 70  LYS A CA  1 
ATOM   506  C  C   . LYS A 1 82  ? 18.486  -7.303  -9.758  1.00 36.83  ? 70  LYS A C   1 
ATOM   507  O  O   . LYS A 1 82  ? 17.828  -8.066  -10.438 1.00 35.75  ? 70  LYS A O   1 
ATOM   508  C  CB  . LYS A 1 82  ? 18.378  -8.116  -7.392  1.00 37.96  ? 70  LYS A CB  1 
ATOM   509  C  CG  . LYS A 1 82  ? 19.867  -8.307  -7.223  1.00 39.73  ? 70  LYS A CG  1 
ATOM   510  C  CD  . LYS A 1 82  ? 20.226  -9.252  -6.101  1.00 39.30  ? 70  LYS A CD  1 
ATOM   511  C  CE  . LYS A 1 82  ? 21.713  -9.483  -6.115  1.00 41.54  ? 70  LYS A CE  1 
ATOM   512  N  NZ  . LYS A 1 82  ? 22.056  -10.773 -5.464  1.00 48.99  ? 70  LYS A NZ  1 
ATOM   513  N  N   . GLY A 1 83  ? 19.570  -6.673  -10.193 1.00 37.65  ? 71  GLY A N   1 
ATOM   514  C  CA  . GLY A 1 83  ? 20.152  -6.929  -11.509 1.00 36.58  ? 71  GLY A CA  1 
ATOM   515  C  C   . GLY A 1 83  ? 19.381  -6.393  -12.704 1.00 35.29  ? 71  GLY A C   1 
ATOM   516  O  O   . GLY A 1 83  ? 19.690  -6.751  -13.841 1.00 36.99  ? 71  GLY A O   1 
ATOM   517  N  N   . LEU A 1 84  ? 18.394  -5.540  -12.459 1.00 33.53  ? 72  LEU A N   1 
ATOM   518  C  CA  . LEU A 1 84  ? 17.652  -4.861  -13.530 1.00 33.62  ? 72  LEU A CA  1 
ATOM   519  C  C   . LEU A 1 84  ? 18.069  -3.389  -13.473 1.00 34.38  ? 72  LEU A C   1 
ATOM   520  O  O   . LEU A 1 84  ? 17.535  -2.603  -12.685 1.00 36.79  ? 72  LEU A O   1 
ATOM   521  C  CB  . LEU A 1 84  ? 16.135  -5.057  -13.326 1.00 33.30  ? 72  LEU A CB  1 
ATOM   522  C  CG  . LEU A 1 84  ? 15.144  -4.456  -14.307 1.00 31.55  ? 72  LEU A CG  1 
ATOM   523  C  CD1 . LEU A 1 84  ? 15.434  -4.950  -15.689 1.00 39.49  ? 72  LEU A CD1 1 
ATOM   524  C  CD2 . LEU A 1 84  ? 13.745  -4.825  -13.958 1.00 30.77  ? 72  LEU A CD2 1 
ATOM   525  N  N   . ASP A 1 85  ? 19.050  -3.027  -14.297 1.00 35.89  ? 73  ASP A N   1 
ATOM   526  C  CA  . ASP A 1 85  ? 19.719  -1.723  -14.191 1.00 34.68  ? 73  ASP A CA  1 
ATOM   527  C  C   . ASP A 1 85  ? 19.629  -0.769  -15.375 1.00 35.05  ? 73  ASP A C   1 
ATOM   528  O  O   . ASP A 1 85  ? 20.356  0.212   -15.408 1.00 33.67  ? 73  ASP A O   1 
ATOM   529  C  CB  . ASP A 1 85  ? 21.171  -1.945  -13.812 1.00 31.97  ? 73  ASP A CB  1 
ATOM   530  C  CG  . ASP A 1 85  ? 21.302  -2.787  -12.574 1.00 32.77  ? 73  ASP A CG  1 
ATOM   531  O  OD1 . ASP A 1 85  ? 20.648  -2.478  -11.556 1.00 37.28  ? 73  ASP A OD1 1 
ATOM   532  O  OD2 . ASP A 1 85  ? 22.050  -3.769  -12.611 1.00 42.55  ? 73  ASP A OD2 1 
ATOM   533  N  N   . ASP A 1 86  ? 18.755  -1.015  -16.347 1.00 38.13  ? 74  ASP A N   1 
ATOM   534  C  CA  . ASP A 1 86  ? 18.392  0.075   -17.293 1.00 38.80  ? 74  ASP A CA  1 
ATOM   535  C  C   . ASP A 1 86  ? 16.985  -0.022  -17.814 1.00 35.17  ? 74  ASP A C   1 
ATOM   536  O  O   . ASP A 1 86  ? 16.341  -1.077  -17.786 1.00 32.18  ? 74  ASP A O   1 
ATOM   537  C  CB  . ASP A 1 86  ? 19.333  0.118   -18.484 1.00 42.44  ? 74  ASP A CB  1 
ATOM   538  C  CG  . ASP A 1 86  ? 19.147  -1.055  -19.368 1.00 43.20  ? 74  ASP A CG  1 
ATOM   539  O  OD1 . ASP A 1 86  ? 19.590  -2.123  -18.955 1.00 53.37  ? 74  ASP A OD1 1 
ATOM   540  O  OD2 . ASP A 1 86  ? 18.500  -0.924  -20.417 1.00 35.36  ? 74  ASP A OD2 1 
ATOM   541  N  N   . ARG A 1 87  ? 16.528  1.109   -18.327 1.00 34.00  ? 75  ARG A N   1 
ATOM   542  C  CA  . ARG A 1 87  ? 15.129  1.255   -18.761 1.00 29.52  ? 75  ARG A CA  1 
ATOM   543  C  C   . ARG A 1 87  ? 14.767  0.254   -19.826 1.00 28.21  ? 75  ARG A C   1 
ATOM   544  O  O   . ARG A 1 87  ? 13.654  -0.192  -19.882 1.00 30.06  ? 75  ARG A O   1 
ATOM   545  C  CB  . ARG A 1 87  ? 14.896  2.679   -19.254 1.00 29.39  ? 75  ARG A CB  1 
ATOM   546  C  CG  . ARG A 1 87  ? 13.465  3.045   -19.704 1.00 26.90  ? 75  ARG A CG  1 
ATOM   547  C  CD  . ARG A 1 87  ? 13.533  4.414   -20.328 1.00 29.30  ? 75  ARG A CD  1 
ATOM   548  N  NE  . ARG A 1 87  ? 12.249  4.987   -20.710 1.00 38.29  ? 75  ARG A NE  1 
ATOM   549  C  CZ  . ARG A 1 87  ? 11.406  5.557   -19.864 1.00 28.17  ? 75  ARG A CZ  1 
ATOM   550  N  NH1 . ARG A 1 87  ? 11.661  5.634   -18.569 1.00 34.34  ? 75  ARG A NH1 1 
ATOM   551  N  NH2 . ARG A 1 87  ? 10.305  6.081   -20.322 1.00 35.67  ? 75  ARG A NH2 1 
ATOM   552  N  N   . GLU A 1 88  ? 15.709  -0.119  -20.674 1.00 31.20  ? 76  GLU A N   1 
ATOM   553  C  CA  . GLU A 1 88  ? 15.385  -0.936  -21.826 1.00 30.31  ? 76  GLU A CA  1 
ATOM   554  C  C   . GLU A 1 88  ? 15.146  -2.384  -21.444 1.00 31.80  ? 76  GLU A C   1 
ATOM   555  O  O   . GLU A 1 88  ? 14.197  -2.973  -21.959 1.00 34.33  ? 76  GLU A O   1 
ATOM   556  C  CB  . GLU A 1 88  ? 16.461  -0.795  -22.893 1.00 29.31  ? 76  GLU A CB  1 
ATOM   557  C  CG  . GLU A 1 88  ? 16.593  0.619   -23.399 1.00 30.13  ? 76  GLU A CG  1 
ATOM   558  C  CD  . GLU A 1 88  ? 15.239  1.271   -23.720 1.00 33.99  ? 76  GLU A CD  1 
ATOM   559  O  OE1 . GLU A 1 88  ? 14.423  0.657   -24.452 1.00 24.85  ? 76  GLU A OE1 1 
ATOM   560  O  OE2 . GLU A 1 88  ? 14.979  2.390   -23.227 1.00 35.97  ? 76  GLU A OE2 1 
ATOM   561  N  N   . GLU A 1 89  ? 15.969  -2.973  -20.566 1.00 31.12  ? 77  GLU A N   1 
ATOM   562  C  CA  A GLU A 1 89  ? 15.629  -4.293  -20.041 0.50 31.97  ? 77  GLU A CA  1 
ATOM   563  C  CA  B GLU A 1 89  ? 15.659  -4.294  -19.972 0.50 32.54  ? 77  GLU A CA  1 
ATOM   564  C  C   . GLU A 1 89  ? 14.300  -4.224  -19.240 1.00 32.73  ? 77  GLU A C   1 
ATOM   565  O  O   . GLU A 1 89  ? 13.447  -5.123  -19.347 1.00 31.59  ? 77  GLU A O   1 
ATOM   566  C  CB  A GLU A 1 89  ? 16.772  -4.854  -19.195 0.50 32.67  ? 77  GLU A CB  1 
ATOM   567  C  CB  B GLU A 1 89  ? 16.747  -4.757  -18.967 0.50 32.99  ? 77  GLU A CB  1 
ATOM   568  C  CG  A GLU A 1 89  ? 16.545  -6.278  -18.680 0.50 34.82  ? 77  GLU A CG  1 
ATOM   569  C  CG  B GLU A 1 89  ? 17.621  -5.977  -19.385 0.50 34.65  ? 77  GLU A CG  1 
ATOM   570  C  CD  A GLU A 1 89  ? 16.512  -7.324  -19.769 0.50 38.11  ? 77  GLU A CD  1 
ATOM   571  C  CD  B GLU A 1 89  ? 17.964  -6.942  -18.214 0.50 35.16  ? 77  GLU A CD  1 
ATOM   572  O  OE1 A GLU A 1 89  ? 17.462  -7.372  -20.603 0.50 39.45  ? 77  GLU A OE1 1 
ATOM   573  O  OE1 B GLU A 1 89  ? 18.948  -6.699  -17.464 0.50 37.26  ? 77  GLU A OE1 1 
ATOM   574  O  OE2 A GLU A 1 89  ? 15.537  -8.111  -19.772 0.50 44.33  ? 77  GLU A OE2 1 
ATOM   575  O  OE2 B GLU A 1 89  ? 17.248  -7.963  -18.061 0.50 33.04  ? 77  GLU A OE2 1 
ATOM   576  N  N   . ALA A 1 90  ? 14.102  -3.141  -18.482 1.00 31.54  ? 78  ALA A N   1 
ATOM   577  C  CA  . ALA A 1 90  ? 12.922  -2.993  -17.662 1.00 31.68  ? 78  ALA A CA  1 
ATOM   578  C  C   . ALA A 1 90  ? 11.595  -3.040  -18.446 1.00 33.58  ? 78  ALA A C   1 
ATOM   579  O  O   . ALA A 1 90  ? 10.589  -3.540  -17.904 1.00 32.68  ? 78  ALA A O   1 
ATOM   580  C  CB  . ALA A 1 90  ? 13.011  -1.758  -16.842 1.00 30.44  ? 78  ALA A CB  1 
ATOM   581  N  N   . ARG A 1 91  ? 11.594  -2.530  -19.686 1.00 30.74  ? 79  ARG A N   1 
ATOM   582  C  CA  . ARG A 1 91  ? 10.410  -2.528  -20.518 1.00 31.77  ? 79  ARG A CA  1 
ATOM   583  C  C   . ARG A 1 91  ? 9.899   -3.937  -20.649 1.00 32.76  ? 79  ARG A C   1 
ATOM   584  O  O   . ARG A 1 91  ? 8.703   -4.147  -20.689 1.00 35.40  ? 79  ARG A O   1 
ATOM   585  C  CB  . ARG A 1 91  ? 10.726  -2.065  -21.928 1.00 30.74  ? 79  ARG A CB  1 
ATOM   586  C  CG  . ARG A 1 91  ? 10.797  -0.621  -22.109 1.00 33.00  ? 79  ARG A CG  1 
ATOM   587  C  CD  . ARG A 1 91  ? 11.070  -0.248  -23.605 1.00 36.30  ? 79  ARG A CD  1 
ATOM   588  N  NE  . ARG A 1 91  ? 11.851  0.980   -23.638 1.00 34.03  ? 79  ARG A NE  1 
ATOM   589  C  CZ  . ARG A 1 91  ? 11.320  2.195   -23.528 1.00 44.75  ? 79  ARG A CZ  1 
ATOM   590  N  NH1 . ARG A 1 91  ? 12.109  3.296   -23.533 1.00 37.80  ? 79  ARG A NH1 1 
ATOM   591  N  NH2 . ARG A 1 91  ? 9.994   2.314   -23.408 1.00 39.80  ? 79  ARG A NH2 1 
ATOM   592  N  N   . THR A 1 92  ? 10.813  -4.897  -20.741 1.00 31.42  ? 80  THR A N   1 
ATOM   593  C  CA  . THR A 1 92  ? 10.441  -6.275  -20.954 1.00 30.37  ? 80  THR A CA  1 
ATOM   594  C  C   . THR A 1 92  ? 9.770   -6.889  -19.760 1.00 30.11  ? 80  THR A C   1 
ATOM   595  O  O   . THR A 1 92  ? 9.240   -7.956  -19.884 1.00 29.06  ? 80  THR A O   1 
ATOM   596  C  CB  . THR A 1 92  ? 11.653  -7.155  -21.329 1.00 30.16  ? 80  THR A CB  1 
ATOM   597  O  OG1 . THR A 1 92  ? 12.478  -7.334  -20.194 1.00 30.96  ? 80  THR A OG1 1 
ATOM   598  C  CG2 . THR A 1 92  ? 12.482  -6.490  -22.426 1.00 35.56  ? 80  THR A CG2 1 
ATOM   599  N  N   . PHE A 1 93  ? 9.752   -6.212  -18.616 1.00 32.74  ? 81  PHE A N   1 
ATOM   600  C  CA  . PHE A 1 93  ? 9.009   -6.683  -17.439 1.00 32.38  ? 81  PHE A CA  1 
ATOM   601  C  C   . PHE A 1 93  ? 7.556   -6.281  -17.420 1.00 32.15  ? 81  PHE A C   1 
ATOM   602  O  O   . PHE A 1 93  ? 6.789   -6.759  -16.556 1.00 27.81  ? 81  PHE A O   1 
ATOM   603  C  CB  . PHE A 1 93  ? 9.709   -6.233  -16.160 1.00 33.74  ? 81  PHE A CB  1 
ATOM   604  C  CG  . PHE A 1 93  ? 10.884  -7.072  -15.853 1.00 32.44  ? 81  PHE A CG  1 
ATOM   605  C  CD1 . PHE A 1 93  ? 11.977  -7.063  -16.701 1.00 31.88  ? 81  PHE A CD1 1 
ATOM   606  C  CD2 . PHE A 1 93  ? 10.850  -7.982  -14.806 1.00 42.71  ? 81  PHE A CD2 1 
ATOM   607  C  CE1 . PHE A 1 93  ? 13.059  -7.900  -16.473 1.00 40.26  ? 81  PHE A CE1 1 
ATOM   608  C  CE2 . PHE A 1 93  ? 11.938  -8.831  -14.555 1.00 38.26  ? 81  PHE A CE2 1 
ATOM   609  C  CZ  . PHE A 1 93  ? 13.034  -8.798  -15.400 1.00 37.81  ? 81  PHE A CZ  1 
ATOM   610  N  N   . THR A 1 94  ? 7.160   -5.441  -18.383 1.00 31.42  ? 82  THR A N   1 
ATOM   611  C  CA  . THR A 1 94  ? 5.788   -4.922  -18.423 1.00 32.25  ? 82  THR A CA  1 
ATOM   612  C  C   . THR A 1 94  ? 4.779   -6.060  -18.591 1.00 33.03  ? 82  THR A C   1 
ATOM   613  O  O   . THR A 1 94  ? 4.980   -6.928  -19.389 1.00 34.34  ? 82  THR A O   1 
ATOM   614  C  CB  . THR A 1 94  ? 5.647   -3.865  -19.549 1.00 33.61  ? 82  THR A CB  1 
ATOM   615  O  OG1 . THR A 1 94  ? 6.253   -2.623  -19.121 1.00 28.51  ? 82  THR A OG1 1 
ATOM   616  C  CG2 . THR A 1 94  ? 4.192   -3.624  -19.921 1.00 31.50  ? 82  THR A CG2 1 
ATOM   617  N  N   . GLY A 1 95  ? 3.709   -6.084  -17.804 1.00 34.01  ? 83  GLY A N   1 
ATOM   618  C  CA  . GLY A 1 95  ? 2.684   -7.109  -17.954 1.00 30.26  ? 83  GLY A CA  1 
ATOM   619  C  C   . GLY A 1 95  ? 2.859   -8.296  -17.027 1.00 30.66  ? 83  GLY A C   1 
ATOM   620  O  O   . GLY A 1 95  ? 2.042   -9.196  -17.052 1.00 29.98  ? 83  GLY A O   1 
ATOM   621  N  N   . TYR A 1 96  ? 3.910   -8.313  -16.208 1.00 31.42  ? 84  TYR A N   1 
ATOM   622  C  CA  . TYR A 1 96  ? 4.091   -9.376  -15.209 1.00 31.75  ? 84  TYR A CA  1 
ATOM   623  C  C   . TYR A 1 96  ? 3.278   -9.108  -13.962 1.00 33.69  ? 84  TYR A C   1 
ATOM   624  O  O   . TYR A 1 96  ? 3.380   -8.054  -13.339 1.00 34.32  ? 84  TYR A O   1 
ATOM   625  C  CB  . TYR A 1 96  ? 5.543   -9.474  -14.768 1.00 34.58  ? 84  TYR A CB  1 
ATOM   626  C  CG  . TYR A 1 96  ? 6.397   -10.351 -15.646 1.00 37.08  ? 84  TYR A CG  1 
ATOM   627  C  CD1 . TYR A 1 96  ? 6.117   -11.688 -15.804 1.00 43.19  ? 84  TYR A CD1 1 
ATOM   628  C  CD2 . TYR A 1 96  ? 7.517   -9.855  -16.276 1.00 50.18  ? 84  TYR A CD2 1 
ATOM   629  C  CE1 . TYR A 1 96  ? 6.902   -12.496 -16.594 1.00 42.54  ? 84  TYR A CE1 1 
ATOM   630  C  CE2 . TYR A 1 96  ? 8.303   -10.666 -17.072 1.00 45.34  ? 84  TYR A CE2 1 
ATOM   631  C  CZ  . TYR A 1 96  ? 7.987   -11.971 -17.222 1.00 39.47  ? 84  TYR A CZ  1 
ATOM   632  O  OH  . TYR A 1 96  ? 8.763   -12.766 -18.007 1.00 43.56  ? 84  TYR A OH  1 
ATOM   633  N  N   . GLU A 1 97  ? 2.461   -10.073 -13.590 1.00 35.08  ? 85  GLU A N   1 
ATOM   634  C  CA  . GLU A 1 97  ? 1.807   -10.044 -12.300 1.00 33.45  ? 85  GLU A CA  1 
ATOM   635  C  C   . GLU A 1 97  ? 2.846   -10.352 -11.257 1.00 34.35  ? 85  GLU A C   1 
ATOM   636  O  O   . GLU A 1 97  ? 3.704   -11.217 -11.465 1.00 36.47  ? 85  GLU A O   1 
ATOM   637  C  CB  . GLU A 1 97  ? 0.729   -11.101 -12.242 1.00 32.53  ? 85  GLU A CB  1 
ATOM   638  C  CG  . GLU A 1 97  ? -0.400  -10.837 -13.204 1.00 32.46  ? 85  GLU A CG  1 
ATOM   639  C  CD  . GLU A 1 97  ? -1.422  -11.944 -13.232 1.00 38.52  ? 85  GLU A CD  1 
ATOM   640  O  OE1 . GLU A 1 97  ? -1.069  -13.104 -12.860 1.00 28.95  ? 85  GLU A OE1 1 
ATOM   641  O  OE2 . GLU A 1 97  ? -2.573  -11.641 -13.646 1.00 38.88  ? 85  GLU A OE2 1 
ATOM   642  N  N   . ILE A 1 98  ? 2.778   -9.645  -10.139 1.00 34.48  ? 86  ILE A N   1 
ATOM   643  C  CA  . ILE A 1 98  ? 3.673   -9.897  -9.013  1.00 34.66  ? 86  ILE A CA  1 
ATOM   644  C  C   . ILE A 1 98  ? 2.923   -10.815 -8.076  1.00 35.24  ? 86  ILE A C   1 
ATOM   645  O  O   . ILE A 1 98  ? 1.903   -10.401 -7.539  1.00 35.51  ? 86  ILE A O   1 
ATOM   646  C  CB  . ILE A 1 98  ? 3.993   -8.610  -8.244  1.00 34.25  ? 86  ILE A CB  1 
ATOM   647  C  CG1 . ILE A 1 98  ? 4.595   -7.552  -9.176  1.00 35.23  ? 86  ILE A CG1 1 
ATOM   648  C  CG2 . ILE A 1 98  ? 4.927   -8.942  -7.050  1.00 37.30  ? 86  ILE A CG2 1 
ATOM   649  C  CD1 . ILE A 1 98  ? 4.524   -6.168  -8.682  1.00 36.87  ? 86  ILE A CD1 1 
ATOM   650  N  N   . CYS A 1 99  ? 3.405   -12.047 -7.897  1.00 35.41  ? 87  CYS A N   1 
ATOM   651  C  CA  . CYS A 1 99  ? 2.694   -13.078 -7.122  1.00 35.02  ? 87  CYS A CA  1 
ATOM   652  C  C   . CYS A 1 99  ? 3.471   -13.560 -5.915  1.00 35.95  ? 87  CYS A C   1 
ATOM   653  O  O   . CYS A 1 99  ? 4.691   -13.429 -5.856  1.00 33.05  ? 87  CYS A O   1 
ATOM   654  C  CB  . CYS A 1 99  ? 2.410   -14.313 -7.977  1.00 33.89  ? 87  CYS A CB  1 
ATOM   655  S  SG  . CYS A 1 99  ? 1.478   -14.004 -9.434  1.00 42.13  ? 87  CYS A SG  1 
ATOM   656  N  N   . ILE A 1 100 ? 2.735   -14.115 -4.953  1.00 39.30  ? 88  ILE A N   1 
ATOM   657  C  CA  . ILE A 1 100 ? 3.327   -14.839 -3.847  1.00 43.79  ? 88  ILE A CA  1 
ATOM   658  C  C   . ILE A 1 100 ? 2.454   -16.017 -3.456  1.00 43.19  ? 88  ILE A C   1 
ATOM   659  O  O   . ILE A 1 100 ? 1.253   -15.992 -3.703  1.00 42.23  ? 88  ILE A O   1 
ATOM   660  C  CB  . ILE A 1 100 ? 3.544   -13.946 -2.616  1.00 44.66  ? 88  ILE A CB  1 
ATOM   661  C  CG1 . ILE A 1 100 ? 2.192   -13.423 -2.095  1.00 51.05  ? 88  ILE A CG1 1 
ATOM   662  C  CG2 . ILE A 1 100 ? 4.544   -12.799 -2.952  1.00 43.61  ? 88  ILE A CG2 1 
ATOM   663  C  CD1 . ILE A 1 100 ? 2.262   -12.755 -0.693  1.00 49.43  ? 88  ILE A CD1 1 
ATOM   664  N  N   . PRO A 1 101 ? 3.067   -17.067 -2.875  1.00 44.72  ? 89  PRO A N   1 
ATOM   665  C  CA  . PRO A 1 101 ? 2.320   -18.146 -2.231  1.00 45.39  ? 89  PRO A CA  1 
ATOM   666  C  C   . PRO A 1 101 ? 1.268   -17.629 -1.243  1.00 47.15  ? 89  PRO A C   1 
ATOM   667  O  O   . PRO A 1 101 ? 1.585   -16.773 -0.416  1.00 47.68  ? 89  PRO A O   1 
ATOM   668  C  CB  . PRO A 1 101 ? 3.412   -18.902 -1.472  1.00 44.91  ? 89  PRO A CB  1 
ATOM   669  C  CG  . PRO A 1 101 ? 4.643   -18.686 -2.295  1.00 43.09  ? 89  PRO A CG  1 
ATOM   670  C  CD  . PRO A 1 101 ? 4.525   -17.313 -2.837  1.00 42.56  ? 89  PRO A CD  1 
ATOM   671  N  N   . ARG A 1 102 ? 0.034   -18.142 -1.361  1.00 49.42  ? 90  ARG A N   1 
ATOM   672  C  CA  . ARG A 1 102 ? -1.080  -17.936 -0.383  1.00 48.96  ? 90  ARG A CA  1 
ATOM   673  C  C   . ARG A 1 102 ? -0.542  -17.940 1.049   1.00 48.52  ? 90  ARG A C   1 
ATOM   674  O  O   . ARG A 1 102 ? -0.831  -17.034 1.812   1.00 47.00  ? 90  ARG A O   1 
ATOM   675  C  CB  . ARG A 1 102 ? -2.158  -19.055 -0.546  1.00 49.82  ? 90  ARG A CB  1 
ATOM   676  C  CG  . ARG A 1 102 ? -3.646  -18.597 -0.588  1.00 48.98  ? 90  ARG A CG  1 
ATOM   677  C  CD  . ARG A 1 102 ? -4.457  -19.370 -1.671  1.00 46.53  ? 90  ARG A CD  1 
ATOM   678  N  NE  . ARG A 1 102 ? -5.601  -18.578 -2.130  1.00 35.90  ? 90  ARG A NE  1 
ATOM   679  N  N   . SER A 1 103 ? 0.276   -18.955 1.362   1.00 49.49  ? 91  SER A N   1 
ATOM   680  C  CA  . SER A 1 103 ? 0.896   -19.177 2.685   1.00 49.51  ? 91  SER A CA  1 
ATOM   681  C  C   . SER A 1 103 ? 1.769   -18.044 3.271   1.00 52.24  ? 91  SER A C   1 
ATOM   682  O  O   . SER A 1 103 ? 1.931   -17.960 4.485   1.00 52.78  ? 91  SER A O   1 
ATOM   683  C  CB  . SER A 1 103 ? 1.740   -20.449 2.622   1.00 48.96  ? 91  SER A CB  1 
ATOM   684  O  OG  . SER A 1 103 ? 2.771   -20.301 1.670   1.00 41.34  ? 91  SER A OG  1 
ATOM   685  N  N   . GLU A 1 104 ? 2.330   -17.179 2.434   1.00 55.11  ? 92  GLU A N   1 
ATOM   686  C  CA  . GLU A 1 104 ? 3.123   -16.050 2.936   1.00 56.92  ? 92  GLU A CA  1 
ATOM   687  C  C   . GLU A 1 104 ? 2.297   -14.843 3.368   1.00 58.43  ? 92  GLU A C   1 
ATOM   688  O  O   . GLU A 1 104 ? 2.849   -13.828 3.781   1.00 59.08  ? 92  GLU A O   1 
ATOM   689  C  CB  . GLU A 1 104 ? 4.128   -15.600 1.889   1.00 57.52  ? 92  GLU A CB  1 
ATOM   690  C  CG  . GLU A 1 104 ? 5.187   -16.628 1.587   1.00 60.13  ? 92  GLU A CG  1 
ATOM   691  C  CD  . GLU A 1 104 ? 6.406   -16.017 0.926   1.00 63.41  ? 92  GLU A CD  1 
ATOM   692  O  OE1 . GLU A 1 104 ? 6.275   -15.012 0.167   1.00 65.98  ? 92  GLU A OE1 1 
ATOM   693  O  OE2 . GLU A 1 104 ? 7.501   -16.558 1.176   1.00 63.10  ? 92  GLU A OE2 1 
ATOM   694  N  N   . LEU A 1 105 ? 0.982   -14.917 3.248   1.00 61.30  ? 93  LEU A N   1 
ATOM   695  C  CA  . LEU A 1 105 ? 0.133   -13.854 3.792   1.00 63.16  ? 93  LEU A CA  1 
ATOM   696  C  C   . LEU A 1 105 ? -0.028  -14.104 5.288   1.00 63.02  ? 93  LEU A C   1 
ATOM   697  O  O   . LEU A 1 105 ? 0.015   -15.253 5.710   1.00 60.35  ? 93  LEU A O   1 
ATOM   698  C  CB  . LEU A 1 105 ? -1.259  -13.889 3.162   1.00 63.50  ? 93  LEU A CB  1 
ATOM   699  C  CG  . LEU A 1 105 ? -1.414  -13.748 1.650   1.00 59.00  ? 93  LEU A CG  1 
ATOM   700  C  CD1 . LEU A 1 105 ? -2.825  -14.228 1.297   1.00 56.31  ? 93  LEU A CD1 1 
ATOM   701  C  CD2 . LEU A 1 105 ? -1.143  -12.305 1.205   1.00 51.72  ? 93  LEU A CD2 1 
ATOM   702  N  N   . PRO A 1 106 ? -0.216  -13.031 6.087   1.00 64.76  ? 94  PRO A N   1 
ATOM   703  C  CA  . PRO A 1 106 ? -0.618  -13.225 7.510   1.00 64.79  ? 94  PRO A CA  1 
ATOM   704  C  C   . PRO A 1 106 ? -1.903  -14.080 7.635   1.00 65.11  ? 94  PRO A C   1 
ATOM   705  O  O   . PRO A 1 106 ? -2.865  -13.824 6.918   1.00 65.33  ? 94  PRO A O   1 
ATOM   706  C  CB  . PRO A 1 106 ? -0.840  -11.796 8.028   1.00 64.23  ? 94  PRO A CB  1 
ATOM   707  C  CG  . PRO A 1 106 ? -0.111  -10.874 7.023   1.00 65.60  ? 94  PRO A CG  1 
ATOM   708  C  CD  . PRO A 1 106 ? -0.046  -11.607 5.707   1.00 64.12  ? 94  PRO A CD  1 
ATOM   709  N  N   . SER A 1 107 ? -1.907  -15.088 8.514   1.00 64.28  ? 95  SER A N   1 
ATOM   710  C  CA  . SER A 1 107 ? -3.000  -16.065 8.576   1.00 63.46  ? 95  SER A CA  1 
ATOM   711  C  C   . SER A 1 107 ? -3.508  -16.244 9.991   1.00 63.59  ? 95  SER A C   1 
ATOM   712  O  O   . SER A 1 107 ? -4.183  -15.368 10.512  1.00 65.52  ? 95  SER A O   1 
ATOM   713  N  N   . TYR A 1 113 ? -3.106  -7.237  10.963  1.00 71.56  ? 101 TYR A N   1 
ATOM   714  C  CA  . TYR A 1 113 ? -3.286  -6.394  12.141  1.00 70.61  ? 101 TYR A CA  1 
ATOM   715  C  C   . TYR A 1 113 ? -4.489  -6.810  12.954  1.00 70.57  ? 101 TYR A C   1 
ATOM   716  O  O   . TYR A 1 113 ? -5.425  -7.437  12.454  1.00 70.18  ? 101 TYR A O   1 
ATOM   717  C  CB  . TYR A 1 113 ? -3.460  -4.918  11.770  1.00 70.28  ? 101 TYR A CB  1 
ATOM   718  C  CG  . TYR A 1 113 ? -2.265  -4.368  11.087  1.00 70.94  ? 101 TYR A CG  1 
ATOM   719  C  CD1 . TYR A 1 113 ? -1.102  -4.083  11.807  1.00 71.74  ? 101 TYR A CD1 1 
ATOM   720  C  CD2 . TYR A 1 113 ? -2.261  -4.182  9.710   1.00 70.80  ? 101 TYR A CD2 1 
ATOM   721  C  CE1 . TYR A 1 113 ? 0.040   -3.593  11.167  1.00 72.41  ? 101 TYR A CE1 1 
ATOM   722  C  CE2 . TYR A 1 113 ? -1.127  -3.698  9.054   1.00 73.05  ? 101 TYR A CE2 1 
ATOM   723  C  CZ  . TYR A 1 113 ? 0.017   -3.394  9.788   1.00 72.22  ? 101 TYR A CZ  1 
ATOM   724  O  OH  . TYR A 1 113 ? 1.128   -2.913  9.133   1.00 70.92  ? 101 TYR A OH  1 
ATOM   725  N  N   . TYR A 1 114 ? -4.435  -6.452  14.230  1.00 69.42  ? 102 TYR A N   1 
ATOM   726  C  CA  . TYR A 1 114 ? -5.596  -6.482  15.068  1.00 66.22  ? 102 TYR A CA  1 
ATOM   727  C  C   . TYR A 1 114 ? -6.241  -5.134  14.973  1.00 61.13  ? 102 TYR A C   1 
ATOM   728  O  O   . TYR A 1 114 ? -5.587  -4.115  14.793  1.00 58.73  ? 102 TYR A O   1 
ATOM   729  C  CB  . TYR A 1 114 ? -5.232  -6.737  16.516  1.00 67.70  ? 102 TYR A CB  1 
ATOM   730  C  CG  . TYR A 1 114 ? -4.788  -8.129  16.785  1.00 69.17  ? 102 TYR A CG  1 
ATOM   731  C  CD1 . TYR A 1 114 ? -5.604  -9.211  16.457  1.00 72.62  ? 102 TYR A CD1 1 
ATOM   732  C  CD2 . TYR A 1 114 ? -3.560  -8.371  17.399  1.00 74.18  ? 102 TYR A CD2 1 
ATOM   733  C  CE1 . TYR A 1 114 ? -5.202  -10.510 16.728  1.00 72.65  ? 102 TYR A CE1 1 
ATOM   734  C  CE2 . TYR A 1 114 ? -3.146  -9.659  17.676  1.00 72.93  ? 102 TYR A CE2 1 
ATOM   735  C  CZ  . TYR A 1 114 ? -3.968  -10.725 17.337  1.00 71.48  ? 102 TYR A CZ  1 
ATOM   736  O  OH  . TYR A 1 114 ? -3.547  -12.001 17.622  1.00 72.36  ? 102 TYR A OH  1 
ATOM   737  N  N   . TRP A 1 115 ? -7.551  -5.161  15.099  1.00 58.56  ? 103 TRP A N   1 
ATOM   738  C  CA  . TRP A 1 115 ? -8.349  -3.966  15.281  1.00 58.03  ? 103 TRP A CA  1 
ATOM   739  C  C   . TRP A 1 115 ? -7.841  -3.084  16.420  1.00 55.63  ? 103 TRP A C   1 
ATOM   740  O  O   . TRP A 1 115 ? -7.826  -1.854  16.306  1.00 57.28  ? 103 TRP A O   1 
ATOM   741  C  CB  . TRP A 1 115 ? -9.789  -4.378  15.595  1.00 57.81  ? 103 TRP A CB  1 
ATOM   742  C  CG  . TRP A 1 115 ? -10.661 -4.564  14.427  1.00 57.25  ? 103 TRP A CG  1 
ATOM   743  C  CD1 . TRP A 1 115 ? -10.299 -4.733  13.101  1.00 57.62  ? 103 TRP A CD1 1 
ATOM   744  C  CD2 . TRP A 1 115 ? -12.078 -4.601  14.467  1.00 59.36  ? 103 TRP A CD2 1 
ATOM   745  N  NE1 . TRP A 1 115 ? -11.430 -4.853  12.317  1.00 54.26  ? 103 TRP A NE1 1 
ATOM   746  C  CE2 . TRP A 1 115 ? -12.535 -4.790  13.135  1.00 57.10  ? 103 TRP A CE2 1 
ATOM   747  C  CE3 . TRP A 1 115 ? -13.021 -4.489  15.507  1.00 59.83  ? 103 TRP A CE3 1 
ATOM   748  C  CZ2 . TRP A 1 115 ? -13.901 -4.887  12.823  1.00 57.75  ? 103 TRP A CZ2 1 
ATOM   749  C  CZ3 . TRP A 1 115 ? -14.379 -4.575  15.195  1.00 57.88  ? 103 TRP A CZ3 1 
ATOM   750  C  CH2 . TRP A 1 115 ? -14.802 -4.779  13.862  1.00 58.80  ? 103 TRP A CH2 1 
ATOM   751  N  N   A HIS A 1 116 ? -7.455  -3.703  17.519  0.50 53.09  ? 104 HIS A N   1 
ATOM   752  N  N   B HIS A 1 116 ? -7.437  -3.730  17.523  0.50 53.96  ? 104 HIS A N   1 
ATOM   753  C  CA  A HIS A 1 116 ? -7.112  -2.933  18.684  0.50 50.53  ? 104 HIS A CA  1 
ATOM   754  C  CA  B HIS A 1 116 ? -6.980  -3.026  18.733  0.50 52.31  ? 104 HIS A CA  1 
ATOM   755  C  C   A HIS A 1 116 ? -5.692  -2.295  18.487  0.50 49.59  ? 104 HIS A C   1 
ATOM   756  C  C   B HIS A 1 116 ? -5.710  -2.252  18.411  0.50 50.14  ? 104 HIS A C   1 
ATOM   757  O  O   A HIS A 1 116 ? -5.393  -1.258  19.082  0.50 50.22  ? 104 HIS A O   1 
ATOM   758  O  O   B HIS A 1 116 ? -5.540  -1.104  18.820  0.50 49.94  ? 104 HIS A O   1 
ATOM   759  C  CB  A HIS A 1 116 ? -7.348  -3.780  19.979  0.50 49.67  ? 104 HIS A CB  1 
ATOM   760  C  CB  B HIS A 1 116 ? -6.866  -3.981  19.984  0.50 51.71  ? 104 HIS A CB  1 
ATOM   761  C  CG  A HIS A 1 116 ? -8.751  -4.351  20.098  0.50 45.99  ? 104 HIS A CG  1 
ATOM   762  C  CG  B HIS A 1 116 ? -5.476  -4.455  20.332  0.50 49.81  ? 104 HIS A CG  1 
ATOM   763  N  ND1 A HIS A 1 116 ? -9.872  -3.710  19.608  0.50 34.60  ? 104 HIS A ND1 1 
ATOM   764  N  ND1 B HIS A 1 116 ? -4.960  -5.657  19.886  0.50 43.08  ? 104 HIS A ND1 1 
ATOM   765  C  CD2 A HIS A 1 116 ? -9.203  -5.496  20.670  0.50 39.53  ? 104 HIS A CD2 1 
ATOM   766  C  CD2 B HIS A 1 116 ? -4.539  -3.933  21.164  0.50 48.52  ? 104 HIS A CD2 1 
ATOM   767  C  CE1 A HIS A 1 116 ? -10.947 -4.436  19.863  0.50 31.55  ? 104 HIS A CE1 1 
ATOM   768  C  CE1 B HIS A 1 116 ? -3.745  -5.826  20.382  0.50 43.82  ? 104 HIS A CE1 1 
ATOM   769  N  NE2 A HIS A 1 116 ? -10.567 -5.526  20.504  0.50 32.15  ? 104 HIS A NE2 1 
ATOM   770  N  NE2 B HIS A 1 116 ? -3.469  -4.797  21.164  0.50 46.44  ? 104 HIS A NE2 1 
ATOM   771  N  N   . GLN A 1 117 ? -4.853  -2.860  17.612  1.00 48.45  ? 105 GLN A N   1 
ATOM   772  C  CA  . GLN A 1 117 ? -3.591  -2.204  17.209  1.00 47.22  ? 105 GLN A CA  1 
ATOM   773  C  C   . GLN A 1 117 ? -3.740  -0.889  16.401  1.00 43.72  ? 105 GLN A C   1 
ATOM   774  O  O   . GLN A 1 117 ? -2.889  -0.042  16.467  1.00 41.95  ? 105 GLN A O   1 
ATOM   775  C  CB  . GLN A 1 117 ? -2.763  -3.158  16.370  1.00 47.68  ? 105 GLN A CB  1 
ATOM   776  C  CG  . GLN A 1 117 ? -2.209  -4.340  17.107  1.00 49.44  ? 105 GLN A CG  1 
ATOM   777  C  CD  . GLN A 1 117 ? -1.318  -5.132  16.194  1.00 54.40  ? 105 GLN A CD  1 
ATOM   778  O  OE1 . GLN A 1 117 ? -1.751  -5.559  15.124  1.00 54.56  ? 105 GLN A OE1 1 
ATOM   779  N  NE2 . GLN A 1 117 ? -0.051  -5.277  16.570  1.00 53.19  ? 105 GLN A NE2 1 
ATOM   780  N  N   . LEU A 1 118 ? -4.803  -0.751  15.614  1.00 42.89  ? 106 LEU A N   1 
ATOM   781  C  CA  . LEU A 1 118 ? -5.089  0.475   14.856  1.00 42.31  ? 106 LEU A CA  1 
ATOM   782  C  C   . LEU A 1 118 ? -5.692  1.622   15.696  1.00 40.91  ? 106 LEU A C   1 
ATOM   783  O  O   . LEU A 1 118 ? -5.499  2.792   15.363  1.00 40.78  ? 106 LEU A O   1 
ATOM   784  C  CB  . LEU A 1 118 ? -6.012  0.145   13.678  1.00 42.62  ? 106 LEU A CB  1 
ATOM   785  C  CG  . LEU A 1 118 ? -5.424  -0.919  12.726  1.00 41.88  ? 106 LEU A CG  1 
ATOM   786  C  CD1 . LEU A 1 118 ? -6.441  -1.276  11.670  1.00 38.43  ? 106 LEU A CD1 1 
ATOM   787  C  CD2 . LEU A 1 118 ? -4.104  -0.470  12.093  1.00 39.69  ? 106 LEU A CD2 1 
ATOM   788  N  N   . GLU A 1 119 ? -6.409  1.275   16.766  1.00 39.18  ? 107 GLU A N   1 
ATOM   789  C  CA  . GLU A 1 119 ? -6.998  2.246   17.693  1.00 38.55  ? 107 GLU A CA  1 
ATOM   790  C  C   . GLU A 1 119 ? -5.952  3.186   18.247  1.00 38.62  ? 107 GLU A C   1 
ATOM   791  O  O   . GLU A 1 119 ? -4.918  2.760   18.743  1.00 40.73  ? 107 GLU A O   1 
ATOM   792  C  CB  . GLU A 1 119 ? -7.702  1.535   18.848  1.00 36.42  ? 107 GLU A CB  1 
ATOM   793  C  CG  . GLU A 1 119 ? -9.131  1.184   18.515  1.00 42.75  ? 107 GLU A CG  1 
ATOM   794  C  CD  . GLU A 1 119 ? -9.705  0.017   19.307  1.00 46.38  ? 107 GLU A CD  1 
ATOM   795  O  OE1 . GLU A 1 119 ? -9.277  -0.252  20.458  1.00 44.17  ? 107 GLU A OE1 1 
ATOM   796  O  OE2 . GLU A 1 119 ? -10.614 -0.631  18.752  1.00 56.89  ? 107 GLU A OE2 1 
ATOM   797  N  N   . GLY A 1 120 ? -6.224  4.474   18.161  1.00 38.25  ? 108 GLY A N   1 
ATOM   798  C  CA  . GLY A 1 120 ? -5.311  5.476   18.673  1.00 37.20  ? 108 GLY A CA  1 
ATOM   799  C  C   . GLY A 1 120 ? -4.309  5.970   17.661  1.00 37.41  ? 108 GLY A C   1 
ATOM   800  O  O   . GLY A 1 120 ? -3.594  6.899   17.948  1.00 39.31  ? 108 GLY A O   1 
ATOM   801  N  N   . LEU A 1 121 ? -4.256  5.383   16.465  1.00 37.75  ? 109 LEU A N   1 
ATOM   802  C  CA  . LEU A 1 121 ? -3.354  5.893   15.434  1.00 36.67  ? 109 LEU A CA  1 
ATOM   803  C  C   . LEU A 1 121 ? -3.848  7.221   14.922  1.00 37.76  ? 109 LEU A C   1 
ATOM   804  O  O   . LEU A 1 121 ? -5.069  7.416   14.726  1.00 37.48  ? 109 LEU A O   1 
ATOM   805  C  CB  . LEU A 1 121 ? -3.248  4.935   14.268  1.00 38.09  ? 109 LEU A CB  1 
ATOM   806  C  CG  . LEU A 1 121 ? -2.499  3.622   14.494  1.00 38.87  ? 109 LEU A CG  1 
ATOM   807  C  CD1 . LEU A 1 121 ? -2.500  2.830   13.226  1.00 36.10  ? 109 LEU A CD1 1 
ATOM   808  C  CD2 . LEU A 1 121 ? -1.099  3.894   14.934  1.00 39.66  ? 109 LEU A CD2 1 
ATOM   809  N  N   . LYS A 1 122 ? -2.899  8.136   14.726  1.00 36.41  ? 110 LYS A N   1 
ATOM   810  C  CA  . LYS A 1 122 ? -3.172  9.421   14.117  1.00 36.98  ? 110 LYS A CA  1 
ATOM   811  C  C   . LYS A 1 122 ? -3.355  9.182   12.624  1.00 32.76  ? 110 LYS A C   1 
ATOM   812  O  O   . LYS A 1 122 ? -2.582  8.470   12.003  1.00 34.60  ? 110 LYS A O   1 
ATOM   813  C  CB  . LYS A 1 122 ? -2.018  10.388  14.363  1.00 38.05  ? 110 LYS A CB  1 
ATOM   814  C  CG  . LYS A 1 122 ? -1.763  10.746  15.838  1.00 43.95  ? 110 LYS A CG  1 
ATOM   815  C  CD  . LYS A 1 122 ? -0.282  11.240  16.049  1.00 46.32  ? 110 LYS A CD  1 
ATOM   816  C  CE  . LYS A 1 122 ? 0.381   10.870  17.428  1.00 53.84  ? 110 LYS A CE  1 
ATOM   817  N  NZ  . LYS A 1 122 ? 1.791   10.305  17.200  1.00 49.53  ? 110 LYS A NZ  1 
ATOM   818  N  N   . VAL A 1 123 ? -4.371  9.790   12.044  1.00 31.44  ? 111 VAL A N   1 
ATOM   819  C  CA  . VAL A 1 123 ? -4.703  9.614   10.633  1.00 31.20  ? 111 VAL A CA  1 
ATOM   820  C  C   . VAL A 1 123 ? -4.388  10.905  9.885   1.00 29.33  ? 111 VAL A C   1 
ATOM   821  O  O   . VAL A 1 123 ? -4.931  11.935  10.177  1.00 31.32  ? 111 VAL A O   1 
ATOM   822  C  CB  . VAL A 1 123 ? -6.193  9.290   10.497  1.00 31.17  ? 111 VAL A CB  1 
ATOM   823  C  CG1 . VAL A 1 123 ? -6.650  9.320   9.017   1.00 32.50  ? 111 VAL A CG1 1 
ATOM   824  C  CG2 . VAL A 1 123 ? -6.472  7.957   11.153  1.00 27.17  ? 111 VAL A CG2 1 
ATOM   825  N  N   . ILE A 1 124 ? -3.501  10.833  8.915   1.00 34.25  ? 112 ILE A N   1 
ATOM   826  C  CA  . ILE A 1 124 ? -2.976  12.003  8.225   1.00 34.78  ? 112 ILE A CA  1 
ATOM   827  C  C   . ILE A 1 124 ? -3.058  11.806  6.718   1.00 36.61  ? 112 ILE A C   1 
ATOM   828  O  O   . ILE A 1 124 ? -2.602  10.773  6.230   1.00 40.00  ? 112 ILE A O   1 
ATOM   829  C  CB  . ILE A 1 124 ? -1.535  12.207  8.620   1.00 36.16  ? 112 ILE A CB  1 
ATOM   830  C  CG1 . ILE A 1 124 ? -1.444  12.438  10.147  1.00 38.01  ? 112 ILE A CG1 1 
ATOM   831  C  CG2 . ILE A 1 124 ? -0.925  13.392  7.866   1.00 31.48  ? 112 ILE A CG2 1 
ATOM   832  C  CD1 . ILE A 1 124 ? -0.098  12.154  10.682  1.00 46.13  ? 112 ILE A CD1 1 
ATOM   833  N  N   . ASP A 1 125 ? -3.638  12.786  6.011   1.00 34.69  ? 113 ASP A N   1 
ATOM   834  C  CA  . ASP A 1 125 ? -3.976  12.666  4.593   1.00 35.85  ? 113 ASP A CA  1 
ATOM   835  C  C   . ASP A 1 125 ? -2.796  13.010  3.724   1.00 38.00  ? 113 ASP A C   1 
ATOM   836  O  O   . ASP A 1 125 ? -1.807  13.472  4.231   1.00 38.69  ? 113 ASP A O   1 
ATOM   837  C  CB  . ASP A 1 125 ? -5.236  13.514  4.207   1.00 35.87  ? 113 ASP A CB  1 
ATOM   838  C  CG  . ASP A 1 125 ? -5.021  15.006  4.297   1.00 28.99  ? 113 ASP A CG  1 
ATOM   839  O  OD1 . ASP A 1 125 ? -3.868  15.428  4.333   1.00 36.90  ? 113 ASP A OD1 1 
ATOM   840  O  OD2 . ASP A 1 125 ? -6.012  15.773  4.322   1.00 38.72  ? 113 ASP A OD2 1 
ATOM   841  N  N   . GLN A 1 126 ? -2.918  12.814  2.403   1.00 40.37  ? 114 GLN A N   1 
ATOM   842  C  CA  A GLN A 1 126 ? -1.731  12.994  1.585   0.50 38.20  ? 114 GLN A CA  1 
ATOM   843  C  CA  B GLN A 1 126 ? -1.889  13.127  1.366   0.50 38.42  ? 114 GLN A CA  1 
ATOM   844  C  C   . GLN A 1 126 ? -1.184  14.414  1.633   1.00 37.60  ? 114 GLN A C   1 
ATOM   845  O  O   . GLN A 1 126 ? 0.000   14.557  1.437   1.00 38.36  ? 114 GLN A O   1 
ATOM   846  C  CB  A GLN A 1 126 ? -1.861  12.389  0.171   0.50 37.67  ? 114 GLN A CB  1 
ATOM   847  C  CB  B GLN A 1 126 ? -2.502  13.325  -0.041  0.50 36.97  ? 114 GLN A CB  1 
ATOM   848  C  CG  A GLN A 1 126 ? -1.240  10.973  0.100   0.50 30.29  ? 114 GLN A CG  1 
ATOM   849  C  CG  B GLN A 1 126 ? -3.704  12.490  -0.421  0.50 38.22  ? 114 GLN A CG  1 
ATOM   850  C  CD  A GLN A 1 126 ? -1.147  10.454  -1.303  0.50 38.11  ? 114 GLN A CD  1 
ATOM   851  C  CD  B GLN A 1 126 ? -5.009  13.039  0.151   0.50 24.18  ? 114 GLN A CD  1 
ATOM   852  O  OE1 A GLN A 1 126 ? -2.141  10.467  -2.048  0.50 33.10  ? 114 GLN A OE1 1 
ATOM   853  O  OE1 B GLN A 1 126 ? -5.564  14.052  -0.267  0.50 27.04  ? 114 GLN A OE1 1 
ATOM   854  N  NE2 A GLN A 1 126 ? 0.059   9.996   -1.695  0.50 26.84  ? 114 GLN A NE2 1 
ATOM   855  N  NE2 B GLN A 1 126 ? -5.493  12.353  1.085   0.50 4.44   ? 114 GLN A NE2 1 
ATOM   856  N  N   . GLY A 1 127 ? -2.000  15.405  1.983   1.00 39.18  ? 115 GLY A N   1 
ATOM   857  C  CA  . GLY A 1 127 ? -1.531  16.770  2.184   1.00 38.80  ? 115 GLY A CA  1 
ATOM   858  C  C   . GLY A 1 127 ? -0.981  17.058  3.569   1.00 40.39  ? 115 GLY A C   1 
ATOM   859  O  O   . GLY A 1 127 ? -0.738  18.200  3.877   1.00 43.99  ? 115 GLY A O   1 
ATOM   860  N  N   . ARG A 1 128 ? -0.825  16.048  4.424   1.00 41.33  ? 116 ARG A N   1 
ATOM   861  C  CA  . ARG A 1 128 ? -0.242  16.211  5.749   1.00 43.18  ? 116 ARG A CA  1 
ATOM   862  C  C   . ARG A 1 128 ? -1.211  16.693  6.856   1.00 42.22  ? 116 ARG A C   1 
ATOM   863  O  O   . ARG A 1 128 ? -0.824  16.813  8.008   1.00 41.61  ? 116 ARG A O   1 
ATOM   864  C  CB  . ARG A 1 128 ? 0.974   17.135  5.671   1.00 49.91  ? 116 ARG A CB  1 
ATOM   865  N  N   . GLN A 1 129 ? -2.468  16.918  6.505   1.00 40.04  ? 117 GLN A N   1 
ATOM   866  C  CA  . GLN A 1 129 ? -3.494  17.287  7.459   1.00 37.15  ? 117 GLN A CA  1 
ATOM   867  C  C   . GLN A 1 129 ? -3.848  16.137  8.385   1.00 33.36  ? 117 GLN A C   1 
ATOM   868  O  O   . GLN A 1 129 ? -4.058  15.045  7.940   1.00 34.43  ? 117 GLN A O   1 
ATOM   869  C  CB  . GLN A 1 129 ? -4.764  17.743  6.712   1.00 38.72  ? 117 GLN A CB  1 
ATOM   870  C  CG  . GLN A 1 129 ? -4.527  18.895  5.711   1.00 36.27  ? 117 GLN A CG  1 
ATOM   871  C  CD  . GLN A 1 129 ? -5.812  19.440  5.083   1.00 36.49  ? 117 GLN A CD  1 
ATOM   872  O  OE1 . GLN A 1 129 ? -6.103  20.623  5.207   1.00 43.37  ? 117 GLN A OE1 1 
ATOM   873  N  NE2 . GLN A 1 129 ? -6.576  18.578  4.402   1.00 27.95  ? 117 GLN A NE2 1 
ATOM   874  N  N   . LEU A 1 130 ? -3.923  16.405  9.684   1.00 33.80  ? 118 LEU A N   1 
ATOM   875  C  CA  . LEU A 1 130 ? -4.341  15.433  10.683  1.00 30.01  ? 118 LEU A CA  1 
ATOM   876  C  C   . LEU A 1 130 ? -5.840  15.440  10.725  1.00 33.10  ? 118 LEU A C   1 
ATOM   877  O  O   . LEU A 1 130 ? -6.448  16.421  11.140  1.00 33.49  ? 118 LEU A O   1 
ATOM   878  C  CB  . LEU A 1 130 ? -3.806  15.806  12.069  1.00 30.02  ? 118 LEU A CB  1 
ATOM   879  C  CG  . LEU A 1 130 ? -4.307  14.943  13.243  1.00 27.44  ? 118 LEU A CG  1 
ATOM   880  C  CD1 . LEU A 1 130 ? -3.872  13.495  13.124  1.00 33.74  ? 118 LEU A CD1 1 
ATOM   881  C  CD2 . LEU A 1 130 ? -3.817  15.490  14.537  1.00 23.15  ? 118 LEU A CD2 1 
ATOM   882  N  N   . LEU A 1 131 ? -6.439  14.338  10.295  1.00 34.87  ? 119 LEU A N   1 
ATOM   883  C  CA  . LEU A 1 131 ? -7.885  14.168  10.342  1.00 33.31  ? 119 LEU A CA  1 
ATOM   884  C  C   . LEU A 1 131 ? -8.360  13.732  11.706  1.00 34.88  ? 119 LEU A C   1 
ATOM   885  O  O   . LEU A 1 131 ? -9.519  13.896  12.032  1.00 35.11  ? 119 LEU A O   1 
ATOM   886  C  CB  . LEU A 1 131 ? -8.307  13.097  9.355   1.00 35.09  ? 119 LEU A CB  1 
ATOM   887  C  CG  . LEU A 1 131 ? -7.804  13.224  7.912   1.00 35.48  ? 119 LEU A CG  1 
ATOM   888  C  CD1 . LEU A 1 131 ? -8.436  12.145  7.010   1.00 31.40  ? 119 LEU A CD1 1 
ATOM   889  C  CD2 . LEU A 1 131 ? -8.098  14.604  7.350   1.00 29.86  ? 119 LEU A CD2 1 
ATOM   890  N  N   . GLY A 1 132 ? -7.495  13.129  12.506  1.00 34.85  ? 120 GLY A N   1 
ATOM   891  C  CA  . GLY A 1 132 ? -7.963  12.647  13.797  1.00 34.99  ? 120 GLY A CA  1 
ATOM   892  C  C   . GLY A 1 132 ? -7.282  11.371  14.202  1.00 33.19  ? 120 GLY A C   1 
ATOM   893  O  O   . GLY A 1 132 ? -6.253  11.043  13.651  1.00 31.32  ? 120 GLY A O   1 
ATOM   894  N  N   . VAL A 1 133 ? -7.847  10.689  15.192  1.00 32.64  ? 121 VAL A N   1 
ATOM   895  C  CA  . VAL A 1 133 ? -7.341  9.392   15.638  1.00 35.43  ? 121 VAL A CA  1 
ATOM   896  C  C   . VAL A 1 133 ? -8.404  8.347   15.389  1.00 34.84  ? 121 VAL A C   1 
ATOM   897  O  O   . VAL A 1 133 ? -9.586  8.629   15.469  1.00 37.02  ? 121 VAL A O   1 
ATOM   898  C  CB  . VAL A 1 133 ? -6.963  9.342   17.170  1.00 35.72  ? 121 VAL A CB  1 
ATOM   899  C  CG1 . VAL A 1 133 ? -5.682  10.100  17.468  1.00 39.97  ? 121 VAL A CG1 1 
ATOM   900  C  CG2 . VAL A 1 133 ? -8.041  9.883   18.021  1.00 35.62  ? 121 VAL A CG2 1 
ATOM   901  N  N   . ILE A 1 134 ? -7.980  7.131   15.102  1.00 35.64  ? 122 ILE A N   1 
ATOM   902  C  CA  . ILE A 1 134 ? -8.895  6.021   14.971  1.00 34.13  ? 122 ILE A CA  1 
ATOM   903  C  C   . ILE A 1 134 ? -9.410  5.716   16.355  1.00 36.09  ? 122 ILE A C   1 
ATOM   904  O  O   . ILE A 1 134 ? -8.643  5.456   17.279  1.00 36.28  ? 122 ILE A O   1 
ATOM   905  C  CB  . ILE A 1 134 ? -8.189  4.795   14.375  1.00 36.04  ? 122 ILE A CB  1 
ATOM   906  C  CG1 . ILE A 1 134 ? -7.862  5.046   12.908  1.00 36.73  ? 122 ILE A CG1 1 
ATOM   907  C  CG2 . ILE A 1 134 ? -9.065  3.562   14.464  1.00 40.09  ? 122 ILE A CG2 1 
ATOM   908  C  CD1 . ILE A 1 134 ? -6.839  4.148   12.355  1.00 43.32  ? 122 ILE A CD1 1 
ATOM   909  N  N   . ASP A 1 135 ? -10.723 5.783   16.498  1.00 36.14  ? 123 ASP A N   1 
ATOM   910  C  CA  . ASP A 1 135 ? -11.378 5.503   17.746  1.00 33.50  ? 123 ASP A CA  1 
ATOM   911  C  C   . ASP A 1 135 ? -11.690 4.024   17.802  1.00 34.20  ? 123 ASP A C   1 
ATOM   912  O  O   . ASP A 1 135 ? -11.473 3.386   18.822  1.00 36.13  ? 123 ASP A O   1 
ATOM   913  C  CB  . ASP A 1 135 ? -12.676 6.303   17.833  1.00 35.06  ? 123 ASP A CB  1 
ATOM   914  C  CG  . ASP A 1 135 ? -13.375 6.119   19.146  1.00 30.94  ? 123 ASP A CG  1 
ATOM   915  O  OD1 . ASP A 1 135 ? -12.958 6.765   20.107  1.00 42.53  ? 123 ASP A OD1 1 
ATOM   916  O  OD2 . ASP A 1 135 ? -14.332 5.331   19.216  1.00 40.76  ? 123 ASP A OD2 1 
ATOM   917  N  N   . HIS A 1 136 ? -12.235 3.490   16.711  1.00 33.28  ? 124 HIS A N   1 
ATOM   918  C  CA  . HIS A 1 136 ? -12.535 2.056   16.617  1.00 33.82  ? 124 HIS A CA  1 
ATOM   919  C  C   . HIS A 1 136 ? -12.865 1.712   15.179  1.00 33.98  ? 124 HIS A C   1 
ATOM   920  O  O   . HIS A 1 136 ? -12.823 2.591   14.307  1.00 37.30  ? 124 HIS A O   1 
ATOM   921  C  CB  . HIS A 1 136 ? -13.645 1.585   17.576  1.00 29.85  ? 124 HIS A CB  1 
ATOM   922  C  CG  . HIS A 1 136 ? -14.988 2.208   17.340  1.00 31.25  ? 124 HIS A CG  1 
ATOM   923  N  ND1 . HIS A 1 136 ? -15.306 3.482   17.773  1.00 36.17  ? 124 HIS A ND1 1 
ATOM   924  C  CD2 . HIS A 1 136 ? -16.127 1.704   16.792  1.00 36.18  ? 124 HIS A CD2 1 
ATOM   925  C  CE1 . HIS A 1 136 ? -16.571 3.749   17.474  1.00 36.93  ? 124 HIS A CE1 1 
ATOM   926  N  NE2 . HIS A 1 136 ? -17.093 2.690   16.869  1.00 29.82  ? 124 HIS A NE2 1 
ATOM   927  N  N   . LEU A 1 137 ? -13.092 0.422   14.943  1.00 32.53  ? 125 LEU A N   1 
ATOM   928  C  CA  . LEU A 1 137 ? -13.319 -0.127  13.617  1.00 34.69  ? 125 LEU A CA  1 
ATOM   929  C  C   . LEU A 1 137 ? -14.687 -0.745  13.573  1.00 34.11  ? 125 LEU A C   1 
ATOM   930  O  O   . LEU A 1 137 ? -15.213 -1.128  14.598  1.00 34.53  ? 125 LEU A O   1 
ATOM   931  C  CB  . LEU A 1 137 ? -12.250 -1.155  13.236  1.00 33.39  ? 125 LEU A CB  1 
ATOM   932  C  CG  . LEU A 1 137 ? -11.078 -0.396  12.604  1.00 35.39  ? 125 LEU A CG  1 
ATOM   933  C  CD1 . LEU A 1 137 ? -10.143 0.030   13.674  1.00 43.51  ? 125 LEU A CD1 1 
ATOM   934  C  CD2 . LEU A 1 137 ? -10.341 -1.199  11.583  1.00 38.84  ? 125 LEU A CD2 1 
ATOM   935  N  N   . LEU A 1 138 ? -15.271 -0.801  12.388  1.00 33.83  ? 126 LEU A N   1 
ATOM   936  C  CA  . LEU A 1 138 ? -16.586 -1.403  12.211  1.00 33.78  ? 126 LEU A CA  1 
ATOM   937  C  C   . LEU A 1 138 ? -16.508 -2.531  11.216  1.00 32.43  ? 126 LEU A C   1 
ATOM   938  O  O   . LEU A 1 138 ? -15.839 -2.437  10.212  1.00 32.89  ? 126 LEU A O   1 
ATOM   939  C  CB  . LEU A 1 138 ? -17.611 -0.397  11.688  1.00 32.90  ? 126 LEU A CB  1 
ATOM   940  C  CG  . LEU A 1 138 ? -17.884 0.872   12.491  1.00 38.66  ? 126 LEU A CG  1 
ATOM   941  C  CD1 . LEU A 1 138 ? -18.898 1.727   11.720  1.00 42.29  ? 126 LEU A CD1 1 
ATOM   942  C  CD2 . LEU A 1 138 ? -18.391 0.626   13.904  1.00 38.67  ? 126 LEU A CD2 1 
ATOM   943  N  N   . GLU A 1 139 ? -17.215 -3.599  11.509  1.00 34.42  ? 127 GLU A N   1 
ATOM   944  C  CA  . GLU A 1 139 ? -17.405 -4.674  10.573  1.00 35.60  ? 127 GLU A CA  1 
ATOM   945  C  C   . GLU A 1 139 ? -18.663 -4.280  9.779   1.00 32.03  ? 127 GLU A C   1 
ATOM   946  O  O   . GLU A 1 139 ? -19.656 -3.853  10.358  1.00 31.19  ? 127 GLU A O   1 
ATOM   947  C  CB  . GLU A 1 139 ? -17.537 -5.946  11.396  1.00 35.72  ? 127 GLU A CB  1 
ATOM   948  C  CG  . GLU A 1 139 ? -17.483 -7.283  10.667  1.00 46.62  ? 127 GLU A CG  1 
ATOM   949  C  CD  . GLU A 1 139 ? -17.899 -8.415  11.601  1.00 41.53  ? 127 GLU A CD  1 
ATOM   950  O  OE1 . GLU A 1 139 ? -17.526 -8.338  12.796  1.00 44.04  ? 127 GLU A OE1 1 
ATOM   951  O  OE2 . GLU A 1 139 ? -18.625 -9.337  11.161  1.00 56.11  ? 127 GLU A OE2 1 
ATOM   952  N  N   . THR A 1 140 ? -18.607 -4.415  8.461   1.00 29.87  ? 128 THR A N   1 
ATOM   953  C  CA  . THR A 1 140 ? -19.635 -3.912  7.586   1.00 31.60  ? 128 THR A CA  1 
ATOM   954  C  C   . THR A 1 140 ? -20.218 -4.930  6.605   1.00 34.12  ? 128 THR A C   1 
ATOM   955  O  O   . THR A 1 140 ? -21.095 -4.595  5.802   1.00 39.24  ? 128 THR A O   1 
ATOM   956  C  CB  . THR A 1 140 ? -19.052 -2.841  6.675   1.00 36.23  ? 128 THR A CB  1 
ATOM   957  O  OG1 . THR A 1 140 ? -18.184 -3.476  5.723   1.00 27.99  ? 128 THR A OG1 1 
ATOM   958  C  CG2 . THR A 1 140 ? -18.274 -1.780  7.468   1.00 38.22  ? 128 THR A CG2 1 
ATOM   959  N  N   . GLY A 1 141 ? -19.740 -6.154  6.604   1.00 33.04  ? 129 GLY A N   1 
ATOM   960  C  CA  . GLY A 1 141 ? -20.141 -7.055  5.531   1.00 33.03  ? 129 GLY A CA  1 
ATOM   961  C  C   . GLY A 1 141 ? -19.370 -6.836  4.223   1.00 32.86  ? 129 GLY A C   1 
ATOM   962  O  O   . GLY A 1 141 ? -19.549 -7.567  3.273   1.00 35.28  ? 129 GLY A O   1 
ATOM   963  N  N   . ALA A 1 142 ? -18.531 -5.819  4.151   1.00 31.35  ? 130 ALA A N   1 
ATOM   964  C  CA  . ALA A 1 142 ? -17.574 -5.681  3.065   1.00 31.96  ? 130 ALA A CA  1 
ATOM   965  C  C   . ALA A 1 142 ? -16.254 -5.247  3.741   1.00 33.05  ? 130 ALA A C   1 
ATOM   966  O  O   . ALA A 1 142 ? -15.873 -5.800  4.744   1.00 31.89  ? 130 ALA A O   1 
ATOM   967  C  CB  . ALA A 1 142 ? -18.093 -4.634  2.051   1.00 32.84  ? 130 ALA A CB  1 
ATOM   968  N  N   . ASN A 1 143 ? -15.597 -4.205  3.289   1.00 34.33  ? 131 ASN A N   1 
ATOM   969  C  CA  . ASN A 1 143 ? -14.409 -3.747  3.993   1.00 35.94  ? 131 ASN A CA  1 
ATOM   970  C  C   . ASN A 1 143 ? -14.751 -3.225  5.362   1.00 35.96  ? 131 ASN A C   1 
ATOM   971  O  O   . ASN A 1 143 ? -15.818 -2.663  5.568   1.00 37.90  ? 131 ASN A O   1 
ATOM   972  C  CB  . ASN A 1 143 ? -13.761 -2.632  3.187   1.00 39.50  ? 131 ASN A CB  1 
ATOM   973  C  CG  . ASN A 1 143 ? -13.601 -3.032  1.786   1.00 49.09  ? 131 ASN A CG  1 
ATOM   974  O  OD1 . ASN A 1 143 ? -12.811 -3.956  1.543   1.00 42.27  ? 131 ASN A OD1 1 
ATOM   975  N  ND2 . ASN A 1 143 ? -14.440 -2.464  0.842   1.00 52.27  ? 131 ASN A ND2 1 
ATOM   976  N  N   . ASP A 1 144 ? -13.820 -3.377  6.295   1.00 36.78  ? 132 ASP A N   1 
ATOM   977  C  CA  . ASP A 1 144 ? -13.931 -2.719  7.583   1.00 36.22  ? 132 ASP A CA  1 
ATOM   978  C  C   . ASP A 1 144 ? -13.839 -1.202  7.451   1.00 36.68  ? 132 ASP A C   1 
ATOM   979  O  O   . ASP A 1 144 ? -13.174 -0.681  6.557   1.00 40.85  ? 132 ASP A O   1 
ATOM   980  C  CB  . ASP A 1 144 ? -12.826 -3.213  8.494   1.00 37.23  ? 132 ASP A CB  1 
ATOM   981  C  CG  . ASP A 1 144 ? -12.967 -4.671  8.836   1.00 38.50  ? 132 ASP A CG  1 
ATOM   982  O  OD1 . ASP A 1 144 ? -14.120 -5.130  8.962   1.00 40.50  ? 132 ASP A OD1 1 
ATOM   983  O  OD2 . ASP A 1 144 ? -11.928 -5.358  8.995   1.00 54.32  ? 132 ASP A OD2 1 
ATOM   984  N  N   . VAL A 1 145 ? -14.500 -0.491  8.345   1.00 35.48  ? 133 VAL A N   1 
ATOM   985  C  CA  . VAL A 1 145 ? -14.472 0.961   8.334   1.00 35.87  ? 133 VAL A CA  1 
ATOM   986  C  C   . VAL A 1 145 ? -13.794 1.433   9.580   1.00 35.90  ? 133 VAL A C   1 
ATOM   987  O  O   . VAL A 1 145 ? -13.982 0.861   10.647  1.00 38.08  ? 133 VAL A O   1 
ATOM   988  C  CB  . VAL A 1 145 ? -15.898 1.520   8.279   1.00 36.78  ? 133 VAL A CB  1 
ATOM   989  C  CG1 . VAL A 1 145 ? -15.911 2.992   8.611   1.00 42.22  ? 133 VAL A CG1 1 
ATOM   990  C  CG2 . VAL A 1 145 ? -16.510 1.257   6.872   1.00 34.66  ? 133 VAL A CG2 1 
HETATM 991  N  N   . MSE A 1 146 ? -13.008 2.488   9.454   1.00 39.59  ? 134 MSE A N   1 
HETATM 992  C  CA  . MSE A 1 146 ? -12.337 3.119   10.583  1.00 41.87  ? 134 MSE A CA  1 
HETATM 993  C  C   . MSE A 1 146 ? -13.094 4.348   10.981  1.00 36.72  ? 134 MSE A C   1 
HETATM 994  O  O   . MSE A 1 146 ? -13.323 5.227   10.170  1.00 35.62  ? 134 MSE A O   1 
HETATM 995  C  CB  . MSE A 1 146 ? -10.941 3.523   10.197  1.00 35.83  ? 134 MSE A CB  1 
HETATM 996  C  CG  . MSE A 1 146 ? -10.089 2.364   9.826   1.00 41.32  ? 134 MSE A CG  1 
HETATM 997  SE SE  . MSE A 1 146 ? -8.442  2.922   8.825   1.00 72.14  ? 134 MSE A SE  1 
HETATM 998  C  CE  . MSE A 1 146 ? -9.144  3.815   7.219   1.00 64.08  ? 134 MSE A CE  1 
ATOM   999  N  N   . VAL A 1 147 ? -13.487 4.405   12.245  1.00 38.11  ? 135 VAL A N   1 
ATOM   1000 C  CA  . VAL A 1 147 ? -14.143 5.585   12.795  1.00 37.64  ? 135 VAL A CA  1 
ATOM   1001 C  C   . VAL A 1 147 ? -13.035 6.500   13.284  1.00 37.23  ? 135 VAL A C   1 
ATOM   1002 O  O   . VAL A 1 147 ? -12.327 6.171   14.242  1.00 35.62  ? 135 VAL A O   1 
ATOM   1003 C  CB  . VAL A 1 147 ? -15.137 5.233   13.965  1.00 38.12  ? 135 VAL A CB  1 
ATOM   1004 C  CG1 . VAL A 1 147 ? -15.884 6.465   14.435  1.00 33.68  ? 135 VAL A CG1 1 
ATOM   1005 C  CG2 . VAL A 1 147 ? -16.137 4.221   13.518  1.00 35.29  ? 135 VAL A CG2 1 
ATOM   1006 N  N   . VAL A 1 148 ? -12.883 7.632   12.594  1.00 38.12  ? 136 VAL A N   1 
ATOM   1007 C  CA  . VAL A 1 148 ? -11.857 8.646   12.901  1.00 35.77  ? 136 VAL A CA  1 
ATOM   1008 C  C   . VAL A 1 148 ? -12.466 9.815   13.674  1.00 35.41  ? 136 VAL A C   1 
ATOM   1009 O  O   . VAL A 1 148 ? -13.359 10.503  13.167  1.00 34.98  ? 136 VAL A O   1 
ATOM   1010 C  CB  . VAL A 1 148 ? -11.231 9.121   11.616  1.00 33.87  ? 136 VAL A CB  1 
ATOM   1011 C  CG1 . VAL A 1 148 ? -10.161 10.153  11.919  1.00 44.33  ? 136 VAL A CG1 1 
ATOM   1012 C  CG2 . VAL A 1 148 ? -10.596 7.906   10.890  1.00 33.74  ? 136 VAL A CG2 1 
ATOM   1013 N  N   . LYS A 1 149 ? -12.041 9.990   14.927  1.00 36.36  ? 137 LYS A N   1 
ATOM   1014 C  CA  . LYS A 1 149 ? -12.612 11.024  15.821  1.00 35.85  ? 137 LYS A CA  1 
ATOM   1015 C  C   . LYS A 1 149 ? -11.663 12.208  15.759  1.00 35.89  ? 137 LYS A C   1 
ATOM   1016 O  O   . LYS A 1 149 ? -10.458 12.025  15.683  1.00 36.96  ? 137 LYS A O   1 
ATOM   1017 C  CB  . LYS A 1 149 ? -12.766 10.530  17.278  1.00 32.57  ? 137 LYS A CB  1 
ATOM   1018 N  N   . PRO A 1 150 ? -12.192 13.423  15.808  1.00 35.88  ? 138 PRO A N   1 
ATOM   1019 C  CA  . PRO A 1 150 ? -11.308 14.586  15.878  1.00 36.36  ? 138 PRO A CA  1 
ATOM   1020 C  C   . PRO A 1 150 ? -10.660 14.660  17.260  1.00 37.25  ? 138 PRO A C   1 
ATOM   1021 O  O   . PRO A 1 150 ? -11.223 14.147  18.228  1.00 38.11  ? 138 PRO A O   1 
ATOM   1022 C  CB  . PRO A 1 150 ? -12.265 15.772  15.725  1.00 34.02  ? 138 PRO A CB  1 
ATOM   1023 C  CG  . PRO A 1 150 ? -13.516 15.283  16.367  1.00 32.99  ? 138 PRO A CG  1 
ATOM   1024 C  CD  . PRO A 1 150 ? -13.610 13.801  15.924  1.00 36.63  ? 138 PRO A CD  1 
ATOM   1025 N  N   A CYS A 1 151 ? -9.503  15.304  17.339  0.40 37.31  ? 139 CYS A N   1 
ATOM   1026 N  N   B CYS A 1 151 ? -9.465  15.244  17.322  0.60 36.72  ? 139 CYS A N   1 
ATOM   1027 C  CA  A CYS A 1 151 ? -8.849  15.618  18.596  0.40 36.84  ? 139 CYS A CA  1 
ATOM   1028 C  CA  B CYS A 1 151 ? -8.795  15.586  18.570  0.60 35.51  ? 139 CYS A CA  1 
ATOM   1029 C  C   A CYS A 1 151 ? -8.524  17.122  18.629  0.40 38.74  ? 139 CYS A C   1 
ATOM   1030 C  C   B CYS A 1 151 ? -8.341  17.072  18.545  0.60 37.95  ? 139 CYS A C   1 
ATOM   1031 O  O   A CYS A 1 151 ? -8.917  17.889  17.737  0.40 37.89  ? 139 CYS A O   1 
ATOM   1032 O  O   B CYS A 1 151 ? -8.473  17.786  17.534  0.60 35.84  ? 139 CYS A O   1 
ATOM   1033 C  CB  A CYS A 1 151 ? -7.557  14.819  18.712  0.40 35.98  ? 139 CYS A CB  1 
ATOM   1034 C  CB  B CYS A 1 151 ? -7.624  14.615  18.849  0.60 33.98  ? 139 CYS A CB  1 
ATOM   1035 S  SG  A CYS A 1 151 ? -6.276  15.527  17.682  0.40 33.63  ? 139 CYS A SG  1 
ATOM   1036 S  SG  B CYS A 1 151 ? -6.476  14.320  17.473  0.60 31.52  ? 139 CYS A SG  1 
ATOM   1037 N  N   . ALA A 1 152 ? -7.808  17.539  19.670  1.00 40.29  ? 140 ALA A N   1 
ATOM   1038 C  CA  . ALA A 1 152 ? -7.418  18.939  19.815  1.00 41.18  ? 140 ALA A CA  1 
ATOM   1039 C  C   . ALA A 1 152 ? -6.475  19.495  18.708  1.00 41.84  ? 140 ALA A C   1 
ATOM   1040 O  O   . ALA A 1 152 ? -6.518  20.695  18.435  1.00 44.04  ? 140 ALA A O   1 
ATOM   1041 C  CB  . ALA A 1 152 ? -6.820  19.152  21.176  1.00 41.08  ? 140 ALA A CB  1 
ATOM   1042 N  N   . GLY A 1 153 ? -5.646  18.655  18.081  1.00 39.19  ? 141 GLY A N   1 
ATOM   1043 C  CA  . GLY A 1 153 ? -4.805  19.093  16.963  1.00 37.50  ? 141 GLY A CA  1 
ATOM   1044 C  C   . GLY A 1 153 ? -5.394  18.776  15.588  1.00 38.83  ? 141 GLY A C   1 
ATOM   1045 O  O   . GLY A 1 153 ? -4.821  19.160  14.576  1.00 35.87  ? 141 GLY A O   1 
ATOM   1046 N  N   . SER A 1 154 ? -6.533  18.061  15.552  1.00 41.07  ? 142 SER A N   1 
ATOM   1047 C  CA  . SER A 1 154 ? -7.249  17.701  14.296  1.00 38.72  ? 142 SER A CA  1 
ATOM   1048 C  C   . SER A 1 154 ? -7.559  18.950  13.490  1.00 35.47  ? 142 SER A C   1 
ATOM   1049 O  O   . SER A 1 154 ? -7.786  20.011  14.041  1.00 35.14  ? 142 SER A O   1 
ATOM   1050 C  CB  . SER A 1 154 ? -8.575  16.948  14.591  1.00 37.33  ? 142 SER A CB  1 
ATOM   1051 O  OG  . SER A 1 154 ? -9.472  16.871  13.468  1.00 49.50  ? 142 SER A OG  1 
ATOM   1052 N  N   . LEU A 1 155 ? -7.591  18.784  12.183  1.00 33.55  ? 143 LEU A N   1 
ATOM   1053 C  CA  . LEU A 1 155 ? -8.042  19.802  11.241  1.00 34.73  ? 143 LEU A CA  1 
ATOM   1054 C  C   . LEU A 1 155 ? -9.391  20.456  11.558  1.00 34.58  ? 143 LEU A C   1 
ATOM   1055 O  O   . LEU A 1 155 ? -9.544  21.663  11.388  1.00 35.09  ? 143 LEU A O   1 
ATOM   1056 C  CB  . LEU A 1 155 ? -8.187  19.135  9.892   1.00 36.68  ? 143 LEU A CB  1 
ATOM   1057 C  CG  . LEU A 1 155 ? -8.557  19.957  8.675   1.00 34.35  ? 143 LEU A CG  1 
ATOM   1058 C  CD1 . LEU A 1 155 ? -7.384  20.840  8.333   1.00 41.28  ? 143 LEU A CD1 1 
ATOM   1059 C  CD2 . LEU A 1 155 ? -8.880  18.970  7.541   1.00 34.85  ? 143 LEU A CD2 1 
ATOM   1060 N  N   . ASP A 1 156 ? -10.379 19.670  11.977  1.00 33.93  ? 144 ASP A N   1 
ATOM   1061 C  CA  . ASP A 1 156 ? -11.689 20.234  12.313  1.00 32.55  ? 144 ASP A CA  1 
ATOM   1062 C  C   . ASP A 1 156 ? -12.389 19.438  13.417  1.00 33.61  ? 144 ASP A C   1 
ATOM   1063 O  O   . ASP A 1 156 ? -11.725 18.881  14.270  1.00 35.36  ? 144 ASP A O   1 
ATOM   1064 C  CB  . ASP A 1 156 ? -12.542 20.372  11.044  1.00 31.34  ? 144 ASP A CB  1 
ATOM   1065 C  CG  . ASP A 1 156 ? -12.771 19.043  10.321  1.00 38.71  ? 144 ASP A CG  1 
ATOM   1066 O  OD1 . ASP A 1 156 ? -12.743 17.957  10.958  1.00 33.84  ? 144 ASP A OD1 1 
ATOM   1067 O  OD2 . ASP A 1 156 ? -13.008 19.104  9.095   1.00 44.99  ? 144 ASP A OD2 1 
ATOM   1068 N  N   . ASP A 1 157 ? -13.720 19.407  13.384  1.00 36.91  ? 145 ASP A N   1 
ATOM   1069 C  CA  . ASP A 1 157 ? -14.570 18.861  14.439  1.00 36.80  ? 145 ASP A CA  1 
ATOM   1070 C  C   . ASP A 1 157 ? -15.298 17.632  14.001  1.00 36.89  ? 145 ASP A C   1 
ATOM   1071 O  O   . ASP A 1 157 ? -16.124 17.101  14.765  1.00 36.39  ? 145 ASP A O   1 
ATOM   1072 C  CB  . ASP A 1 157 ? -15.632 19.898  14.825  1.00 37.16  ? 145 ASP A CB  1 
ATOM   1073 C  CG  . ASP A 1 157 ? -15.134 20.863  15.853  1.00 39.81  ? 145 ASP A CG  1 
ATOM   1074 O  OD1 . ASP A 1 157 ? -13.951 20.717  16.233  1.00 40.40  ? 145 ASP A OD1 1 
ATOM   1075 O  OD2 . ASP A 1 157 ? -15.915 21.749  16.290  1.00 46.57  ? 145 ASP A OD2 1 
ATOM   1076 N  N   . ARG A 1 158 ? -14.993 17.175  12.783  1.00 36.16  ? 146 ARG A N   1 
ATOM   1077 C  CA  . ARG A 1 158 ? -15.811 16.192  12.110  1.00 36.13  ? 146 ARG A CA  1 
ATOM   1078 C  C   . ARG A 1 158 ? -15.296 14.809  12.344  1.00 36.65  ? 146 ARG A C   1 
ATOM   1079 O  O   . ARG A 1 158 ? -14.099 14.557  12.159  1.00 35.41  ? 146 ARG A O   1 
ATOM   1080 C  CB  . ARG A 1 158 ? -15.782 16.403  10.594  1.00 37.35  ? 146 ARG A CB  1 
ATOM   1081 C  CG  . ARG A 1 158 ? -16.536 17.608  10.075  1.00 33.47  ? 146 ARG A CG  1 
ATOM   1082 C  CD  . ARG A 1 158 ? -16.547 17.587  8.549   1.00 38.55  ? 146 ARG A CD  1 
ATOM   1083 N  NE  . ARG A 1 158 ? -17.281 16.410  8.087   1.00 37.13  ? 146 ARG A NE  1 
ATOM   1084 C  CZ  . ARG A 1 158 ? -16.953 15.657  7.049   1.00 30.88  ? 146 ARG A CZ  1 
ATOM   1085 N  NH1 . ARG A 1 158 ? -15.884 15.906  6.311   1.00 41.74  ? 146 ARG A NH1 1 
ATOM   1086 N  NH2 . ARG A 1 158 ? -17.700 14.615  6.770   1.00 47.86  ? 146 ARG A NH2 1 
ATOM   1087 N  N   . GLU A 1 159 ? -16.212 13.900  12.663  1.00 35.93  ? 147 GLU A N   1 
ATOM   1088 C  CA  . GLU A 1 159 ? -15.914 12.474  12.633  1.00 37.79  ? 147 GLU A CA  1 
ATOM   1089 C  C   . GLU A 1 159 ? -15.923 12.029  11.173  1.00 37.66  ? 147 GLU A C   1 
ATOM   1090 O  O   . GLU A 1 159 ? -16.690 12.540  10.363  1.00 39.60  ? 147 GLU A O   1 
ATOM   1091 C  CB  . GLU A 1 159 ? -16.915 11.669  13.474  1.00 38.21  ? 147 GLU A CB  1 
ATOM   1092 C  CG  . GLU A 1 159 ? -17.050 10.210  13.092  1.00 41.52  ? 147 GLU A CG  1 
ATOM   1093 C  CD  . GLU A 1 159 ? -18.193 9.529   13.813  1.00 39.74  ? 147 GLU A CD  1 
ATOM   1094 O  OE1 . GLU A 1 159 ? -18.127 9.463   15.047  1.00 36.84  ? 147 GLU A OE1 1 
ATOM   1095 O  OE2 . GLU A 1 159 ? -19.148 9.050   13.146  1.00 38.64  ? 147 GLU A OE2 1 
ATOM   1096 N  N   . ARG A 1 160 ? -15.060 11.079  10.837  1.00 34.39  ? 148 ARG A N   1 
ATOM   1097 C  CA  . ARG A 1 160 ? -15.023 10.560  9.496   1.00 32.38  ? 148 ARG A CA  1 
ATOM   1098 C  C   . ARG A 1 160 ? -14.992 9.050   9.470   1.00 32.90  ? 148 ARG A C   1 
ATOM   1099 O  O   . ARG A 1 160 ? -14.616 8.408   10.428  1.00 34.68  ? 148 ARG A O   1 
ATOM   1100 C  CB  . ARG A 1 160 ? -13.806 11.112  8.766   1.00 32.74  ? 148 ARG A CB  1 
ATOM   1101 C  CG  . ARG A 1 160 ? -13.925 12.563  8.397   1.00 29.21  ? 148 ARG A CG  1 
ATOM   1102 C  CD  . ARG A 1 160 ? -12.665 13.008  7.744   1.00 33.68  ? 148 ARG A CD  1 
ATOM   1103 N  NE  . ARG A 1 160 ? -12.725 14.388  7.265   1.00 32.19  ? 148 ARG A NE  1 
ATOM   1104 C  CZ  . ARG A 1 160 ? -12.555 15.432  8.054   1.00 34.81  ? 148 ARG A CZ  1 
ATOM   1105 N  NH1 . ARG A 1 160 ? -12.353 15.255  9.355   1.00 36.05  ? 148 ARG A NH1 1 
ATOM   1106 N  NH2 . ARG A 1 160 ? -12.602 16.650  7.556   1.00 34.54  ? 148 ARG A NH2 1 
ATOM   1107 N  N   . LEU A 1 161 ? -15.376 8.478   8.348   1.00 33.84  ? 149 LEU A N   1 
ATOM   1108 C  CA  . LEU A 1 161 ? -15.473 7.035   8.262   1.00 35.48  ? 149 LEU A CA  1 
ATOM   1109 C  C   . LEU A 1 161 ? -14.771 6.556   7.003   1.00 35.01  ? 149 LEU A C   1 
ATOM   1110 O  O   . LEU A 1 161 ? -15.270 6.743   5.872   1.00 36.04  ? 149 LEU A O   1 
ATOM   1111 C  CB  . LEU A 1 161 ? -16.935 6.643   8.257   1.00 36.08  ? 149 LEU A CB  1 
ATOM   1112 C  CG  . LEU A 1 161 ? -17.613 7.067   9.545   1.00 39.65  ? 149 LEU A CG  1 
ATOM   1113 C  CD1 . LEU A 1 161 ? -19.008 7.564   9.229   1.00 52.19  ? 149 LEU A CD1 1 
ATOM   1114 C  CD2 . LEU A 1 161 ? -17.625 5.931   10.556  1.00 40.48  ? 149 LEU A CD2 1 
ATOM   1115 N  N   . LEU A 1 162 ? -13.594 5.978   7.202   1.00 35.91  ? 150 LEU A N   1 
ATOM   1116 C  CA  . LEU A 1 162 ? -12.709 5.656   6.094   1.00 36.11  ? 150 LEU A CA  1 
ATOM   1117 C  C   . LEU A 1 162 ? -12.697 4.161   5.908   1.00 35.70  ? 150 LEU A C   1 
ATOM   1118 O  O   . LEU A 1 162 ? -12.725 3.428   6.863   1.00 35.99  ? 150 LEU A O   1 
ATOM   1119 C  CB  . LEU A 1 162 ? -11.312 6.172   6.349   1.00 32.15  ? 150 LEU A CB  1 
ATOM   1120 C  CG  . LEU A 1 162 ? -11.047 7.646   6.033   1.00 36.57  ? 150 LEU A CG  1 
ATOM   1121 C  CD1 . LEU A 1 162 ? -11.945 8.564   6.797   1.00 33.30  ? 150 LEU A CD1 1 
ATOM   1122 C  CD2 . LEU A 1 162 ? -9.581  7.957   6.354   1.00 40.79  ? 150 LEU A CD2 1 
ATOM   1123 N  N   . PRO A 1 163 ? -12.676 3.708   4.662   1.00 36.73  ? 151 PRO A N   1 
ATOM   1124 C  CA  . PRO A 1 163 ? -12.589 2.276   4.374   1.00 35.28  ? 151 PRO A CA  1 
ATOM   1125 C  C   . PRO A 1 163 ? -11.178 1.760   4.601   1.00 35.11  ? 151 PRO A C   1 
ATOM   1126 O  O   . PRO A 1 163 ? -10.193 2.425   4.230   1.00 36.56  ? 151 PRO A O   1 
ATOM   1127 C  CB  . PRO A 1 163 ? -12.949 2.213   2.901   1.00 35.13  ? 151 PRO A CB  1 
ATOM   1128 C  CG  . PRO A 1 163 ? -12.421 3.501   2.353   1.00 38.53  ? 151 PRO A CG  1 
ATOM   1129 C  CD  . PRO A 1 163 ? -12.685 4.528   3.436   1.00 35.77  ? 151 PRO A CD  1 
ATOM   1130 N  N   . TYR A 1 164 ? -11.064 0.606   5.237   1.00 37.35  ? 152 TYR A N   1 
ATOM   1131 C  CA  . TYR A 1 164 ? -9.743  -0.002  5.455   1.00 37.68  ? 152 TYR A CA  1 
ATOM   1132 C  C   . TYR A 1 164 ? -9.423  -0.808  4.206   1.00 36.37  ? 152 TYR A C   1 
ATOM   1133 O  O   . TYR A 1 164 ? -9.700  -2.012  4.126   1.00 36.47  ? 152 TYR A O   1 
ATOM   1134 C  CB  . TYR A 1 164 ? -9.720  -0.903  6.712   1.00 39.23  ? 152 TYR A CB  1 
ATOM   1135 C  CG  . TYR A 1 164 ? -8.351  -1.473  6.979   1.00 39.04  ? 152 TYR A CG  1 
ATOM   1136 C  CD1 . TYR A 1 164 ? -7.363  -0.720  7.579   1.00 44.57  ? 152 TYR A CD1 1 
ATOM   1137 C  CD2 . TYR A 1 164 ? -8.024  -2.749  6.571   1.00 52.24  ? 152 TYR A CD2 1 
ATOM   1138 C  CE1 . TYR A 1 164 ? -6.087  -1.229  7.795   1.00 42.71  ? 152 TYR A CE1 1 
ATOM   1139 C  CE2 . TYR A 1 164 ? -6.771  -3.257  6.759   1.00 49.65  ? 152 TYR A CE2 1 
ATOM   1140 C  CZ  . TYR A 1 164 ? -5.797  -2.496  7.380   1.00 50.40  ? 152 TYR A CZ  1 
ATOM   1141 O  OH  . TYR A 1 164 ? -4.536  -3.044  7.568   1.00 53.45  ? 152 TYR A OH  1 
ATOM   1142 N  N   . THR A 1 165 ? -8.910  -0.110  3.211   1.00 35.93  ? 153 THR A N   1 
ATOM   1143 C  CA  . THR A 1 165 ? -8.435  -0.704  1.959   1.00 34.57  ? 153 THR A CA  1 
ATOM   1144 C  C   . THR A 1 165 ? -7.202  0.080   1.523   1.00 34.54  ? 153 THR A C   1 
ATOM   1145 O  O   . THR A 1 165 ? -6.986  1.204   1.977   1.00 36.61  ? 153 THR A O   1 
ATOM   1146 C  CB  . THR A 1 165 ? -9.440  -0.526  0.834   1.00 33.48  ? 153 THR A CB  1 
ATOM   1147 O  OG1 . THR A 1 165 ? -9.586  0.878   0.541   1.00 39.43  ? 153 THR A OG1 1 
ATOM   1148 C  CG2 . THR A 1 165 ? -10.777 -1.094  1.219   1.00 30.49  ? 153 THR A CG2 1 
ATOM   1149 N  N   . GLY A 1 166 ? -6.440  -0.489  0.606   1.00 34.15  ? 154 GLY A N   1 
ATOM   1150 C  CA  . GLY A 1 166 ? -5.228  0.140   0.080   1.00 33.83  ? 154 GLY A CA  1 
ATOM   1151 C  C   . GLY A 1 166 ? -5.466  1.351   -0.816  1.00 34.22  ? 154 GLY A C   1 
ATOM   1152 O  O   . GLY A 1 166 ? -4.565  2.167   -0.991  1.00 30.64  ? 154 GLY A O   1 
ATOM   1153 N  N   . GLN A 1 167 ? -6.657  1.473   -1.403  1.00 32.45  ? 155 GLN A N   1 
ATOM   1154 C  CA  . GLN A 1 167 ? -6.967  2.675   -2.117  1.00 32.31  ? 155 GLN A CA  1 
ATOM   1155 C  C   . GLN A 1 167 ? -6.962  3.846   -1.156  1.00 31.50  ? 155 GLN A C   1 
ATOM   1156 O  O   . GLN A 1 167 ? -6.751  5.023   -1.573  1.00 32.08  ? 155 GLN A O   1 
ATOM   1157 C  CB  . GLN A 1 167 ? -8.340  2.557   -2.805  1.00 37.80  ? 155 GLN A CB  1 
ATOM   1158 C  CG  . GLN A 1 167 ? -8.664  3.741   -3.706  1.00 30.43  ? 155 GLN A CG  1 
ATOM   1159 C  CD  . GLN A 1 167 ? -9.919  3.574   -4.542  1.00 32.40  ? 155 GLN A CD  1 
ATOM   1160 O  OE1 . GLN A 1 167 ? -10.314 4.515   -5.219  1.00 39.89  ? 155 GLN A OE1 1 
ATOM   1161 N  NE2 . GLN A 1 167 ? -10.535 2.396   -4.522  1.00 25.11  ? 155 GLN A NE2 1 
ATOM   1162 N  N   . CYS A 1 168 ? -7.219  3.523   0.120   1.00 29.88  ? 156 CYS A N   1 
ATOM   1163 C  CA  . CYS A 1 168 ? -7.311  4.515   1.184   1.00 29.76  ? 156 CYS A CA  1 
ATOM   1164 C  C   . CYS A 1 168 ? -6.097  4.547   2.133   1.00 32.54  ? 156 CYS A C   1 
ATOM   1165 O  O   . CYS A 1 168 ? -5.480  5.612   2.375   1.00 32.39  ? 156 CYS A O   1 
ATOM   1166 C  CB  . CYS A 1 168 ? -8.562  4.286   2.012   1.00 28.74  ? 156 CYS A CB  1 
ATOM   1167 S  SG  . CYS A 1 168 ? -8.717  5.522   3.333   1.00 34.38  ? 156 CYS A SG  1 
ATOM   1168 N  N   . VAL A 1 169 ? -5.771  3.389   2.696   1.00 33.23  ? 157 VAL A N   1 
ATOM   1169 C  CA  . VAL A 1 169 ? -4.680  3.309   3.682   1.00 33.73  ? 157 VAL A CA  1 
ATOM   1170 C  C   . VAL A 1 169 ? -3.387  3.120   2.937   1.00 29.84  ? 157 VAL A C   1 
ATOM   1171 O  O   . VAL A 1 169 ? -3.178  2.081   2.325   1.00 31.06  ? 157 VAL A O   1 
ATOM   1172 C  CB  . VAL A 1 169 ? -4.871  2.139   4.678   1.00 32.58  ? 157 VAL A CB  1 
ATOM   1173 C  CG1 . VAL A 1 169 ? -3.664  2.063   5.658   1.00 40.23  ? 157 VAL A CG1 1 
ATOM   1174 C  CG2 . VAL A 1 169 ? -6.142  2.330   5.441   1.00 38.72  ? 157 VAL A CG2 1 
ATOM   1175 N  N   . LEU A 1 170 ? -2.506  4.099   2.989   1.00 29.53  ? 158 LEU A N   1 
ATOM   1176 C  CA  . LEU A 1 170 ? -1.249  3.980   2.228   1.00 30.36  ? 158 LEU A CA  1 
ATOM   1177 C  C   . LEU A 1 170 ? -0.113  3.339   3.040   1.00 28.71  ? 158 LEU A C   1 
ATOM   1178 O  O   . LEU A 1 170 ? 0.694   2.577   2.491   1.00 24.19  ? 158 LEU A O   1 
ATOM   1179 C  CB  . LEU A 1 170 ? -0.799  5.363   1.738   1.00 31.23  ? 158 LEU A CB  1 
ATOM   1180 C  CG  . LEU A 1 170 ? -1.864  6.163   0.986   1.00 34.21  ? 158 LEU A CG  1 
ATOM   1181 C  CD1 . LEU A 1 170 ? -1.269  7.354   0.357   1.00 32.43  ? 158 LEU A CD1 1 
ATOM   1182 C  CD2 . LEU A 1 170 ? -2.513  5.290   -0.067  1.00 41.11  ? 158 LEU A CD2 1 
ATOM   1183 N  N   . SER A 1 171 ? -0.025  3.706   4.317   1.00 26.52  ? 159 SER A N   1 
ATOM   1184 C  CA  . SER A 1 171 ? 1.103   3.315   5.151   1.00 29.47  ? 159 SER A CA  1 
ATOM   1185 C  C   . SER A 1 171 ? 0.633   3.332   6.592   1.00 29.26  ? 159 SER A C   1 
ATOM   1186 O  O   . SER A 1 171 ? -0.084  4.229   6.989   1.00 31.15  ? 159 SER A O   1 
ATOM   1187 C  CB  . SER A 1 171 ? 2.262   4.326   5.020   1.00 30.34  ? 159 SER A CB  1 
ATOM   1188 O  OG  . SER A 1 171 ? 2.685   4.518   3.677   1.00 32.60  ? 159 SER A OG  1 
ATOM   1189 N  N   . ILE A 1 172 ? 1.054   2.364   7.381   1.00 28.58  ? 160 ILE A N   1 
ATOM   1190 C  CA  . ILE A 1 172 ? 0.730   2.332   8.813   1.00 28.69  ? 160 ILE A CA  1 
ATOM   1191 C  C   . ILE A 1 172 ? 2.039   2.193   9.557   1.00 25.33  ? 160 ILE A C   1 
ATOM   1192 O  O   . ILE A 1 172 ? 2.776   1.257   9.314   1.00 23.94  ? 160 ILE A O   1 
ATOM   1193 C  CB  . ILE A 1 172 ? -0.148  1.114   9.160   1.00 25.95  ? 160 ILE A CB  1 
ATOM   1194 C  CG1 . ILE A 1 172 ? -1.471  1.225   8.448   1.00 28.55  ? 160 ILE A CG1 1 
ATOM   1195 C  CG2 . ILE A 1 172 ? -0.342  0.995   10.651  1.00 29.18  ? 160 ILE A CG2 1 
ATOM   1196 C  CD1 . ILE A 1 172 ? -2.434  0.032   8.711   1.00 32.76  ? 160 ILE A CD1 1 
ATOM   1197 N  N   . ASP A 1 173 ? 2.343   3.113   10.455  1.00 25.34  ? 161 ASP A N   1 
ATOM   1198 C  CA  . ASP A 1 173 ? 3.523   2.944   11.297  1.00 25.78  ? 161 ASP A CA  1 
ATOM   1199 C  C   . ASP A 1 173 ? 3.074   2.869   12.754  1.00 27.80  ? 161 ASP A C   1 
ATOM   1200 O  O   . ASP A 1 173 ? 2.808   3.876   13.407  1.00 30.05  ? 161 ASP A O   1 
ATOM   1201 C  CB  . ASP A 1 173 ? 4.528   4.070   11.044  1.00 26.40  ? 161 ASP A CB  1 
ATOM   1202 C  CG  . ASP A 1 173 ? 5.843   3.825   11.724  1.00 16.99  ? 161 ASP A CG  1 
ATOM   1203 O  OD1 . ASP A 1 173 ? 5.828   3.503   12.912  1.00 33.15  ? 161 ASP A OD1 1 
ATOM   1204 O  OD2 . ASP A 1 173 ? 6.904   3.960   11.087  1.00 36.77  ? 161 ASP A OD2 1 
ATOM   1205 N  N   . LEU A 1 174 ? 2.995   1.657   13.279  1.00 30.62  ? 162 LEU A N   1 
ATOM   1206 C  CA  . LEU A 1 174 ? 2.504   1.477   14.648  1.00 31.44  ? 162 LEU A CA  1 
ATOM   1207 C  C   . LEU A 1 174 ? 3.429   2.068   15.661  1.00 30.20  ? 162 LEU A C   1 
ATOM   1208 O  O   . LEU A 1 174 ? 2.967   2.673   16.626  1.00 32.68  ? 162 LEU A O   1 
ATOM   1209 C  CB  . LEU A 1 174 ? 2.305   -0.005  14.995  1.00 31.09  ? 162 LEU A CB  1 
ATOM   1210 C  CG  . LEU A 1 174 ? 1.294   -0.709  14.107  1.00 33.44  ? 162 LEU A CG  1 
ATOM   1211 C  CD1 . LEU A 1 174 ? 1.288   -2.192  14.442  1.00 32.25  ? 162 LEU A CD1 1 
ATOM   1212 C  CD2 . LEU A 1 174 ? -0.089  -0.037  14.234  1.00 32.34  ? 162 LEU A CD2 1 
ATOM   1213 N  N   . ALA A 1 175 ? 4.726   1.881   15.477  1.00 27.32  ? 163 ALA A N   1 
ATOM   1214 C  CA  . ALA A 1 175 ? 5.661   2.420   16.461  1.00 27.62  ? 163 ALA A CA  1 
ATOM   1215 C  C   . ALA A 1 175 ? 5.536   3.937   16.557  1.00 27.30  ? 163 ALA A C   1 
ATOM   1216 O  O   . ALA A 1 175 ? 5.551   4.466   17.637  1.00 31.12  ? 163 ALA A O   1 
ATOM   1217 C  CB  . ALA A 1 175 ? 7.073   2.022   16.141  1.00 26.39  ? 163 ALA A CB  1 
ATOM   1218 N  N   . ALA A 1 176 ? 5.398   4.627   15.432  1.00 28.12  ? 164 ALA A N   1 
ATOM   1219 C  CA  . ALA A 1 176 ? 5.234   6.086   15.430  1.00 27.32  ? 164 ALA A CA  1 
ATOM   1220 C  C   . ALA A 1 176 ? 3.818   6.539   15.779  1.00 28.86  ? 164 ALA A C   1 
ATOM   1221 O  O   . ALA A 1 176 ? 3.600   7.710   16.059  1.00 29.10  ? 164 ALA A O   1 
ATOM   1222 C  CB  . ALA A 1 176 ? 5.643   6.662   14.080  1.00 24.20  ? 164 ALA A CB  1 
ATOM   1223 N  N   . GLY A 1 177 ? 2.848   5.630   15.739  1.00 31.98  ? 165 GLY A N   1 
ATOM   1224 C  CA  . GLY A 1 177 ? 1.446   5.983   16.020  1.00 31.64  ? 165 GLY A CA  1 
ATOM   1225 C  C   . GLY A 1 177 ? 0.798   6.748   14.876  1.00 36.05  ? 165 GLY A C   1 
ATOM   1226 O  O   . GLY A 1 177 ? -0.105  7.546   15.096  1.00 36.58  ? 165 GLY A O   1 
ATOM   1227 N  N   . GLU A 1 178 ? 1.232   6.493   13.646  1.00 36.83  ? 166 GLU A N   1 
ATOM   1228 C  CA  . GLU A 1 178 ? 0.761   7.260   12.521  1.00 40.11  ? 166 GLU A CA  1 
ATOM   1229 C  C   . GLU A 1 178 ? 0.293   6.403   11.375  1.00 38.52  ? 166 GLU A C   1 
ATOM   1230 O  O   . GLU A 1 178 ? 0.797   5.337   11.136  1.00 37.86  ? 166 GLU A O   1 
ATOM   1231 C  CB  . GLU A 1 178 ? 1.865   8.185   12.023  1.00 41.50  ? 166 GLU A CB  1 
ATOM   1232 C  CG  . GLU A 1 178 ? 1.981   9.443   12.859  1.00 43.24  ? 166 GLU A CG  1 
ATOM   1233 C  CD  . GLU A 1 178 ? 3.235   10.303  12.550  1.00 44.79  ? 166 GLU A CD  1 
ATOM   1234 O  OE1 . GLU A 1 178 ? 4.150   9.872   11.773  1.00 30.11  ? 166 GLU A OE1 1 
ATOM   1235 O  OE2 . GLU A 1 178 ? 3.266   11.437  13.099  1.00 55.18  ? 166 GLU A OE2 1 
HETATM 1236 N  N   . MSE A 1 179 ? -0.671  6.928   10.651  1.00 39.76  ? 167 MSE A N   1 
HETATM 1237 C  CA  . MSE A 1 179 ? -1.166  6.304   9.455   1.00 43.79  ? 167 MSE A CA  1 
HETATM 1238 C  C   . MSE A 1 179 ? -1.309  7.348   8.354   1.00 37.22  ? 167 MSE A C   1 
HETATM 1239 O  O   . MSE A 1 179 ? -1.780  8.474   8.591   1.00 32.16  ? 167 MSE A O   1 
HETATM 1240 C  CB  . MSE A 1 179 ? -2.496  5.672   9.729   1.00 41.39  ? 167 MSE A CB  1 
HETATM 1241 C  CG  . MSE A 1 179 ? -3.000  4.971   8.545   1.00 49.18  ? 167 MSE A CG  1 
HETATM 1242 SE SE  . MSE A 1 179 ? -4.909  4.498   8.723   1.00 72.85  ? 167 MSE A SE  1 
HETATM 1243 C  CE  . MSE A 1 179 ? -4.828  2.643   9.620   1.00 38.09  ? 167 MSE A CE  1 
ATOM   1244 N  N   . ARG A 1 180 ? -0.852  6.998   7.152   1.00 35.22  ? 168 ARG A N   1 
ATOM   1245 C  CA  . ARG A 1 180 ? -0.987  7.901   6.032   1.00 33.26  ? 168 ARG A CA  1 
ATOM   1246 C  C   . ARG A 1 180 ? -2.095  7.347   5.149   1.00 34.64  ? 168 ARG A C   1 
ATOM   1247 O  O   . ARG A 1 180 ? -2.082  6.150   4.821   1.00 31.82  ? 168 ARG A O   1 
ATOM   1248 C  CB  . ARG A 1 180 ? 0.294   8.002   5.284   1.00 32.28  ? 168 ARG A CB  1 
ATOM   1249 C  CG  . ARG A 1 180 ? 0.201   8.699   3.970   1.00 27.53  ? 168 ARG A CG  1 
ATOM   1250 C  CD  . ARG A 1 180 ? 0.126   10.192  4.100   1.00 39.93  ? 168 ARG A CD  1 
ATOM   1251 N  NE  . ARG A 1 180 ? 1.435   10.756  4.383   1.00 47.66  ? 168 ARG A NE  1 
ATOM   1252 C  CZ  . ARG A 1 180 ? 1.671   12.035  4.673   1.00 50.90  ? 168 ARG A CZ  1 
ATOM   1253 N  NH1 . ARG A 1 180 ? 0.691   12.913  4.690   1.00 49.78  ? 168 ARG A NH1 1 
ATOM   1254 N  NH2 . ARG A 1 180 ? 2.910   12.435  4.941   1.00 48.14  ? 168 ARG A NH2 1 
ATOM   1255 N  N   . VAL A 1 181 ? -3.034  8.241   4.779   1.00 34.14  ? 169 VAL A N   1 
ATOM   1256 C  CA  . VAL A 1 181 ? -4.211  7.894   4.000   1.00 32.01  ? 169 VAL A CA  1 
ATOM   1257 C  C   . VAL A 1 181 ? -4.392  8.823   2.848   1.00 33.82  ? 169 VAL A C   1 
ATOM   1258 O  O   . VAL A 1 181 ? -3.854  9.936   2.835   1.00 34.44  ? 169 VAL A O   1 
ATOM   1259 C  CB  . VAL A 1 181 ? -5.510  7.905   4.812   1.00 28.98  ? 169 VAL A CB  1 
ATOM   1260 C  CG1 . VAL A 1 181 ? -5.373  6.946   5.995   1.00 31.07  ? 169 VAL A CG1 1 
ATOM   1261 C  CG2 . VAL A 1 181 ? -5.845  9.304   5.279   1.00 33.98  ? 169 VAL A CG2 1 
ATOM   1262 N  N   . ASP A 1 182 ? -5.106  8.314   1.844   1.00 34.75  ? 170 ASP A N   1 
ATOM   1263 C  CA  . ASP A 1 182 ? -5.547  9.119   0.739   1.00 36.41  ? 170 ASP A CA  1 
ATOM   1264 C  C   . ASP A 1 182 ? -7.028  9.209   0.886   1.00 35.12  ? 170 ASP A C   1 
ATOM   1265 O  O   . ASP A 1 182 ? -7.731  8.203   0.775   1.00 37.50  ? 170 ASP A O   1 
ATOM   1266 C  CB  . ASP A 1 182 ? -5.173  8.487   -0.599  1.00 37.23  ? 170 ASP A CB  1 
ATOM   1267 C  CG  . ASP A 1 182 ? -5.519  9.372   -1.770  1.00 31.31  ? 170 ASP A CG  1 
ATOM   1268 O  OD1 . ASP A 1 182 ? -5.586  10.610  -1.617  1.00 48.81  ? 170 ASP A OD1 1 
ATOM   1269 O  OD2 . ASP A 1 182 ? -5.654  8.822   -2.870  1.00 34.40  ? 170 ASP A OD2 1 
ATOM   1270 N  N   . TRP A 1 183 ? -7.475  10.402  1.213   1.00 34.89  ? 171 TRP A N   1 
ATOM   1271 C  CA  . TRP A 1 183 ? -8.867  10.670  1.535   1.00 34.88  ? 171 TRP A CA  1 
ATOM   1272 C  C   . TRP A 1 183 ? -9.135  12.161  1.399   1.00 34.83  ? 171 TRP A C   1 
ATOM   1273 O  O   . TRP A 1 183 ? -8.311  12.979  1.766   1.00 35.37  ? 171 TRP A O   1 
ATOM   1274 C  CB  . TRP A 1 183 ? -9.220  10.200  2.955   1.00 33.27  ? 171 TRP A CB  1 
ATOM   1275 C  CG  . TRP A 1 183 ? -10.704 10.070  3.150   1.00 35.95  ? 171 TRP A CG  1 
ATOM   1276 C  CD1 . TRP A 1 183 ? -11.509 10.897  3.854   1.00 36.89  ? 171 TRP A CD1 1 
ATOM   1277 C  CD2 . TRP A 1 183 ? -11.556 9.074   2.570   1.00 37.10  ? 171 TRP A CD2 1 
ATOM   1278 N  NE1 . TRP A 1 183 ? -12.803 10.464  3.777   1.00 44.57  ? 171 TRP A NE1 1 
ATOM   1279 C  CE2 . TRP A 1 183 ? -12.855 9.356   2.977   1.00 39.66  ? 171 TRP A CE2 1 
ATOM   1280 C  CE3 . TRP A 1 183 ? -11.331 7.958   1.754   1.00 38.00  ? 171 TRP A CE3 1 
ATOM   1281 C  CZ2 . TRP A 1 183 ? -13.925 8.574   2.612   1.00 42.27  ? 171 TRP A CZ2 1 
ATOM   1282 C  CZ3 . TRP A 1 183 ? -12.375 7.184   1.400   1.00 42.46  ? 171 TRP A CZ3 1 
ATOM   1283 C  CH2 . TRP A 1 183 ? -13.672 7.485   1.831   1.00 38.50  ? 171 TRP A CH2 1 
ATOM   1284 N  N   . ASP A 1 184 ? -10.297 12.495  0.858   1.00 36.27  ? 172 ASP A N   1 
ATOM   1285 C  CA  . ASP A 1 184 ? -10.695 13.873  0.681   1.00 36.07  ? 172 ASP A CA  1 
ATOM   1286 C  C   . ASP A 1 184 ? -11.344 14.329  1.996   1.00 37.16  ? 172 ASP A C   1 
ATOM   1287 O  O   . ASP A 1 184 ? -12.361 13.781  2.441   1.00 34.99  ? 172 ASP A O   1 
ATOM   1288 C  CB  . ASP A 1 184 ? -11.652 13.935  -0.497  1.00 37.40  ? 172 ASP A CB  1 
ATOM   1289 C  CG  . ASP A 1 184 ? -12.236 15.281  -0.700  1.00 42.43  ? 172 ASP A CG  1 
ATOM   1290 O  OD1 . ASP A 1 184 ? -12.048 16.161  0.171   1.00 48.39  ? 172 ASP A OD1 1 
ATOM   1291 O  OD2 . ASP A 1 184 ? -12.910 15.449  -1.736  1.00 40.89  ? 172 ASP A OD2 1 
ATOM   1292 N  N   . ALA A 1 185 ? -10.735 15.319  2.645   1.00 35.46  ? 173 ALA A N   1 
ATOM   1293 C  CA  . ALA A 1 185 ? -11.233 15.763  3.930   1.00 32.61  ? 173 ALA A CA  1 
ATOM   1294 C  C   . ALA A 1 185 ? -12.580 16.468  3.776   1.00 34.00  ? 173 ALA A C   1 
ATOM   1295 O  O   . ALA A 1 185 ? -13.407 16.397  4.695   1.00 33.60  ? 173 ALA A O   1 
ATOM   1296 C  CB  . ALA A 1 185 ? -10.247 16.641  4.615   1.00 33.54  ? 173 ALA A CB  1 
ATOM   1297 N  N   . ASP A 1 186 ? -12.847 17.086  2.623   1.00 33.09  ? 174 ASP A N   1 
ATOM   1298 C  CA  . ASP A 1 186 ? -14.217 17.616  2.380   1.00 36.72  ? 174 ASP A CA  1 
ATOM   1299 C  C   . ASP A 1 186 ? -15.256 16.517  2.313   1.00 38.69  ? 174 ASP A C   1 
ATOM   1300 O  O   . ASP A 1 186 ? -16.380 16.743  2.657   1.00 38.00  ? 174 ASP A O   1 
ATOM   1301 C  CB  . ASP A 1 186 ? -14.338 18.441  1.105   1.00 35.95  ? 174 ASP A CB  1 
ATOM   1302 C  CG  . ASP A 1 186 ? -13.427 19.643  1.102   1.00 39.17  ? 174 ASP A CG  1 
ATOM   1303 O  OD1 . ASP A 1 186 ? -13.006 20.111  2.171   1.00 40.67  ? 174 ASP A OD1 1 
ATOM   1304 O  OD2 . ASP A 1 186 ? -13.111 20.118  0.011   1.00 54.53  ? 174 ASP A OD2 1 
ATOM   1305 N  N   . PHE A 1 187 ? -14.886 15.318  1.871   1.00 41.85  ? 175 PHE A N   1 
ATOM   1306 C  CA  . PHE A 1 187 ? -15.906 14.306  1.652   1.00 41.33  ? 175 PHE A CA  1 
ATOM   1307 C  C   . PHE A 1 187 ? -16.761 14.029  2.887   1.00 41.85  ? 175 PHE A C   1 
ATOM   1308 O  O   . PHE A 1 187 ? -16.283 13.854  4.015   1.00 39.07  ? 175 PHE A O   1 
ATOM   1309 C  CB  . PHE A 1 187 ? -15.329 12.991  1.132   1.00 39.21  ? 175 PHE A CB  1 
ATOM   1310 C  CG  . PHE A 1 187 ? -16.385 11.981  0.844   1.00 38.13  ? 175 PHE A CG  1 
ATOM   1311 C  CD1 . PHE A 1 187 ? -17.320 12.223  -0.160  1.00 33.46  ? 175 PHE A CD1 1 
ATOM   1312 C  CD2 . PHE A 1 187 ? -16.517 10.847  1.632   1.00 40.22  ? 175 PHE A CD2 1 
ATOM   1313 C  CE1 . PHE A 1 187 ? -18.331 11.337  -0.394  1.00 36.23  ? 175 PHE A CE1 1 
ATOM   1314 C  CE2 . PHE A 1 187 ? -17.539 9.943   1.400   1.00 43.48  ? 175 PHE A CE2 1 
ATOM   1315 C  CZ  . PHE A 1 187 ? -18.446 10.183  0.385   1.00 34.46  ? 175 PHE A CZ  1 
ATOM   1316 O  OXT . PHE A 1 187 ? -17.985 13.953  2.726   1.00 45.52  ? 175 PHE A OXT 1 
HETATM 1317 O  O1  . UNL B 2 .   ? -8.119  -5.703  8.046   1.00 52.70  ? 176 UNL A O1  1 
HETATM 1318 O  O2  . UNL B 2 .   ? -9.892  -8.222  11.591  1.00 59.27  ? 176 UNL A O2  1 
HETATM 1319 O  O3  . UNL B 2 .   ? -9.028  -6.539  9.926   1.00 56.60  ? 176 UNL A O3  1 
HETATM 1320 O  O4  . UNL B 2 .   ? -10.342 -8.023  9.083   1.00 55.30  ? 176 UNL A O4  1 
HETATM 1321 O  O5  . UNL B 2 .   ? -11.645 -8.101  4.851   1.00 57.64  ? 176 UNL A O5  1 
HETATM 1322 O  O6  . UNL B 2 .   ? -11.823 -9.264  2.746   0.50 37.72  ? 176 UNL A O6  1 
HETATM 1323 O  O7  . UNL B 2 .   ? -10.088 -7.622  2.242   1.00 54.55  ? 176 UNL A O7  1 
HETATM 1324 O  O8  . UNL B 2 .   ? -7.991  -6.557  3.238   1.00 48.12  ? 176 UNL A O8  1 
HETATM 1325 O  O9  . UNL B 2 .   ? -11.571 -8.436  7.114   1.00 59.37  ? 176 UNL A O9  1 
HETATM 1326 O  O1  . UNL C 2 .   ? -1.101  1.023   -7.133  1.00 39.34  ? 177 UNL A O1  1 
HETATM 1327 O  O2  . UNL C 2 .   ? -4.336  -1.842  -3.079  1.00 41.86  ? 177 UNL A O2  1 
HETATM 1328 O  O3  . UNL C 2 .   ? -10.788 0.480   -2.905  1.00 44.23  ? 177 UNL A O3  1 
HETATM 1329 O  O4  . UNL C 2 .   ? -8.631  -0.918  -2.570  1.00 44.98  ? 177 UNL A O4  1 
HETATM 1330 O  O5  . UNL C 2 .   ? -6.514  -0.736  -4.282  1.00 50.67  ? 177 UNL A O5  1 
HETATM 1331 O  O6  . UNL C 2 .   ? -6.837  -3.148  -5.227  1.00 54.63  ? 177 UNL A O6  1 
HETATM 1332 O  O7  . UNL C 2 .   ? -5.393  0.978   -5.713  1.00 57.15  ? 177 UNL A O7  1 
HETATM 1333 O  O8  . UNL C 2 .   ? -6.609  -2.024  -7.667  1.00 59.02  ? 177 UNL A O8  1 
HETATM 1334 O  O9  . UNL C 2 .   ? -5.163  -0.266  -7.856  1.00 62.38  ? 177 UNL A O9  1 
HETATM 1335 O  O10 . UNL C 2 .   ? -3.245  0.162   -7.152  1.00 54.77  ? 177 UNL A O10 1 
HETATM 1336 C  C1  . GOL D 3 .   ? 15.607  -9.472  -12.805 1.00 86.05  ? 178 GOL A C1  1 
HETATM 1337 O  O1  . GOL D 3 .   ? 14.713  -10.516 -12.443 1.00 86.84  ? 178 GOL A O1  1 
HETATM 1338 C  C2  . GOL D 3 .   ? 16.777  -9.972  -13.666 1.00 87.48  ? 178 GOL A C2  1 
HETATM 1339 O  O2  . GOL D 3 .   ? 17.634  -10.755 -12.854 1.00 83.72  ? 178 GOL A O2  1 
HETATM 1340 C  C3  . GOL D 3 .   ? 17.599  -8.802  -14.239 1.00 88.73  ? 178 GOL A C3  1 
HETATM 1341 O  O3  . GOL D 3 .   ? 17.520  -8.647  -15.647 1.00 84.43  ? 178 GOL A O3  1 
HETATM 1342 C  C1  . GOL E 3 .   ? -15.151 8.241   -1.136  1.00 57.60  ? 179 GOL A C1  1 
HETATM 1343 O  O1  . GOL E 3 .   ? -15.813 7.244   -1.906  1.00 48.01  ? 179 GOL A O1  1 
HETATM 1344 C  C2  . GOL E 3 .   ? -14.812 9.451   -1.980  1.00 61.48  ? 179 GOL A C2  1 
HETATM 1345 O  O2  . GOL E 3 .   ? -15.056 9.076   -3.289  1.00 69.61  ? 179 GOL A O2  1 
HETATM 1346 C  C3  . GOL E 3 .   ? -13.356 9.839   -1.992  1.00 58.39  ? 179 GOL A C3  1 
HETATM 1347 O  O3  . GOL E 3 .   ? -13.052 10.631  -0.878  1.00 56.52  ? 179 GOL A O3  1 
HETATM 1348 C  C1  . GOL F 3 .   ? 3.551   -0.491  6.288   1.00 88.13  ? 180 GOL A C1  1 
HETATM 1349 O  O1  . GOL F 3 .   ? 2.365   0.257   6.165   1.00 71.54  ? 180 GOL A O1  1 
HETATM 1350 C  C2  . GOL F 3 .   ? 3.232   -1.928  6.662   1.00 92.11  ? 180 GOL A C2  1 
HETATM 1351 O  O2  . GOL F 3 .   ? 4.403   -2.689  6.810   1.00 82.26  ? 180 GOL A O2  1 
HETATM 1352 C  C3  . GOL F 3 .   ? 2.395   -2.572  5.574   1.00 101.09 ? 180 GOL A C3  1 
HETATM 1353 O  O3  . GOL F 3 .   ? 1.477   -3.443  6.205   1.00 114.42 ? 180 GOL A O3  1 
HETATM 1354 O  O   . HOH G 4 .   ? 13.890  2.111   -15.796 1.00 40.38  ? 181 HOH A O   1 
HETATM 1355 O  O   . HOH G 4 .   ? 14.903  3.906   -12.872 1.00 40.92  ? 182 HOH A O   1 
HETATM 1356 O  O   . HOH G 4 .   ? -16.051 -5.515  7.512   1.00 45.81  ? 183 HOH A O   1 
HETATM 1357 O  O   . HOH G 4 .   ? 11.558  -3.144  0.089   1.00 47.88  ? 184 HOH A O   1 
HETATM 1358 O  O   . HOH G 4 .   ? 11.770  -0.512  -0.084  1.00 48.23  ? 185 HOH A O   1 
HETATM 1359 O  O   . HOH G 4 .   ? 15.308  -2.443  -11.302 1.00 48.57  ? 186 HOH A O   1 
HETATM 1360 O  O   . HOH G 4 .   ? -11.965 12.983  11.176  1.00 48.79  ? 187 HOH A O   1 
HETATM 1361 O  O   . HOH G 4 .   ? 11.495  5.981   -7.096  1.00 49.27  ? 188 HOH A O   1 
HETATM 1362 O  O   . HOH G 4 .   ? 2.303   8.724   -2.219  1.00 50.76  ? 189 HOH A O   1 
HETATM 1363 O  O   . HOH G 4 .   ? 3.419   6.743   2.602   1.00 50.84  ? 190 HOH A O   1 
HETATM 1364 O  O   . HOH G 4 .   ? -9.055  7.183   -1.137  1.00 51.35  ? 191 HOH A O   1 
HETATM 1365 O  O   . HOH G 4 .   ? 6.611   11.634  -6.623  1.00 51.41  ? 192 HOH A O   1 
HETATM 1366 O  O   . HOH G 4 .   ? -0.297  6.310   -12.892 1.00 51.46  ? 193 HOH A O   1 
HETATM 1367 O  O   . HOH G 4 .   ? -2.491  -6.876  1.819   1.00 51.67  ? 194 HOH A O   1 
HETATM 1368 O  O   . HOH G 4 .   ? -17.063 -1.366  3.468   1.00 51.87  ? 195 HOH A O   1 
HETATM 1369 O  O   . HOH G 4 .   ? -11.465 -4.627  5.450   1.00 52.18  ? 196 HOH A O   1 
HETATM 1370 O  O   . HOH G 4 .   ? 8.086   -2.745  -17.271 1.00 52.19  ? 197 HOH A O   1 
HETATM 1371 O  O   . HOH G 4 .   ? 13.173  3.266   -1.921  1.00 52.92  ? 198 HOH A O   1 
HETATM 1372 O  O   . HOH G 4 .   ? 4.376   10.129  -2.941  1.00 53.40  ? 199 HOH A O   1 
HETATM 1373 O  O   . HOH G 4 .   ? -13.744 13.280  4.694   1.00 55.57  ? 200 HOH A O   1 
HETATM 1374 O  O   . HOH G 4 .   ? -9.824  19.665  15.979  1.00 56.53  ? 201 HOH A O   1 
HETATM 1375 O  O   . HOH G 4 .   ? 9.827   5.762   -23.118 1.00 57.10  ? 202 HOH A O   1 
HETATM 1376 O  O   . HOH G 4 .   ? -19.968 10.408  10.943  1.00 57.16  ? 203 HOH A O   1 
HETATM 1377 O  O   . HOH G 4 .   ? 7.150   -0.756  -20.933 1.00 57.25  ? 204 HOH A O   1 
HETATM 1378 O  O   . HOH G 4 .   ? 4.046   -0.570  11.994  1.00 57.33  ? 205 HOH A O   1 
HETATM 1379 O  O   . HOH G 4 .   ? -19.760 2.150   16.619  1.00 57.90  ? 206 HOH A O   1 
HETATM 1380 O  O   . HOH G 4 .   ? 12.271  3.426   -5.933  1.00 58.24  ? 207 HOH A O   1 
HETATM 1381 O  O   . HOH G 4 .   ? 6.530   9.989   -10.019 1.00 58.65  ? 208 HOH A O   1 
HETATM 1382 O  O   . HOH G 4 .   ? -8.226  11.669  -2.570  1.00 59.10  ? 209 HOH A O   1 
HETATM 1383 O  O   . HOH G 4 .   ? 6.386   11.721  12.387  1.00 59.33  ? 210 HOH A O   1 
HETATM 1384 O  O   . HOH G 4 .   ? 8.190   6.296   -18.592 1.00 59.90  ? 211 HOH A O   1 
HETATM 1385 O  O   . HOH G 4 .   ? -4.948  0.177   -11.492 1.00 60.04  ? 212 HOH A O   1 
HETATM 1386 O  O   . HOH G 4 .   ? 14.088  4.027   -4.303  1.00 60.47  ? 213 HOH A O   1 
HETATM 1387 O  O   . HOH G 4 .   ? 5.812   -1.529  3.482   1.00 60.56  ? 214 HOH A O   1 
HETATM 1388 O  O   . HOH G 4 .   ? -10.545 10.252  -1.562  1.00 60.63  ? 215 HOH A O   1 
HETATM 1389 O  O   . HOH G 4 .   ? -0.751  8.374   -8.352  1.00 60.64  ? 216 HOH A O   1 
HETATM 1390 O  O   . HOH G 4 .   ? -5.716  1.428   -13.688 1.00 60.89  ? 217 HOH A O   1 
HETATM 1391 O  O   . HOH G 4 .   ? -2.161  3.716   19.359  1.00 61.80  ? 218 HOH A O   1 
HETATM 1392 O  O   . HOH G 4 .   ? 15.574  -9.755  -9.487  1.00 61.83  ? 219 HOH A O   1 
HETATM 1393 O  O   . HOH G 4 .   ? 0.284   3.185   -16.448 1.00 63.78  ? 220 HOH A O   1 
HETATM 1394 O  O   . HOH G 4 .   ? 20.994  -4.283  -9.503  1.00 65.07  ? 221 HOH A O   1 
HETATM 1395 O  O   . HOH G 4 .   ? 19.656  -5.860  -21.540 1.00 69.95  ? 222 HOH A O   1 
HETATM 1396 O  O   . HOH G 4 .   ? -0.691  -12.510 -17.680 1.00 71.84  ? 223 HOH A O   1 
HETATM 1397 O  O   . HOH G 4 .   ? 12.688  -5.681  -0.009  1.00 72.52  ? 224 HOH A O   1 
# 
